data_2IZX
# 
_entry.id   2IZX 
# 
_audit_conform.dict_name       mmcif_pdbx.dic 
_audit_conform.dict_version    5.391 
_audit_conform.dict_location   http://mmcif.pdb.org/dictionaries/ascii/mmcif_pdbx.dic 
# 
loop_
_database_2.database_id 
_database_2.database_code 
_database_2.pdbx_database_accession 
_database_2.pdbx_DOI 
PDB   2IZX         pdb_00002izx 10.2210/pdb2izx/pdb 
PDBE  EBI-29512    ?            ?                   
WWPDB D_1290029512 ?            ?                   
# 
loop_
_pdbx_audit_revision_history.ordinal 
_pdbx_audit_revision_history.data_content_type 
_pdbx_audit_revision_history.major_revision 
_pdbx_audit_revision_history.minor_revision 
_pdbx_audit_revision_history.revision_date 
1 'Structure model' 1 0 2006-11-08 
2 'Structure model' 1 1 2017-02-08 
3 'Structure model' 1 2 2024-05-01 
# 
_pdbx_audit_revision_details.ordinal             1 
_pdbx_audit_revision_details.revision_ordinal    1 
_pdbx_audit_revision_details.data_content_type   'Structure model' 
_pdbx_audit_revision_details.provider            repository 
_pdbx_audit_revision_details.type                'Initial release' 
_pdbx_audit_revision_details.description         ? 
_pdbx_audit_revision_details.details             ? 
# 
loop_
_pdbx_audit_revision_group.ordinal 
_pdbx_audit_revision_group.revision_ordinal 
_pdbx_audit_revision_group.data_content_type 
_pdbx_audit_revision_group.group 
1  2 'Structure model' 'Derived calculations'      
2  2 'Structure model' 'Non-polymer description'   
3  2 'Structure model' Other                       
4  2 'Structure model' 'Source and taxonomy'       
5  2 'Structure model' 'Structure summary'         
6  2 'Structure model' 'Version format compliance' 
7  3 'Structure model' 'Data collection'           
8  3 'Structure model' 'Database references'       
9  3 'Structure model' 'Derived calculations'      
10 3 'Structure model' Other                       
11 3 'Structure model' 'Refinement description'    
# 
loop_
_pdbx_audit_revision_category.ordinal 
_pdbx_audit_revision_category.revision_ordinal 
_pdbx_audit_revision_category.data_content_type 
_pdbx_audit_revision_category.category 
1 3 'Structure model' chem_comp_atom                
2 3 'Structure model' chem_comp_bond                
3 3 'Structure model' database_2                    
4 3 'Structure model' pdbx_database_status          
5 3 'Structure model' pdbx_initial_refinement_model 
6 3 'Structure model' struct_site                   
# 
loop_
_pdbx_audit_revision_item.ordinal 
_pdbx_audit_revision_item.revision_ordinal 
_pdbx_audit_revision_item.data_content_type 
_pdbx_audit_revision_item.item 
1 3 'Structure model' '_database_2.pdbx_DOI'                 
2 3 'Structure model' '_database_2.pdbx_database_accession'  
3 3 'Structure model' '_pdbx_database_status.status_code_sf' 
4 3 'Structure model' '_struct_site.pdbx_auth_asym_id'       
5 3 'Structure model' '_struct_site.pdbx_auth_comp_id'       
6 3 'Structure model' '_struct_site.pdbx_auth_seq_id'        
# 
_pdbx_database_status.status_code                     REL 
_pdbx_database_status.entry_id                        2IZX 
_pdbx_database_status.deposit_site                    PDBE 
_pdbx_database_status.process_site                    PDBE 
_pdbx_database_status.SG_entry                        . 
_pdbx_database_status.recvd_initial_deposition_date   2006-07-27 
_pdbx_database_status.pdb_format_compatible           Y 
_pdbx_database_status.status_code_sf                  REL 
_pdbx_database_status.status_code_mr                  ? 
_pdbx_database_status.status_code_cs                  ? 
_pdbx_database_status.methods_development_category    ? 
_pdbx_database_status.status_code_nmr_data            ? 
# 
loop_
_audit_author.name 
_audit_author.pdbx_ordinal 
'Gold, M.G.'      1 
'Lygren, B.'      2 
'Dokurno, P.'     3 
'Hoshi, N.'       4 
'McConnachie, G.' 5 
'Tasken, K.'      6 
'Carlson, C.R.'   7 
'Scott, J.D.'     8 
'Barford, D.'     9 
# 
_citation.id                        primary 
_citation.title                     'Molecular Basis of Akap Specificity for Pka Regulatory Subunits.' 
_citation.journal_abbrev            Mol.Cell 
_citation.journal_volume            24 
_citation.page_first                383 
_citation.page_last                 ? 
_citation.year                      2006 
_citation.journal_id_ASTM           MOCEFL 
_citation.country                   US 
_citation.journal_id_ISSN           1097-2765 
_citation.journal_id_CSD            2168 
_citation.book_publisher            ? 
_citation.pdbx_database_id_PubMed   17081989 
_citation.pdbx_database_id_DOI      10.1016/J.MOLCEL.2006.09.006 
# 
loop_
_citation_author.citation_id 
_citation_author.name 
_citation_author.ordinal 
_citation_author.identifier_ORCID 
primary 'Gold, M.G.'      1 ? 
primary 'Lygren, B.'      2 ? 
primary 'Dokurno, P.'     3 ? 
primary 'Hoshi, N.'       4 ? 
primary 'Mcconnachie, G.' 5 ? 
primary 'Tasken, K.'      6 ? 
primary 'Carlson, C.R.'   7 ? 
primary 'Scott, J.D.'     8 ? 
primary 'Barford, D.'     9 ? 
# 
loop_
_entity.id 
_entity.type 
_entity.src_method 
_entity.pdbx_description 
_entity.formula_weight 
_entity.pdbx_number_of_molecules 
_entity.pdbx_ec 
_entity.pdbx_mutation 
_entity.pdbx_fragment 
_entity.details 
1 polymer     man 'CAMP-DEPENDENT PROTEIN KINASE TYPE II-ALPHA REGULATORY SUBUNIT' 4790.473 2  2.7.11.11 ? 3-43 ? 
2 polymer     syn AKAP-IS                                                          2075.364 1  ?         ? ?    ? 
3 non-polymer syn 'DITHIANE DIOL'                                                  152.235  2  ?         ? ?    ? 
4 water       nat water                                                            18.015   99 ?         ? ?    ? 
# 
_entity_name_com.entity_id   1 
_entity_name_com.name        'CAMP-DEPENDENT PROTEIN KINASE REGULATORY SUBUNIT II' 
# 
loop_
_entity_poly.entity_id 
_entity_poly.type 
_entity_poly.nstd_linkage 
_entity_poly.nstd_monomer 
_entity_poly.pdbx_seq_one_letter_code 
_entity_poly.pdbx_seq_one_letter_code_can 
_entity_poly.pdbx_strand_id 
_entity_poly.pdbx_target_identifier 
1 'polypeptide(L)' no no IQIPPGLTELLQGYTVEVLRQQPPDLVEFAVEYFTRLREAR IQIPPGLTELLQGYTVEVLRQQPPDLVEFAVEYFTRLREAR A,B ? 
2 'polypeptide(L)' no no QIEYLAKQIVDNAIQQAK                        QIEYLAKQIVDNAIQQAK                        C   ? 
# 
loop_
_pdbx_entity_nonpoly.entity_id 
_pdbx_entity_nonpoly.name 
_pdbx_entity_nonpoly.comp_id 
3 'DITHIANE DIOL' DTD 
4 water           HOH 
# 
loop_
_entity_poly_seq.entity_id 
_entity_poly_seq.num 
_entity_poly_seq.mon_id 
_entity_poly_seq.hetero 
1 1  ILE n 
1 2  GLN n 
1 3  ILE n 
1 4  PRO n 
1 5  PRO n 
1 6  GLY n 
1 7  LEU n 
1 8  THR n 
1 9  GLU n 
1 10 LEU n 
1 11 LEU n 
1 12 GLN n 
1 13 GLY n 
1 14 TYR n 
1 15 THR n 
1 16 VAL n 
1 17 GLU n 
1 18 VAL n 
1 19 LEU n 
1 20 ARG n 
1 21 GLN n 
1 22 GLN n 
1 23 PRO n 
1 24 PRO n 
1 25 ASP n 
1 26 LEU n 
1 27 VAL n 
1 28 GLU n 
1 29 PHE n 
1 30 ALA n 
1 31 VAL n 
1 32 GLU n 
1 33 TYR n 
1 34 PHE n 
1 35 THR n 
1 36 ARG n 
1 37 LEU n 
1 38 ARG n 
1 39 GLU n 
1 40 ALA n 
1 41 ARG n 
2 1  GLN n 
2 2  ILE n 
2 3  GLU n 
2 4  TYR n 
2 5  LEU n 
2 6  ALA n 
2 7  LYS n 
2 8  GLN n 
2 9  ILE n 
2 10 VAL n 
2 11 ASP n 
2 12 ASN n 
2 13 ALA n 
2 14 ILE n 
2 15 GLN n 
2 16 GLN n 
2 17 ALA n 
2 18 LYS n 
# 
_entity_src_gen.entity_id                          1 
_entity_src_gen.pdbx_src_id                        1 
_entity_src_gen.pdbx_alt_source_flag               sample 
_entity_src_gen.pdbx_seq_type                      ? 
_entity_src_gen.pdbx_beg_seq_num                   ? 
_entity_src_gen.pdbx_end_seq_num                   ? 
_entity_src_gen.gene_src_common_name               HUMAN 
_entity_src_gen.gene_src_genus                     ? 
_entity_src_gen.pdbx_gene_src_gene                 ? 
_entity_src_gen.gene_src_species                   ? 
_entity_src_gen.gene_src_strain                    ? 
_entity_src_gen.gene_src_tissue                    ? 
_entity_src_gen.gene_src_tissue_fraction           ? 
_entity_src_gen.gene_src_details                   ? 
_entity_src_gen.pdbx_gene_src_fragment             ? 
_entity_src_gen.pdbx_gene_src_scientific_name      'HOMO SAPIENS' 
_entity_src_gen.pdbx_gene_src_ncbi_taxonomy_id     9606 
_entity_src_gen.pdbx_gene_src_variant              ? 
_entity_src_gen.pdbx_gene_src_cell_line            ? 
_entity_src_gen.pdbx_gene_src_atcc                 ? 
_entity_src_gen.pdbx_gene_src_organ                ? 
_entity_src_gen.pdbx_gene_src_organelle            ? 
_entity_src_gen.pdbx_gene_src_cell                 ? 
_entity_src_gen.pdbx_gene_src_cellular_location    ? 
_entity_src_gen.host_org_common_name               ? 
_entity_src_gen.pdbx_host_org_scientific_name      'ESCHERICHIA COLI' 
_entity_src_gen.pdbx_host_org_ncbi_taxonomy_id     511693 
_entity_src_gen.host_org_genus                     ? 
_entity_src_gen.pdbx_host_org_gene                 ? 
_entity_src_gen.pdbx_host_org_organ                ? 
_entity_src_gen.host_org_species                   ? 
_entity_src_gen.pdbx_host_org_tissue               ? 
_entity_src_gen.pdbx_host_org_tissue_fraction      ? 
_entity_src_gen.pdbx_host_org_strain               BL21 
_entity_src_gen.pdbx_host_org_variant              ? 
_entity_src_gen.pdbx_host_org_cell_line            ? 
_entity_src_gen.pdbx_host_org_atcc                 ? 
_entity_src_gen.pdbx_host_org_culture_collection   ? 
_entity_src_gen.pdbx_host_org_cell                 ? 
_entity_src_gen.pdbx_host_org_organelle            ? 
_entity_src_gen.pdbx_host_org_cellular_location    ? 
_entity_src_gen.pdbx_host_org_vector_type          ? 
_entity_src_gen.pdbx_host_org_vector               ? 
_entity_src_gen.host_org_details                   ? 
_entity_src_gen.expression_system_id               ? 
_entity_src_gen.plasmid_name                       PGEX6P1 
_entity_src_gen.plasmid_details                    ? 
_entity_src_gen.pdbx_description                   ? 
# 
_pdbx_entity_src_syn.entity_id              2 
_pdbx_entity_src_syn.pdbx_src_id            1 
_pdbx_entity_src_syn.pdbx_alt_source_flag   sample 
_pdbx_entity_src_syn.pdbx_beg_seq_num       ? 
_pdbx_entity_src_syn.pdbx_end_seq_num       ? 
_pdbx_entity_src_syn.organism_scientific    'SYNTHETIC CONSTRUCT' 
_pdbx_entity_src_syn.organism_common_name   ? 
_pdbx_entity_src_syn.ncbi_taxonomy_id       32630 
_pdbx_entity_src_syn.details                ? 
# 
loop_
_chem_comp.id 
_chem_comp.type 
_chem_comp.mon_nstd_flag 
_chem_comp.name 
_chem_comp.pdbx_synonyms 
_chem_comp.formula 
_chem_comp.formula_weight 
ALA 'L-peptide linking' y ALANINE         ? 'C3 H7 N O2'     89.093  
ARG 'L-peptide linking' y ARGININE        ? 'C6 H15 N4 O2 1' 175.209 
ASN 'L-peptide linking' y ASPARAGINE      ? 'C4 H8 N2 O3'    132.118 
ASP 'L-peptide linking' y 'ASPARTIC ACID' ? 'C4 H7 N O4'     133.103 
DTD non-polymer         . 'DITHIANE DIOL' ? 'C4 H8 O2 S2'    152.235 
GLN 'L-peptide linking' y GLUTAMINE       ? 'C5 H10 N2 O3'   146.144 
GLU 'L-peptide linking' y 'GLUTAMIC ACID' ? 'C5 H9 N O4'     147.129 
GLY 'peptide linking'   y GLYCINE         ? 'C2 H5 N O2'     75.067  
HOH non-polymer         . WATER           ? 'H2 O'           18.015  
ILE 'L-peptide linking' y ISOLEUCINE      ? 'C6 H13 N O2'    131.173 
LEU 'L-peptide linking' y LEUCINE         ? 'C6 H13 N O2'    131.173 
LYS 'L-peptide linking' y LYSINE          ? 'C6 H15 N2 O2 1' 147.195 
PHE 'L-peptide linking' y PHENYLALANINE   ? 'C9 H11 N O2'    165.189 
PRO 'L-peptide linking' y PROLINE         ? 'C5 H9 N O2'     115.130 
THR 'L-peptide linking' y THREONINE       ? 'C4 H9 N O3'     119.119 
TYR 'L-peptide linking' y TYROSINE        ? 'C9 H11 N O3'    181.189 
VAL 'L-peptide linking' y VALINE          ? 'C5 H11 N O2'    117.146 
# 
loop_
_pdbx_poly_seq_scheme.asym_id 
_pdbx_poly_seq_scheme.entity_id 
_pdbx_poly_seq_scheme.seq_id 
_pdbx_poly_seq_scheme.mon_id 
_pdbx_poly_seq_scheme.ndb_seq_num 
_pdbx_poly_seq_scheme.pdb_seq_num 
_pdbx_poly_seq_scheme.auth_seq_num 
_pdbx_poly_seq_scheme.pdb_mon_id 
_pdbx_poly_seq_scheme.auth_mon_id 
_pdbx_poly_seq_scheme.pdb_strand_id 
_pdbx_poly_seq_scheme.pdb_ins_code 
_pdbx_poly_seq_scheme.hetero 
A 1 1  ILE 1  3  ?  ?   ?   A . n 
A 1 2  GLN 2  4  ?  ?   ?   A . n 
A 1 3  ILE 3  5  5  ILE ILE A . n 
A 1 4  PRO 4  6  6  PRO PRO A . n 
A 1 5  PRO 5  7  7  PRO PRO A . n 
A 1 6  GLY 6  8  8  GLY GLY A . n 
A 1 7  LEU 7  9  9  LEU LEU A . n 
A 1 8  THR 8  10 10 THR THR A . n 
A 1 9  GLU 9  11 11 GLU GLU A . n 
A 1 10 LEU 10 12 12 LEU LEU A . n 
A 1 11 LEU 11 13 13 LEU LEU A . n 
A 1 12 GLN 12 14 14 GLN GLN A . n 
A 1 13 GLY 13 15 15 GLY GLY A . n 
A 1 14 TYR 14 16 16 TYR TYR A . n 
A 1 15 THR 15 17 17 THR THR A . n 
A 1 16 VAL 16 18 18 VAL VAL A . n 
A 1 17 GLU 17 19 19 GLU GLU A . n 
A 1 18 VAL 18 20 20 VAL VAL A . n 
A 1 19 LEU 19 21 21 LEU LEU A . n 
A 1 20 ARG 20 22 22 ARG ARG A . n 
A 1 21 GLN 21 23 23 GLN GLN A . n 
A 1 22 GLN 22 24 24 GLN GLN A . n 
A 1 23 PRO 23 25 25 PRO PRO A . n 
A 1 24 PRO 24 26 26 PRO PRO A . n 
A 1 25 ASP 25 27 27 ASP ASP A . n 
A 1 26 LEU 26 28 28 LEU LEU A . n 
A 1 27 VAL 27 29 29 VAL VAL A . n 
A 1 28 GLU 28 30 30 GLU GLU A . n 
A 1 29 PHE 29 31 31 PHE PHE A . n 
A 1 30 ALA 30 32 32 ALA ALA A . n 
A 1 31 VAL 31 33 33 VAL VAL A . n 
A 1 32 GLU 32 34 34 GLU GLU A . n 
A 1 33 TYR 33 35 35 TYR TYR A . n 
A 1 34 PHE 34 36 36 PHE PHE A . n 
A 1 35 THR 35 37 37 THR THR A . n 
A 1 36 ARG 36 38 38 ARG ARG A . n 
A 1 37 LEU 37 39 39 LEU LEU A . n 
A 1 38 ARG 38 40 40 ARG ARG A . n 
A 1 39 GLU 39 41 41 GLU GLU A . n 
A 1 40 ALA 40 42 42 ALA ALA A . n 
A 1 41 ARG 41 43 43 ARG ARG A . n 
B 1 1  ILE 1  3  3  ILE ILE B . n 
B 1 2  GLN 2  4  4  GLN GLN B . n 
B 1 3  ILE 3  5  5  ILE ILE B . n 
B 1 4  PRO 4  6  6  PRO PRO B . n 
B 1 5  PRO 5  7  7  PRO PRO B . n 
B 1 6  GLY 6  8  8  GLY GLY B . n 
B 1 7  LEU 7  9  9  LEU LEU B . n 
B 1 8  THR 8  10 10 THR THR B . n 
B 1 9  GLU 9  11 11 GLU GLU B . n 
B 1 10 LEU 10 12 12 LEU LEU B . n 
B 1 11 LEU 11 13 13 LEU LEU B . n 
B 1 12 GLN 12 14 14 GLN GLN B . n 
B 1 13 GLY 13 15 15 GLY GLY B . n 
B 1 14 TYR 14 16 16 TYR TYR B . n 
B 1 15 THR 15 17 17 THR THR B . n 
B 1 16 VAL 16 18 18 VAL VAL B . n 
B 1 17 GLU 17 19 19 GLU GLU B . n 
B 1 18 VAL 18 20 20 VAL VAL B . n 
B 1 19 LEU 19 21 21 LEU LEU B . n 
B 1 20 ARG 20 22 22 ARG ARG B . n 
B 1 21 GLN 21 23 23 GLN GLN B . n 
B 1 22 GLN 22 24 24 GLN GLN B . n 
B 1 23 PRO 23 25 25 PRO PRO B . n 
B 1 24 PRO 24 26 26 PRO PRO B . n 
B 1 25 ASP 25 27 27 ASP ASP B . n 
B 1 26 LEU 26 28 28 LEU LEU B . n 
B 1 27 VAL 27 29 29 VAL VAL B . n 
B 1 28 GLU 28 30 30 GLU GLU B . n 
B 1 29 PHE 29 31 31 PHE PHE B . n 
B 1 30 ALA 30 32 32 ALA ALA B . n 
B 1 31 VAL 31 33 33 VAL VAL B . n 
B 1 32 GLU 32 34 34 GLU GLU B . n 
B 1 33 TYR 33 35 35 TYR TYR B . n 
B 1 34 PHE 34 36 36 PHE PHE B . n 
B 1 35 THR 35 37 37 THR THR B . n 
B 1 36 ARG 36 38 38 ARG ARG B . n 
B 1 37 LEU 37 39 39 LEU LEU B . n 
B 1 38 ARG 38 40 40 ARG ARG B . n 
B 1 39 GLU 39 41 41 GLU GLU B . n 
B 1 40 ALA 40 42 42 ALA ALA B . n 
B 1 41 ARG 41 43 43 ARG ARG B . n 
C 2 1  GLN 1  4  4  GLN GLN C . n 
C 2 2  ILE 2  5  5  ILE ILE C . n 
C 2 3  GLU 3  6  6  GLU GLU C . n 
C 2 4  TYR 4  7  7  TYR TYR C . n 
C 2 5  LEU 5  8  8  LEU LEU C . n 
C 2 6  ALA 6  9  9  ALA ALA C . n 
C 2 7  LYS 7  10 10 LYS LYS C . n 
C 2 8  GLN 8  11 11 GLN GLN C . n 
C 2 9  ILE 9  12 12 ILE ILE C . n 
C 2 10 VAL 10 13 13 VAL VAL C . n 
C 2 11 ASP 11 14 14 ASP ASP C . n 
C 2 12 ASN 12 15 15 ASN ASN C . n 
C 2 13 ALA 13 16 16 ALA ALA C . n 
C 2 14 ILE 14 17 17 ILE ILE C . n 
C 2 15 GLN 15 18 18 GLN GLN C . n 
C 2 16 GLN 16 19 19 GLN GLN C . n 
C 2 17 ALA 17 20 20 ALA ALA C . n 
C 2 18 LYS 18 21 21 LYS LYS C . n 
# 
loop_
_pdbx_nonpoly_scheme.asym_id 
_pdbx_nonpoly_scheme.entity_id 
_pdbx_nonpoly_scheme.mon_id 
_pdbx_nonpoly_scheme.ndb_seq_num 
_pdbx_nonpoly_scheme.pdb_seq_num 
_pdbx_nonpoly_scheme.auth_seq_num 
_pdbx_nonpoly_scheme.pdb_mon_id 
_pdbx_nonpoly_scheme.auth_mon_id 
_pdbx_nonpoly_scheme.pdb_strand_id 
_pdbx_nonpoly_scheme.pdb_ins_code 
D 3 DTD 1  1044 1044 DTD DTD A . 
E 3 DTD 1  1045 1045 DTD DTD A . 
F 4 HOH 1  2001 2001 HOH HOH A . 
F 4 HOH 2  2002 2002 HOH HOH A . 
F 4 HOH 3  2003 2003 HOH HOH A . 
F 4 HOH 4  2004 2004 HOH HOH A . 
F 4 HOH 5  2005 2005 HOH HOH A . 
F 4 HOH 6  2006 2006 HOH HOH A . 
F 4 HOH 7  2007 2007 HOH HOH A . 
F 4 HOH 8  2008 2008 HOH HOH A . 
F 4 HOH 9  2009 2009 HOH HOH A . 
F 4 HOH 10 2010 2010 HOH HOH A . 
F 4 HOH 11 2011 2011 HOH HOH A . 
F 4 HOH 12 2012 2012 HOH HOH A . 
F 4 HOH 13 2013 2013 HOH HOH A . 
F 4 HOH 14 2014 2014 HOH HOH A . 
F 4 HOH 15 2015 2015 HOH HOH A . 
F 4 HOH 16 2016 2016 HOH HOH A . 
F 4 HOH 17 2017 2017 HOH HOH A . 
F 4 HOH 18 2018 2018 HOH HOH A . 
F 4 HOH 19 2019 2019 HOH HOH A . 
F 4 HOH 20 2020 2020 HOH HOH A . 
F 4 HOH 21 2021 2021 HOH HOH A . 
F 4 HOH 22 2022 2022 HOH HOH A . 
F 4 HOH 23 2023 2023 HOH HOH A . 
F 4 HOH 24 2024 2024 HOH HOH A . 
F 4 HOH 25 2025 2025 HOH HOH A . 
F 4 HOH 26 2026 2026 HOH HOH A . 
F 4 HOH 27 2027 2027 HOH HOH A . 
F 4 HOH 28 2028 2028 HOH HOH A . 
F 4 HOH 29 2029 2029 HOH HOH A . 
F 4 HOH 30 2030 2030 HOH HOH A . 
F 4 HOH 31 2031 2031 HOH HOH A . 
F 4 HOH 32 2032 2032 HOH HOH A . 
F 4 HOH 33 2033 2033 HOH HOH A . 
F 4 HOH 34 2034 2034 HOH HOH A . 
F 4 HOH 35 2035 2035 HOH HOH A . 
F 4 HOH 36 2036 2036 HOH HOH A . 
F 4 HOH 37 2037 2037 HOH HOH A . 
F 4 HOH 38 2038 2038 HOH HOH A . 
F 4 HOH 39 2039 2039 HOH HOH A . 
G 4 HOH 1  2001 2001 HOH HOH B . 
G 4 HOH 2  2002 2002 HOH HOH B . 
G 4 HOH 3  2003 2003 HOH HOH B . 
G 4 HOH 4  2004 2004 HOH HOH B . 
G 4 HOH 5  2005 2005 HOH HOH B . 
G 4 HOH 6  2006 2006 HOH HOH B . 
G 4 HOH 7  2007 2007 HOH HOH B . 
G 4 HOH 8  2008 2008 HOH HOH B . 
G 4 HOH 9  2009 2009 HOH HOH B . 
G 4 HOH 10 2010 2010 HOH HOH B . 
G 4 HOH 11 2011 2011 HOH HOH B . 
G 4 HOH 12 2012 2012 HOH HOH B . 
G 4 HOH 13 2013 2013 HOH HOH B . 
G 4 HOH 14 2014 2014 HOH HOH B . 
G 4 HOH 15 2015 2015 HOH HOH B . 
G 4 HOH 16 2016 2016 HOH HOH B . 
G 4 HOH 17 2017 2017 HOH HOH B . 
G 4 HOH 18 2018 2018 HOH HOH B . 
G 4 HOH 19 2019 2019 HOH HOH B . 
G 4 HOH 20 2020 2020 HOH HOH B . 
G 4 HOH 21 2021 2021 HOH HOH B . 
G 4 HOH 22 2022 2022 HOH HOH B . 
G 4 HOH 23 2023 2023 HOH HOH B . 
G 4 HOH 24 2024 2024 HOH HOH B . 
G 4 HOH 25 2025 2025 HOH HOH B . 
G 4 HOH 26 2026 2026 HOH HOH B . 
G 4 HOH 27 2027 2027 HOH HOH B . 
G 4 HOH 28 2028 2028 HOH HOH B . 
G 4 HOH 29 2029 2029 HOH HOH B . 
G 4 HOH 30 2030 2030 HOH HOH B . 
G 4 HOH 31 2031 2031 HOH HOH B . 
G 4 HOH 32 2032 2032 HOH HOH B . 
G 4 HOH 33 2033 2033 HOH HOH B . 
G 4 HOH 34 2034 2034 HOH HOH B . 
G 4 HOH 35 2035 2035 HOH HOH B . 
G 4 HOH 36 2036 2036 HOH HOH B . 
G 4 HOH 37 2037 2037 HOH HOH B . 
G 4 HOH 38 2038 2038 HOH HOH B . 
G 4 HOH 39 2039 2039 HOH HOH B . 
G 4 HOH 40 2040 2040 HOH HOH B . 
G 4 HOH 41 2041 2041 HOH HOH B . 
G 4 HOH 42 2042 2042 HOH HOH B . 
G 4 HOH 43 2043 2043 HOH HOH B . 
G 4 HOH 44 2044 2044 HOH HOH B . 
G 4 HOH 45 2045 2045 HOH HOH B . 
G 4 HOH 46 2046 2046 HOH HOH B . 
H 4 HOH 1  2001 2001 HOH HOH C . 
H 4 HOH 2  2002 2002 HOH HOH C . 
H 4 HOH 3  2003 2003 HOH HOH C . 
H 4 HOH 4  2004 2004 HOH HOH C . 
H 4 HOH 5  2005 2005 HOH HOH C . 
H 4 HOH 6  2006 2006 HOH HOH C . 
H 4 HOH 7  2007 2007 HOH HOH C . 
H 4 HOH 8  2008 2008 HOH HOH C . 
H 4 HOH 9  2009 2009 HOH HOH C . 
H 4 HOH 10 2010 2010 HOH HOH C . 
H 4 HOH 11 2011 2011 HOH HOH C . 
H 4 HOH 12 2012 2012 HOH HOH C . 
H 4 HOH 13 2013 2013 HOH HOH C . 
H 4 HOH 14 2014 2014 HOH HOH C . 
# 
loop_
_pdbx_unobs_or_zero_occ_atoms.id 
_pdbx_unobs_or_zero_occ_atoms.PDB_model_num 
_pdbx_unobs_or_zero_occ_atoms.polymer_flag 
_pdbx_unobs_or_zero_occ_atoms.occupancy_flag 
_pdbx_unobs_or_zero_occ_atoms.auth_asym_id 
_pdbx_unobs_or_zero_occ_atoms.auth_comp_id 
_pdbx_unobs_or_zero_occ_atoms.auth_seq_id 
_pdbx_unobs_or_zero_occ_atoms.PDB_ins_code 
_pdbx_unobs_or_zero_occ_atoms.auth_atom_id 
_pdbx_unobs_or_zero_occ_atoms.label_alt_id 
_pdbx_unobs_or_zero_occ_atoms.label_asym_id 
_pdbx_unobs_or_zero_occ_atoms.label_comp_id 
_pdbx_unobs_or_zero_occ_atoms.label_seq_id 
_pdbx_unobs_or_zero_occ_atoms.label_atom_id 
1 1 Y 1 C GLN 4 ? CG  ? C GLN 1 CG  
2 1 Y 1 C GLN 4 ? CD  ? C GLN 1 CD  
3 1 Y 1 C GLN 4 ? OE1 ? C GLN 1 OE1 
4 1 Y 1 C GLN 4 ? NE2 ? C GLN 1 NE2 
# 
loop_
_software.name 
_software.classification 
_software.version 
_software.citation_id 
_software.pdbx_ordinal 
REFMAC refinement       5.2.0019 ? 1 
MOSFLM 'data reduction' .        ? 2 
SCALA  'data scaling'   .        ? 3 
PHASER phasing          .        ? 4 
# 
_cell.entry_id           2IZX 
_cell.length_a           41.352 
_cell.length_b           45.251 
_cell.length_c           56.837 
_cell.angle_alpha        90.00 
_cell.angle_beta         90.00 
_cell.angle_gamma        90.00 
_cell.Z_PDB              8 
_cell.pdbx_unique_axis   ? 
# 
_symmetry.entry_id                         2IZX 
_symmetry.space_group_name_H-M             'P 21 21 21' 
_symmetry.pdbx_full_space_group_name_H-M   ? 
_symmetry.cell_setting                     ? 
_symmetry.Int_Tables_number                19 
# 
_exptl.entry_id          2IZX 
_exptl.method            'X-RAY DIFFRACTION' 
_exptl.crystals_number   1 
# 
_exptl_crystal.id                    1 
_exptl_crystal.density_meas          ? 
_exptl_crystal.density_Matthews      2.36 
_exptl_crystal.density_percent_sol   47.9 
_exptl_crystal.description           ? 
# 
_exptl_crystal_grow.crystal_id      1 
_exptl_crystal_grow.method          ? 
_exptl_crystal_grow.temp            ? 
_exptl_crystal_grow.temp_details    ? 
_exptl_crystal_grow.pH              7.50 
_exptl_crystal_grow.pdbx_pH_range   ? 
_exptl_crystal_grow.pdbx_details    '1 M TRI-SODIUM CITRATE, 0.1 M TRIS-HCL PH 7.5' 
# 
_diffrn.id                     1 
_diffrn.ambient_temp           100.0 
_diffrn.ambient_temp_details   ? 
_diffrn.crystal_id             1 
# 
_diffrn_detector.diffrn_id              1 
_diffrn_detector.detector               CCD 
_diffrn_detector.type                   'ADSC CCD' 
_diffrn_detector.pdbx_collection_date   2005-07-05 
_diffrn_detector.details                'CYLINDRICAL GRAZING INCIDENCE MIRROR' 
# 
_diffrn_radiation.diffrn_id                        1 
_diffrn_radiation.wavelength_id                    1 
_diffrn_radiation.pdbx_monochromatic_or_laue_m_l   M 
_diffrn_radiation.monochromator                    'SILICON FILTER' 
_diffrn_radiation.pdbx_diffrn_protocol             'SINGLE WAVELENGTH' 
_diffrn_radiation.pdbx_scattering_type             x-ray 
# 
_diffrn_radiation_wavelength.id           1 
_diffrn_radiation_wavelength.wavelength   0.970 
_diffrn_radiation_wavelength.wt           1.0 
# 
_diffrn_source.diffrn_id                   1 
_diffrn_source.source                      SYNCHROTRON 
_diffrn_source.type                        'ESRF BEAMLINE ID29' 
_diffrn_source.pdbx_synchrotron_site       ESRF 
_diffrn_source.pdbx_synchrotron_beamline   ID29 
_diffrn_source.pdbx_wavelength             0.970 
_diffrn_source.pdbx_wavelength_list        ? 
# 
_reflns.pdbx_diffrn_id               1 
_reflns.pdbx_ordinal                 1 
_reflns.entry_id                     2IZX 
_reflns.observed_criterion_sigma_I   2.500 
_reflns.observed_criterion_sigma_F   ? 
_reflns.d_resolution_low             35.400 
_reflns.d_resolution_high            1.300 
_reflns.number_obs                   26863 
_reflns.number_all                   ? 
_reflns.percent_possible_obs         99.7 
_reflns.pdbx_Rmerge_I_obs            0.06000 
_reflns.pdbx_Rsym_value              ? 
_reflns.pdbx_netI_over_sigmaI        16.0000 
_reflns.B_iso_Wilson_estimate        ? 
_reflns.pdbx_redundancy              4.350 
# 
_reflns_shell.pdbx_diffrn_id         1 
_reflns_shell.pdbx_ordinal           1 
_reflns_shell.d_res_high             1.30 
_reflns_shell.d_res_low              1.37 
_reflns_shell.percent_possible_all   99.8 
_reflns_shell.Rmerge_I_obs           0.34000 
_reflns_shell.pdbx_Rsym_value        ? 
_reflns_shell.meanI_over_sigI_obs    2.500 
_reflns_shell.pdbx_redundancy        2.90 
# 
_refine.pdbx_refine_id                           'X-RAY DIFFRACTION' 
_refine.entry_id                                 2IZX 
_refine.pdbx_diffrn_id                           1 
_refine.pdbx_TLS_residual_ADP_flag               ? 
_refine.ls_number_reflns_obs                     25468 
_refine.ls_number_reflns_all                     ? 
_refine.pdbx_ls_sigma_I                          ? 
_refine.pdbx_ls_sigma_F                          ? 
_refine.pdbx_data_cutoff_high_absF               ? 
_refine.pdbx_data_cutoff_low_absF                ? 
_refine.pdbx_data_cutoff_high_rms_absF           ? 
_refine.ls_d_res_low                             28.42 
_refine.ls_d_res_high                            1.30 
_refine.ls_percent_reflns_obs                    99.7 
_refine.ls_R_factor_obs                          0.166 
_refine.ls_R_factor_all                          ? 
_refine.ls_R_factor_R_work                       0.164 
_refine.ls_R_factor_R_free                       0.194 
_refine.ls_R_factor_R_free_error                 ? 
_refine.ls_R_factor_R_free_error_details         ? 
_refine.ls_percent_reflns_R_free                 5.000 
_refine.ls_number_reflns_R_free                  1348 
_refine.ls_number_parameters                     ? 
_refine.ls_number_restraints                     ? 
_refine.occupancy_min                            ? 
_refine.occupancy_max                            ? 
_refine.correlation_coeff_Fo_to_Fc               0.966 
_refine.correlation_coeff_Fo_to_Fc_free          0.956 
_refine.B_iso_mean                               15.24 
_refine.aniso_B[1][1]                            -0.11000 
_refine.aniso_B[2][2]                            0.11000 
_refine.aniso_B[3][3]                            -0.01000 
_refine.aniso_B[1][2]                            0.00000 
_refine.aniso_B[1][3]                            0.00000 
_refine.aniso_B[2][3]                            0.00000 
_refine.solvent_model_details                    MASK 
_refine.solvent_model_param_ksol                 ? 
_refine.solvent_model_param_bsol                 ? 
_refine.pdbx_solvent_vdw_probe_radii             1.40 
_refine.pdbx_solvent_ion_probe_radii             0.80 
_refine.pdbx_solvent_shrinkage_radii             0.80 
_refine.pdbx_ls_cross_valid_method               THROUGHOUT 
_refine.details                                  
'HYDROGENS HAVE BEEN ADDED IN THE RIDING POSITIONS.Q4 IN AKAP-IS IS MODELLED AS ALANINE' 
_refine.pdbx_starting_model                      'RII APO CRYSTAL STRUCTURE' 
_refine.pdbx_method_to_determine_struct          'MOLECULAR REPLACEMENT' 
_refine.pdbx_isotropic_thermal_model             ? 
_refine.pdbx_stereochemistry_target_values       'MAXIMUM LIKELIHOOD' 
_refine.pdbx_stereochem_target_val_spec_case     ? 
_refine.pdbx_R_Free_selection_details            RANDOM 
_refine.pdbx_overall_ESU_R                       0.050 
_refine.pdbx_overall_ESU_R_Free                  0.049 
_refine.overall_SU_ML                            0.028 
_refine.pdbx_overall_phase_error                 ? 
_refine.overall_SU_B                             1.469 
_refine.overall_SU_R_Cruickshank_DPI             ? 
_refine.pdbx_overall_SU_R_free_Cruickshank_DPI   ? 
_refine.pdbx_overall_SU_R_Blow_DPI               ? 
_refine.pdbx_overall_SU_R_free_Blow_DPI          ? 
# 
_refine_hist.pdbx_refine_id                   'X-RAY DIFFRACTION' 
_refine_hist.cycle_id                         LAST 
_refine_hist.pdbx_number_atoms_protein        800 
_refine_hist.pdbx_number_atoms_nucleic_acid   0 
_refine_hist.pdbx_number_atoms_ligand         16 
_refine_hist.number_atoms_solvent             99 
_refine_hist.number_atoms_total               915 
_refine_hist.d_res_high                       1.30 
_refine_hist.d_res_low                        28.42 
# 
loop_
_refine_ls_restr.type 
_refine_ls_restr.dev_ideal 
_refine_ls_restr.dev_ideal_target 
_refine_ls_restr.weight 
_refine_ls_restr.number 
_refine_ls_restr.pdbx_refine_id 
_refine_ls_restr.pdbx_restraint_function 
r_bond_refined_d             0.018  0.022  ? 828  'X-RAY DIFFRACTION' ? 
r_bond_other_d               ?      ?      ? ?    'X-RAY DIFFRACTION' ? 
r_angle_refined_deg          1.805  2.013  ? 1122 'X-RAY DIFFRACTION' ? 
r_angle_other_deg            ?      ?      ? ?    'X-RAY DIFFRACTION' ? 
r_dihedral_angle_1_deg       3.787  5.000  ? 95   'X-RAY DIFFRACTION' ? 
r_dihedral_angle_2_deg       32.064 24.048 ? 42   'X-RAY DIFFRACTION' ? 
r_dihedral_angle_3_deg       11.012 15.000 ? 140  'X-RAY DIFFRACTION' ? 
r_dihedral_angle_4_deg       9.621  15.000 ? 8    'X-RAY DIFFRACTION' ? 
r_chiral_restr               0.144  0.200  ? 132  'X-RAY DIFFRACTION' ? 
r_gen_planes_refined         0.010  0.020  ? 620  'X-RAY DIFFRACTION' ? 
r_gen_planes_other           ?      ?      ? ?    'X-RAY DIFFRACTION' ? 
r_nbd_refined                0.278  0.200  ? 464  'X-RAY DIFFRACTION' ? 
r_nbd_other                  ?      ?      ? ?    'X-RAY DIFFRACTION' ? 
r_nbtor_refined              0.324  0.200  ? 593  'X-RAY DIFFRACTION' ? 
r_nbtor_other                ?      ?      ? ?    'X-RAY DIFFRACTION' ? 
r_xyhbond_nbd_refined        0.209  0.200  ? 68   'X-RAY DIFFRACTION' ? 
r_xyhbond_nbd_other          ?      ?      ? ?    'X-RAY DIFFRACTION' ? 
r_metal_ion_refined          ?      ?      ? ?    'X-RAY DIFFRACTION' ? 
r_metal_ion_other            ?      ?      ? ?    'X-RAY DIFFRACTION' ? 
r_symmetry_vdw_refined       0.166  0.200  ? 24   'X-RAY DIFFRACTION' ? 
r_symmetry_vdw_other         ?      ?      ? ?    'X-RAY DIFFRACTION' ? 
r_symmetry_hbond_refined     0.107  0.200  ? 15   'X-RAY DIFFRACTION' ? 
r_symmetry_hbond_other       ?      ?      ? ?    'X-RAY DIFFRACTION' ? 
r_symmetry_metal_ion_refined ?      ?      ? ?    'X-RAY DIFFRACTION' ? 
r_symmetry_metal_ion_other   ?      ?      ? ?    'X-RAY DIFFRACTION' ? 
r_mcbond_it                  2.167  1.500  ? 509  'X-RAY DIFFRACTION' ? 
r_mcbond_other               ?      ?      ? ?    'X-RAY DIFFRACTION' ? 
r_mcangle_it                 2.706  2.000  ? 800  'X-RAY DIFFRACTION' ? 
r_mcangle_other              ?      ?      ? ?    'X-RAY DIFFRACTION' ? 
r_scbond_it                  3.927  3.000  ? 356  'X-RAY DIFFRACTION' ? 
r_scbond_other               ?      ?      ? ?    'X-RAY DIFFRACTION' ? 
r_scangle_it                 5.582  4.500  ? 322  'X-RAY DIFFRACTION' ? 
r_scangle_other              ?      ?      ? ?    'X-RAY DIFFRACTION' ? 
r_long_range_B_refined       ?      ?      ? ?    'X-RAY DIFFRACTION' ? 
r_long_range_B_other         ?      ?      ? ?    'X-RAY DIFFRACTION' ? 
r_rigid_bond_restr           ?      ?      ? ?    'X-RAY DIFFRACTION' ? 
r_sphericity_free            ?      ?      ? ?    'X-RAY DIFFRACTION' ? 
r_sphericity_bonded          ?      ?      ? ?    'X-RAY DIFFRACTION' ? 
# 
_refine_ls_shell.pdbx_refine_id                   'X-RAY DIFFRACTION' 
_refine_ls_shell.pdbx_total_number_of_bins_used   20 
_refine_ls_shell.d_res_high                       1.30 
_refine_ls_shell.d_res_low                        1.33 
_refine_ls_shell.number_reflns_R_work             1845 
_refine_ls_shell.R_factor_R_work                  0.3160 
_refine_ls_shell.percent_reflns_obs               ? 
_refine_ls_shell.R_factor_R_free                  0.3530 
_refine_ls_shell.R_factor_R_free_error            ? 
_refine_ls_shell.percent_reflns_R_free            ? 
_refine_ls_shell.number_reflns_R_free             105 
_refine_ls_shell.number_reflns_all                ? 
_refine_ls_shell.R_factor_all                     ? 
# 
_struct.entry_id                  2IZX 
_struct.title                     'Molecular Basis of AKAP Specificity for PKA Regulatory Subunits' 
_struct.pdbx_model_details        ? 
_struct.pdbx_CASP_flag            ? 
_struct.pdbx_model_type_details   ? 
# 
_struct_keywords.entry_id        2IZX 
_struct_keywords.pdbx_keywords   TRANSFERASE 
_struct_keywords.text            
'CAMP-BINDING, PHOSPHORYLATION, NUCLEOTIDE-BINDING, PKA, CAMP, AKAP, ANCHOR, KINASE, ACETYLATION, TRANSFERASE' 
# 
loop_
_struct_asym.id 
_struct_asym.pdbx_blank_PDB_chainid_flag 
_struct_asym.pdbx_modified 
_struct_asym.entity_id 
_struct_asym.details 
A N N 1 ? 
B N N 1 ? 
C N N 2 ? 
D N N 3 ? 
E N N 3 ? 
F N N 4 ? 
G N N 4 ? 
H N N 4 ? 
# 
loop_
_struct_ref.id 
_struct_ref.db_name 
_struct_ref.db_code 
_struct_ref.entity_id 
_struct_ref.pdbx_seq_one_letter_code 
_struct_ref.pdbx_align_begin 
_struct_ref.pdbx_db_accession 
_struct_ref.pdbx_db_isoform 
1 UNP KAP2_HUMAN 1 ? ? P13861 ? 
2 PDB 2IZX       2 ? ? 2IZX   ? 
# 
loop_
_struct_ref_seq.align_id 
_struct_ref_seq.ref_id 
_struct_ref_seq.pdbx_PDB_id_code 
_struct_ref_seq.pdbx_strand_id 
_struct_ref_seq.seq_align_beg 
_struct_ref_seq.pdbx_seq_align_beg_ins_code 
_struct_ref_seq.seq_align_end 
_struct_ref_seq.pdbx_seq_align_end_ins_code 
_struct_ref_seq.pdbx_db_accession 
_struct_ref_seq.db_align_beg 
_struct_ref_seq.pdbx_db_align_beg_ins_code 
_struct_ref_seq.db_align_end 
_struct_ref_seq.pdbx_db_align_end_ins_code 
_struct_ref_seq.pdbx_auth_seq_align_beg 
_struct_ref_seq.pdbx_auth_seq_align_end 
1 1 2IZX A 1 ? 41 ? P13861 3 ? 43 ? 3 43 
2 1 2IZX B 1 ? 41 ? P13861 3 ? 43 ? 3 43 
3 2 2IZX C 1 ? 18 ? 2IZX   4 ? 21 ? 4 21 
# 
_pdbx_struct_assembly.id                   1 
_pdbx_struct_assembly.details              author_and_software_defined_assembly 
_pdbx_struct_assembly.method_details       PQS 
_pdbx_struct_assembly.oligomeric_details   trimeric 
_pdbx_struct_assembly.oligomeric_count     3 
# 
_pdbx_struct_assembly_gen.assembly_id       1 
_pdbx_struct_assembly_gen.oper_expression   1 
_pdbx_struct_assembly_gen.asym_id_list      A,B,C,D,E,F,G,H 
# 
_pdbx_struct_oper_list.id                   1 
_pdbx_struct_oper_list.type                 'identity operation' 
_pdbx_struct_oper_list.name                 1_555 
_pdbx_struct_oper_list.symmetry_operation   x,y,z 
_pdbx_struct_oper_list.matrix[1][1]         1.0000000000 
_pdbx_struct_oper_list.matrix[1][2]         0.0000000000 
_pdbx_struct_oper_list.matrix[1][3]         0.0000000000 
_pdbx_struct_oper_list.vector[1]            0.0000000000 
_pdbx_struct_oper_list.matrix[2][1]         0.0000000000 
_pdbx_struct_oper_list.matrix[2][2]         1.0000000000 
_pdbx_struct_oper_list.matrix[2][3]         0.0000000000 
_pdbx_struct_oper_list.vector[2]            0.0000000000 
_pdbx_struct_oper_list.matrix[3][1]         0.0000000000 
_pdbx_struct_oper_list.matrix[3][2]         0.0000000000 
_pdbx_struct_oper_list.matrix[3][3]         1.0000000000 
_pdbx_struct_oper_list.vector[3]            0.0000000000 
# 
_struct_biol.id   1 
# 
loop_
_struct_conf.conf_type_id 
_struct_conf.id 
_struct_conf.pdbx_PDB_helix_id 
_struct_conf.beg_label_comp_id 
_struct_conf.beg_label_asym_id 
_struct_conf.beg_label_seq_id 
_struct_conf.pdbx_beg_PDB_ins_code 
_struct_conf.end_label_comp_id 
_struct_conf.end_label_asym_id 
_struct_conf.end_label_seq_id 
_struct_conf.pdbx_end_PDB_ins_code 
_struct_conf.beg_auth_comp_id 
_struct_conf.beg_auth_asym_id 
_struct_conf.beg_auth_seq_id 
_struct_conf.end_auth_comp_id 
_struct_conf.end_auth_asym_id 
_struct_conf.end_auth_seq_id 
_struct_conf.pdbx_PDB_helix_class 
_struct_conf.details 
_struct_conf.pdbx_PDB_helix_length 
HELX_P HELX_P1 1 GLY A 6  ? GLN A 22 ? GLY A 8  GLN A 24 1 ? 17 
HELX_P HELX_P2 2 ASP A 25 ? ARG A 41 ? ASP A 27 ARG A 43 1 ? 17 
HELX_P HELX_P3 3 GLY B 6  ? GLN B 22 ? GLY B 8  GLN B 24 1 ? 17 
HELX_P HELX_P4 4 ASP B 25 ? ALA B 40 ? ASP B 27 ALA B 42 1 ? 16 
HELX_P HELX_P5 5 GLN C 1  ? LYS C 18 ? GLN C 4  LYS C 21 1 ? 18 
# 
_struct_conf_type.id          HELX_P 
_struct_conf_type.criteria    ? 
_struct_conf_type.reference   ? 
# 
loop_
_struct_site.id 
_struct_site.pdbx_evidence_code 
_struct_site.pdbx_auth_asym_id 
_struct_site.pdbx_auth_comp_id 
_struct_site.pdbx_auth_seq_id 
_struct_site.pdbx_auth_ins_code 
_struct_site.pdbx_num_residues 
_struct_site.details 
AC1 Software A DTD 1044 ? 8 'BINDING SITE FOR RESIDUE DTD A 1044' 
AC2 Software A DTD 1045 ? 7 'BINDING SITE FOR RESIDUE DTD A 1045' 
# 
loop_
_struct_site_gen.id 
_struct_site_gen.site_id 
_struct_site_gen.pdbx_num_res 
_struct_site_gen.label_comp_id 
_struct_site_gen.label_asym_id 
_struct_site_gen.label_seq_id 
_struct_site_gen.pdbx_auth_ins_code 
_struct_site_gen.auth_comp_id 
_struct_site_gen.auth_asym_id 
_struct_site_gen.auth_seq_id 
_struct_site_gen.label_atom_id 
_struct_site_gen.label_alt_id 
_struct_site_gen.symmetry 
_struct_site_gen.details 
1  AC1 8 GLN A 21 ? GLN A 23   . ? 1_555 ? 
2  AC1 8 PHE A 29 ? PHE A 31   . ? 1_555 ? 
3  AC1 8 GLU A 32 ? GLU A 34   . ? 1_555 ? 
4  AC1 8 TYR A 33 ? TYR A 35   . ? 1_555 ? 
5  AC1 8 ARG A 36 ? ARG A 38   . ? 1_555 ? 
6  AC1 8 DTD E .  ? DTD A 1045 . ? 1_555 ? 
7  AC1 8 HOH F .  ? HOH A 2037 . ? 1_555 ? 
8  AC1 8 GLN B 21 ? GLN B 23   . ? 3_544 ? 
9  AC2 7 ARG A 36 ? ARG A 38   . ? 1_555 ? 
10 AC2 7 LEU A 37 ? LEU A 39   . ? 1_555 ? 
11 AC2 7 DTD D .  ? DTD A 1044 . ? 1_555 ? 
12 AC2 7 HOH F .  ? HOH A 2038 . ? 1_555 ? 
13 AC2 7 HOH F .  ? HOH A 2039 . ? 1_555 ? 
14 AC2 7 GLN B 21 ? GLN B 23   . ? 3_544 ? 
15 AC2 7 ARG B 36 ? ARG B 38   . ? 3_544 ? 
# 
loop_
_pdbx_validate_close_contact.id 
_pdbx_validate_close_contact.PDB_model_num 
_pdbx_validate_close_contact.auth_atom_id_1 
_pdbx_validate_close_contact.auth_asym_id_1 
_pdbx_validate_close_contact.auth_comp_id_1 
_pdbx_validate_close_contact.auth_seq_id_1 
_pdbx_validate_close_contact.PDB_ins_code_1 
_pdbx_validate_close_contact.label_alt_id_1 
_pdbx_validate_close_contact.auth_atom_id_2 
_pdbx_validate_close_contact.auth_asym_id_2 
_pdbx_validate_close_contact.auth_comp_id_2 
_pdbx_validate_close_contact.auth_seq_id_2 
_pdbx_validate_close_contact.PDB_ins_code_2 
_pdbx_validate_close_contact.label_alt_id_2 
_pdbx_validate_close_contact.dist 
1 1 OE2 A GLU 41 ? ? O A HOH 2032 ? ? 2.15 
2 1 N   A ILE 5  ? ? O A HOH 2002 ? ? 2.18 
# 
loop_
_pdbx_unobs_or_zero_occ_residues.id 
_pdbx_unobs_or_zero_occ_residues.PDB_model_num 
_pdbx_unobs_or_zero_occ_residues.polymer_flag 
_pdbx_unobs_or_zero_occ_residues.occupancy_flag 
_pdbx_unobs_or_zero_occ_residues.auth_asym_id 
_pdbx_unobs_or_zero_occ_residues.auth_comp_id 
_pdbx_unobs_or_zero_occ_residues.auth_seq_id 
_pdbx_unobs_or_zero_occ_residues.PDB_ins_code 
_pdbx_unobs_or_zero_occ_residues.label_asym_id 
_pdbx_unobs_or_zero_occ_residues.label_comp_id 
_pdbx_unobs_or_zero_occ_residues.label_seq_id 
1 1 Y 1 A ILE 3 ? A ILE 1 
2 1 Y 1 A GLN 4 ? A GLN 2 
# 
loop_
_chem_comp_atom.comp_id 
_chem_comp_atom.atom_id 
_chem_comp_atom.type_symbol 
_chem_comp_atom.pdbx_aromatic_flag 
_chem_comp_atom.pdbx_stereo_config 
_chem_comp_atom.pdbx_ordinal 
ALA N    N N N 1   
ALA CA   C N S 2   
ALA C    C N N 3   
ALA O    O N N 4   
ALA CB   C N N 5   
ALA OXT  O N N 6   
ALA H    H N N 7   
ALA H2   H N N 8   
ALA HA   H N N 9   
ALA HB1  H N N 10  
ALA HB2  H N N 11  
ALA HB3  H N N 12  
ALA HXT  H N N 13  
ARG N    N N N 14  
ARG CA   C N S 15  
ARG C    C N N 16  
ARG O    O N N 17  
ARG CB   C N N 18  
ARG CG   C N N 19  
ARG CD   C N N 20  
ARG NE   N N N 21  
ARG CZ   C N N 22  
ARG NH1  N N N 23  
ARG NH2  N N N 24  
ARG OXT  O N N 25  
ARG H    H N N 26  
ARG H2   H N N 27  
ARG HA   H N N 28  
ARG HB2  H N N 29  
ARG HB3  H N N 30  
ARG HG2  H N N 31  
ARG HG3  H N N 32  
ARG HD2  H N N 33  
ARG HD3  H N N 34  
ARG HE   H N N 35  
ARG HH11 H N N 36  
ARG HH12 H N N 37  
ARG HH21 H N N 38  
ARG HH22 H N N 39  
ARG HXT  H N N 40  
ASN N    N N N 41  
ASN CA   C N S 42  
ASN C    C N N 43  
ASN O    O N N 44  
ASN CB   C N N 45  
ASN CG   C N N 46  
ASN OD1  O N N 47  
ASN ND2  N N N 48  
ASN OXT  O N N 49  
ASN H    H N N 50  
ASN H2   H N N 51  
ASN HA   H N N 52  
ASN HB2  H N N 53  
ASN HB3  H N N 54  
ASN HD21 H N N 55  
ASN HD22 H N N 56  
ASN HXT  H N N 57  
ASP N    N N N 58  
ASP CA   C N S 59  
ASP C    C N N 60  
ASP O    O N N 61  
ASP CB   C N N 62  
ASP CG   C N N 63  
ASP OD1  O N N 64  
ASP OD2  O N N 65  
ASP OXT  O N N 66  
ASP H    H N N 67  
ASP H2   H N N 68  
ASP HA   H N N 69  
ASP HB2  H N N 70  
ASP HB3  H N N 71  
ASP HD2  H N N 72  
ASP HXT  H N N 73  
DTD S1   S N N 74  
DTD C1   C N N 75  
DTD C2   C N R 76  
DTD O2   O N N 77  
DTD C3   C N R 78  
DTD O3   O N N 79  
DTD C4   C N N 80  
DTD S4   S N N 81  
DTD H11  H N N 82  
DTD H12  H N N 83  
DTD H21  H N N 84  
DTD HO2  H N N 85  
DTD H31  H N N 86  
DTD HO3  H N N 87  
DTD H41  H N N 88  
DTD H42  H N N 89  
GLN N    N N N 90  
GLN CA   C N S 91  
GLN C    C N N 92  
GLN O    O N N 93  
GLN CB   C N N 94  
GLN CG   C N N 95  
GLN CD   C N N 96  
GLN OE1  O N N 97  
GLN NE2  N N N 98  
GLN OXT  O N N 99  
GLN H    H N N 100 
GLN H2   H N N 101 
GLN HA   H N N 102 
GLN HB2  H N N 103 
GLN HB3  H N N 104 
GLN HG2  H N N 105 
GLN HG3  H N N 106 
GLN HE21 H N N 107 
GLN HE22 H N N 108 
GLN HXT  H N N 109 
GLU N    N N N 110 
GLU CA   C N S 111 
GLU C    C N N 112 
GLU O    O N N 113 
GLU CB   C N N 114 
GLU CG   C N N 115 
GLU CD   C N N 116 
GLU OE1  O N N 117 
GLU OE2  O N N 118 
GLU OXT  O N N 119 
GLU H    H N N 120 
GLU H2   H N N 121 
GLU HA   H N N 122 
GLU HB2  H N N 123 
GLU HB3  H N N 124 
GLU HG2  H N N 125 
GLU HG3  H N N 126 
GLU HE2  H N N 127 
GLU HXT  H N N 128 
GLY N    N N N 129 
GLY CA   C N N 130 
GLY C    C N N 131 
GLY O    O N N 132 
GLY OXT  O N N 133 
GLY H    H N N 134 
GLY H2   H N N 135 
GLY HA2  H N N 136 
GLY HA3  H N N 137 
GLY HXT  H N N 138 
HOH O    O N N 139 
HOH H1   H N N 140 
HOH H2   H N N 141 
ILE N    N N N 142 
ILE CA   C N S 143 
ILE C    C N N 144 
ILE O    O N N 145 
ILE CB   C N S 146 
ILE CG1  C N N 147 
ILE CG2  C N N 148 
ILE CD1  C N N 149 
ILE OXT  O N N 150 
ILE H    H N N 151 
ILE H2   H N N 152 
ILE HA   H N N 153 
ILE HB   H N N 154 
ILE HG12 H N N 155 
ILE HG13 H N N 156 
ILE HG21 H N N 157 
ILE HG22 H N N 158 
ILE HG23 H N N 159 
ILE HD11 H N N 160 
ILE HD12 H N N 161 
ILE HD13 H N N 162 
ILE HXT  H N N 163 
LEU N    N N N 164 
LEU CA   C N S 165 
LEU C    C N N 166 
LEU O    O N N 167 
LEU CB   C N N 168 
LEU CG   C N N 169 
LEU CD1  C N N 170 
LEU CD2  C N N 171 
LEU OXT  O N N 172 
LEU H    H N N 173 
LEU H2   H N N 174 
LEU HA   H N N 175 
LEU HB2  H N N 176 
LEU HB3  H N N 177 
LEU HG   H N N 178 
LEU HD11 H N N 179 
LEU HD12 H N N 180 
LEU HD13 H N N 181 
LEU HD21 H N N 182 
LEU HD22 H N N 183 
LEU HD23 H N N 184 
LEU HXT  H N N 185 
LYS N    N N N 186 
LYS CA   C N S 187 
LYS C    C N N 188 
LYS O    O N N 189 
LYS CB   C N N 190 
LYS CG   C N N 191 
LYS CD   C N N 192 
LYS CE   C N N 193 
LYS NZ   N N N 194 
LYS OXT  O N N 195 
LYS H    H N N 196 
LYS H2   H N N 197 
LYS HA   H N N 198 
LYS HB2  H N N 199 
LYS HB3  H N N 200 
LYS HG2  H N N 201 
LYS HG3  H N N 202 
LYS HD2  H N N 203 
LYS HD3  H N N 204 
LYS HE2  H N N 205 
LYS HE3  H N N 206 
LYS HZ1  H N N 207 
LYS HZ2  H N N 208 
LYS HZ3  H N N 209 
LYS HXT  H N N 210 
PHE N    N N N 211 
PHE CA   C N S 212 
PHE C    C N N 213 
PHE O    O N N 214 
PHE CB   C N N 215 
PHE CG   C Y N 216 
PHE CD1  C Y N 217 
PHE CD2  C Y N 218 
PHE CE1  C Y N 219 
PHE CE2  C Y N 220 
PHE CZ   C Y N 221 
PHE OXT  O N N 222 
PHE H    H N N 223 
PHE H2   H N N 224 
PHE HA   H N N 225 
PHE HB2  H N N 226 
PHE HB3  H N N 227 
PHE HD1  H N N 228 
PHE HD2  H N N 229 
PHE HE1  H N N 230 
PHE HE2  H N N 231 
PHE HZ   H N N 232 
PHE HXT  H N N 233 
PRO N    N N N 234 
PRO CA   C N S 235 
PRO C    C N N 236 
PRO O    O N N 237 
PRO CB   C N N 238 
PRO CG   C N N 239 
PRO CD   C N N 240 
PRO OXT  O N N 241 
PRO H    H N N 242 
PRO HA   H N N 243 
PRO HB2  H N N 244 
PRO HB3  H N N 245 
PRO HG2  H N N 246 
PRO HG3  H N N 247 
PRO HD2  H N N 248 
PRO HD3  H N N 249 
PRO HXT  H N N 250 
THR N    N N N 251 
THR CA   C N S 252 
THR C    C N N 253 
THR O    O N N 254 
THR CB   C N R 255 
THR OG1  O N N 256 
THR CG2  C N N 257 
THR OXT  O N N 258 
THR H    H N N 259 
THR H2   H N N 260 
THR HA   H N N 261 
THR HB   H N N 262 
THR HG1  H N N 263 
THR HG21 H N N 264 
THR HG22 H N N 265 
THR HG23 H N N 266 
THR HXT  H N N 267 
TYR N    N N N 268 
TYR CA   C N S 269 
TYR C    C N N 270 
TYR O    O N N 271 
TYR CB   C N N 272 
TYR CG   C Y N 273 
TYR CD1  C Y N 274 
TYR CD2  C Y N 275 
TYR CE1  C Y N 276 
TYR CE2  C Y N 277 
TYR CZ   C Y N 278 
TYR OH   O N N 279 
TYR OXT  O N N 280 
TYR H    H N N 281 
TYR H2   H N N 282 
TYR HA   H N N 283 
TYR HB2  H N N 284 
TYR HB3  H N N 285 
TYR HD1  H N N 286 
TYR HD2  H N N 287 
TYR HE1  H N N 288 
TYR HE2  H N N 289 
TYR HH   H N N 290 
TYR HXT  H N N 291 
VAL N    N N N 292 
VAL CA   C N S 293 
VAL C    C N N 294 
VAL O    O N N 295 
VAL CB   C N N 296 
VAL CG1  C N N 297 
VAL CG2  C N N 298 
VAL OXT  O N N 299 
VAL H    H N N 300 
VAL H2   H N N 301 
VAL HA   H N N 302 
VAL HB   H N N 303 
VAL HG11 H N N 304 
VAL HG12 H N N 305 
VAL HG13 H N N 306 
VAL HG21 H N N 307 
VAL HG22 H N N 308 
VAL HG23 H N N 309 
VAL HXT  H N N 310 
# 
loop_
_chem_comp_bond.comp_id 
_chem_comp_bond.atom_id_1 
_chem_comp_bond.atom_id_2 
_chem_comp_bond.value_order 
_chem_comp_bond.pdbx_aromatic_flag 
_chem_comp_bond.pdbx_stereo_config 
_chem_comp_bond.pdbx_ordinal 
ALA N   CA   sing N N 1   
ALA N   H    sing N N 2   
ALA N   H2   sing N N 3   
ALA CA  C    sing N N 4   
ALA CA  CB   sing N N 5   
ALA CA  HA   sing N N 6   
ALA C   O    doub N N 7   
ALA C   OXT  sing N N 8   
ALA CB  HB1  sing N N 9   
ALA CB  HB2  sing N N 10  
ALA CB  HB3  sing N N 11  
ALA OXT HXT  sing N N 12  
ARG N   CA   sing N N 13  
ARG N   H    sing N N 14  
ARG N   H2   sing N N 15  
ARG CA  C    sing N N 16  
ARG CA  CB   sing N N 17  
ARG CA  HA   sing N N 18  
ARG C   O    doub N N 19  
ARG C   OXT  sing N N 20  
ARG CB  CG   sing N N 21  
ARG CB  HB2  sing N N 22  
ARG CB  HB3  sing N N 23  
ARG CG  CD   sing N N 24  
ARG CG  HG2  sing N N 25  
ARG CG  HG3  sing N N 26  
ARG CD  NE   sing N N 27  
ARG CD  HD2  sing N N 28  
ARG CD  HD3  sing N N 29  
ARG NE  CZ   sing N N 30  
ARG NE  HE   sing N N 31  
ARG CZ  NH1  sing N N 32  
ARG CZ  NH2  doub N N 33  
ARG NH1 HH11 sing N N 34  
ARG NH1 HH12 sing N N 35  
ARG NH2 HH21 sing N N 36  
ARG NH2 HH22 sing N N 37  
ARG OXT HXT  sing N N 38  
ASN N   CA   sing N N 39  
ASN N   H    sing N N 40  
ASN N   H2   sing N N 41  
ASN CA  C    sing N N 42  
ASN CA  CB   sing N N 43  
ASN CA  HA   sing N N 44  
ASN C   O    doub N N 45  
ASN C   OXT  sing N N 46  
ASN CB  CG   sing N N 47  
ASN CB  HB2  sing N N 48  
ASN CB  HB3  sing N N 49  
ASN CG  OD1  doub N N 50  
ASN CG  ND2  sing N N 51  
ASN ND2 HD21 sing N N 52  
ASN ND2 HD22 sing N N 53  
ASN OXT HXT  sing N N 54  
ASP N   CA   sing N N 55  
ASP N   H    sing N N 56  
ASP N   H2   sing N N 57  
ASP CA  C    sing N N 58  
ASP CA  CB   sing N N 59  
ASP CA  HA   sing N N 60  
ASP C   O    doub N N 61  
ASP C   OXT  sing N N 62  
ASP CB  CG   sing N N 63  
ASP CB  HB2  sing N N 64  
ASP CB  HB3  sing N N 65  
ASP CG  OD1  doub N N 66  
ASP CG  OD2  sing N N 67  
ASP OD2 HD2  sing N N 68  
ASP OXT HXT  sing N N 69  
DTD S1  C1   sing N N 70  
DTD S1  S4   sing N N 71  
DTD C1  C2   sing N N 72  
DTD C1  H11  sing N N 73  
DTD C1  H12  sing N N 74  
DTD C2  O2   sing N N 75  
DTD C2  C3   sing N N 76  
DTD C2  H21  sing N N 77  
DTD O2  HO2  sing N N 78  
DTD C3  O3   sing N N 79  
DTD C3  C4   sing N N 80  
DTD C3  H31  sing N N 81  
DTD O3  HO3  sing N N 82  
DTD C4  S4   sing N N 83  
DTD C4  H41  sing N N 84  
DTD C4  H42  sing N N 85  
GLN N   CA   sing N N 86  
GLN N   H    sing N N 87  
GLN N   H2   sing N N 88  
GLN CA  C    sing N N 89  
GLN CA  CB   sing N N 90  
GLN CA  HA   sing N N 91  
GLN C   O    doub N N 92  
GLN C   OXT  sing N N 93  
GLN CB  CG   sing N N 94  
GLN CB  HB2  sing N N 95  
GLN CB  HB3  sing N N 96  
GLN CG  CD   sing N N 97  
GLN CG  HG2  sing N N 98  
GLN CG  HG3  sing N N 99  
GLN CD  OE1  doub N N 100 
GLN CD  NE2  sing N N 101 
GLN NE2 HE21 sing N N 102 
GLN NE2 HE22 sing N N 103 
GLN OXT HXT  sing N N 104 
GLU N   CA   sing N N 105 
GLU N   H    sing N N 106 
GLU N   H2   sing N N 107 
GLU CA  C    sing N N 108 
GLU CA  CB   sing N N 109 
GLU CA  HA   sing N N 110 
GLU C   O    doub N N 111 
GLU C   OXT  sing N N 112 
GLU CB  CG   sing N N 113 
GLU CB  HB2  sing N N 114 
GLU CB  HB3  sing N N 115 
GLU CG  CD   sing N N 116 
GLU CG  HG2  sing N N 117 
GLU CG  HG3  sing N N 118 
GLU CD  OE1  doub N N 119 
GLU CD  OE2  sing N N 120 
GLU OE2 HE2  sing N N 121 
GLU OXT HXT  sing N N 122 
GLY N   CA   sing N N 123 
GLY N   H    sing N N 124 
GLY N   H2   sing N N 125 
GLY CA  C    sing N N 126 
GLY CA  HA2  sing N N 127 
GLY CA  HA3  sing N N 128 
GLY C   O    doub N N 129 
GLY C   OXT  sing N N 130 
GLY OXT HXT  sing N N 131 
HOH O   H1   sing N N 132 
HOH O   H2   sing N N 133 
ILE N   CA   sing N N 134 
ILE N   H    sing N N 135 
ILE N   H2   sing N N 136 
ILE CA  C    sing N N 137 
ILE CA  CB   sing N N 138 
ILE CA  HA   sing N N 139 
ILE C   O    doub N N 140 
ILE C   OXT  sing N N 141 
ILE CB  CG1  sing N N 142 
ILE CB  CG2  sing N N 143 
ILE CB  HB   sing N N 144 
ILE CG1 CD1  sing N N 145 
ILE CG1 HG12 sing N N 146 
ILE CG1 HG13 sing N N 147 
ILE CG2 HG21 sing N N 148 
ILE CG2 HG22 sing N N 149 
ILE CG2 HG23 sing N N 150 
ILE CD1 HD11 sing N N 151 
ILE CD1 HD12 sing N N 152 
ILE CD1 HD13 sing N N 153 
ILE OXT HXT  sing N N 154 
LEU N   CA   sing N N 155 
LEU N   H    sing N N 156 
LEU N   H2   sing N N 157 
LEU CA  C    sing N N 158 
LEU CA  CB   sing N N 159 
LEU CA  HA   sing N N 160 
LEU C   O    doub N N 161 
LEU C   OXT  sing N N 162 
LEU CB  CG   sing N N 163 
LEU CB  HB2  sing N N 164 
LEU CB  HB3  sing N N 165 
LEU CG  CD1  sing N N 166 
LEU CG  CD2  sing N N 167 
LEU CG  HG   sing N N 168 
LEU CD1 HD11 sing N N 169 
LEU CD1 HD12 sing N N 170 
LEU CD1 HD13 sing N N 171 
LEU CD2 HD21 sing N N 172 
LEU CD2 HD22 sing N N 173 
LEU CD2 HD23 sing N N 174 
LEU OXT HXT  sing N N 175 
LYS N   CA   sing N N 176 
LYS N   H    sing N N 177 
LYS N   H2   sing N N 178 
LYS CA  C    sing N N 179 
LYS CA  CB   sing N N 180 
LYS CA  HA   sing N N 181 
LYS C   O    doub N N 182 
LYS C   OXT  sing N N 183 
LYS CB  CG   sing N N 184 
LYS CB  HB2  sing N N 185 
LYS CB  HB3  sing N N 186 
LYS CG  CD   sing N N 187 
LYS CG  HG2  sing N N 188 
LYS CG  HG3  sing N N 189 
LYS CD  CE   sing N N 190 
LYS CD  HD2  sing N N 191 
LYS CD  HD3  sing N N 192 
LYS CE  NZ   sing N N 193 
LYS CE  HE2  sing N N 194 
LYS CE  HE3  sing N N 195 
LYS NZ  HZ1  sing N N 196 
LYS NZ  HZ2  sing N N 197 
LYS NZ  HZ3  sing N N 198 
LYS OXT HXT  sing N N 199 
PHE N   CA   sing N N 200 
PHE N   H    sing N N 201 
PHE N   H2   sing N N 202 
PHE CA  C    sing N N 203 
PHE CA  CB   sing N N 204 
PHE CA  HA   sing N N 205 
PHE C   O    doub N N 206 
PHE C   OXT  sing N N 207 
PHE CB  CG   sing N N 208 
PHE CB  HB2  sing N N 209 
PHE CB  HB3  sing N N 210 
PHE CG  CD1  doub Y N 211 
PHE CG  CD2  sing Y N 212 
PHE CD1 CE1  sing Y N 213 
PHE CD1 HD1  sing N N 214 
PHE CD2 CE2  doub Y N 215 
PHE CD2 HD2  sing N N 216 
PHE CE1 CZ   doub Y N 217 
PHE CE1 HE1  sing N N 218 
PHE CE2 CZ   sing Y N 219 
PHE CE2 HE2  sing N N 220 
PHE CZ  HZ   sing N N 221 
PHE OXT HXT  sing N N 222 
PRO N   CA   sing N N 223 
PRO N   CD   sing N N 224 
PRO N   H    sing N N 225 
PRO CA  C    sing N N 226 
PRO CA  CB   sing N N 227 
PRO CA  HA   sing N N 228 
PRO C   O    doub N N 229 
PRO C   OXT  sing N N 230 
PRO CB  CG   sing N N 231 
PRO CB  HB2  sing N N 232 
PRO CB  HB3  sing N N 233 
PRO CG  CD   sing N N 234 
PRO CG  HG2  sing N N 235 
PRO CG  HG3  sing N N 236 
PRO CD  HD2  sing N N 237 
PRO CD  HD3  sing N N 238 
PRO OXT HXT  sing N N 239 
THR N   CA   sing N N 240 
THR N   H    sing N N 241 
THR N   H2   sing N N 242 
THR CA  C    sing N N 243 
THR CA  CB   sing N N 244 
THR CA  HA   sing N N 245 
THR C   O    doub N N 246 
THR C   OXT  sing N N 247 
THR CB  OG1  sing N N 248 
THR CB  CG2  sing N N 249 
THR CB  HB   sing N N 250 
THR OG1 HG1  sing N N 251 
THR CG2 HG21 sing N N 252 
THR CG2 HG22 sing N N 253 
THR CG2 HG23 sing N N 254 
THR OXT HXT  sing N N 255 
TYR N   CA   sing N N 256 
TYR N   H    sing N N 257 
TYR N   H2   sing N N 258 
TYR CA  C    sing N N 259 
TYR CA  CB   sing N N 260 
TYR CA  HA   sing N N 261 
TYR C   O    doub N N 262 
TYR C   OXT  sing N N 263 
TYR CB  CG   sing N N 264 
TYR CB  HB2  sing N N 265 
TYR CB  HB3  sing N N 266 
TYR CG  CD1  doub Y N 267 
TYR CG  CD2  sing Y N 268 
TYR CD1 CE1  sing Y N 269 
TYR CD1 HD1  sing N N 270 
TYR CD2 CE2  doub Y N 271 
TYR CD2 HD2  sing N N 272 
TYR CE1 CZ   doub Y N 273 
TYR CE1 HE1  sing N N 274 
TYR CE2 CZ   sing Y N 275 
TYR CE2 HE2  sing N N 276 
TYR CZ  OH   sing N N 277 
TYR OH  HH   sing N N 278 
TYR OXT HXT  sing N N 279 
VAL N   CA   sing N N 280 
VAL N   H    sing N N 281 
VAL N   H2   sing N N 282 
VAL CA  C    sing N N 283 
VAL CA  CB   sing N N 284 
VAL CA  HA   sing N N 285 
VAL C   O    doub N N 286 
VAL C   OXT  sing N N 287 
VAL CB  CG1  sing N N 288 
VAL CB  CG2  sing N N 289 
VAL CB  HB   sing N N 290 
VAL CG1 HG11 sing N N 291 
VAL CG1 HG12 sing N N 292 
VAL CG1 HG13 sing N N 293 
VAL CG2 HG21 sing N N 294 
VAL CG2 HG22 sing N N 295 
VAL CG2 HG23 sing N N 296 
VAL OXT HXT  sing N N 297 
# 
_pdbx_initial_refinement_model.accession_code   ? 
_pdbx_initial_refinement_model.id               1 
_pdbx_initial_refinement_model.entity_id_list   ? 
_pdbx_initial_refinement_model.type             'experimental model' 
_pdbx_initial_refinement_model.source_name      Other 
_pdbx_initial_refinement_model.details          'RII APO CRYSTAL STRUCTURE' 
# 
_atom_sites.entry_id                    2IZX 
_atom_sites.fract_transf_matrix[1][1]   0.00365003 
_atom_sites.fract_transf_matrix[1][2]   0.00949290 
_atom_sites.fract_transf_matrix[1][3]   0.02194037 
_atom_sites.fract_transf_matrix[2][1]   0.01720644 
_atom_sites.fract_transf_matrix[2][2]   0.01145349 
_atom_sites.fract_transf_matrix[2][3]   -0.00781804 
_atom_sites.fract_transf_matrix[3][1]   -0.01071632 
_atom_sites.fract_transf_matrix[3][2]   0.01336790 
_atom_sites.fract_transf_matrix[3][3]   -0.00400108 
_atom_sites.fract_transf_vector[1]      0.076523 
_atom_sites.fract_transf_vector[2]      0.002119 
_atom_sites.fract_transf_vector[3]      -0.353563 
# 
loop_
_atom_type.symbol 
C 
N 
O 
S 
# 
loop_
_atom_site.group_PDB 
_atom_site.id 
_atom_site.type_symbol 
_atom_site.label_atom_id 
_atom_site.label_alt_id 
_atom_site.label_comp_id 
_atom_site.label_asym_id 
_atom_site.label_entity_id 
_atom_site.label_seq_id 
_atom_site.pdbx_PDB_ins_code 
_atom_site.Cartn_x 
_atom_site.Cartn_y 
_atom_site.Cartn_z 
_atom_site.occupancy 
_atom_site.B_iso_or_equiv 
_atom_site.pdbx_formal_charge 
_atom_site.auth_seq_id 
_atom_site.auth_comp_id 
_atom_site.auth_asym_id 
_atom_site.auth_atom_id 
_atom_site.pdbx_PDB_model_num 
ATOM   1   N N   . ILE A 1 3  ? 0.115   9.858   12.496  1.00 26.43 ? 5    ILE A N   1 
ATOM   2   C CA  . ILE A 1 3  ? -0.320  8.873   11.421  1.00 25.04 ? 5    ILE A CA  1 
ATOM   3   C C   . ILE A 1 3  ? -1.793  9.150   11.089  1.00 23.79 ? 5    ILE A C   1 
ATOM   4   O O   . ILE A 1 3  ? -2.649  9.096   11.991  1.00 25.07 ? 5    ILE A O   1 
ATOM   5   C CB  . ILE A 1 3  ? -0.159  7.404   11.907  1.00 25.63 ? 5    ILE A CB  1 
ATOM   6   C CG1 . ILE A 1 3  ? 1.290   7.098   12.287  1.00 26.83 ? 5    ILE A CG1 1 
ATOM   7   C CG2 . ILE A 1 3  ? -0.609  6.415   10.813  1.00 26.31 ? 5    ILE A CG2 1 
ATOM   8   C CD1 . ILE A 1 3  ? 2.341   7.606   11.275  1.00 30.46 ? 5    ILE A CD1 1 
ATOM   9   N N   . PRO A 1 4  ? -2.121  9.467   9.825   1.00 20.73 ? 6    PRO A N   1 
ATOM   10  C CA  . PRO A 1 4  ? -3.510  9.716   9.509   1.00 20.16 ? 6    PRO A CA  1 
ATOM   11  C C   . PRO A 1 4  ? -4.420  8.545   9.756   1.00 20.33 ? 6    PRO A C   1 
ATOM   12  O O   . PRO A 1 4  ? -4.051  7.387   9.477   1.00 18.45 ? 6    PRO A O   1 
ATOM   13  C CB  . PRO A 1 4  ? -3.517  10.149  8.032   1.00 21.26 ? 6    PRO A CB  1 
ATOM   14  C CG  . PRO A 1 4  ? -2.273  9.815   7.505   1.00 21.46 ? 6    PRO A CG  1 
ATOM   15  C CD  . PRO A 1 4  ? -1.259  9.607   8.638   1.00 20.21 ? 6    PRO A CD  1 
ATOM   16  N N   . PRO A 1 5  ? -5.598  8.825   10.321  1.00 20.88 ? 7    PRO A N   1 
ATOM   17  C CA  . PRO A 1 5  ? -6.588  7.774   10.511  1.00 21.53 ? 7    PRO A CA  1 
ATOM   18  C C   . PRO A 1 5  ? -6.881  7.099   9.188   1.00 20.32 ? 7    PRO A C   1 
ATOM   19  O O   . PRO A 1 5  ? -6.955  7.748   8.124   1.00 21.07 ? 7    PRO A O   1 
ATOM   20  C CB  . PRO A 1 5  ? -7.827  8.517   11.032  1.00 22.50 ? 7    PRO A CB  1 
ATOM   21  C CG  . PRO A 1 5  ? -7.478  10.003  11.033  1.00 24.23 ? 7    PRO A CG  1 
ATOM   22  C CD  . PRO A 1 5  ? -6.020  10.147  10.838  1.00 21.48 ? 7    PRO A CD  1 
ATOM   23  N N   . GLY A 1 6  ? -7.025  5.784   9.244   1.00 18.69 ? 8    GLY A N   1 
ATOM   24  C CA  . GLY A 1 6  ? -7.326  5.067   8.032   1.00 16.26 ? 8    GLY A CA  1 
ATOM   25  C C   . GLY A 1 6  ? -6.124  4.514   7.278   1.00 13.83 ? 8    GLY A C   1 
ATOM   26  O O   . GLY A 1 6  ? -6.317  3.621   6.446   1.00 14.85 ? 8    GLY A O   1 
ATOM   27  N N   . LEU A 1 7  ? -4.927  5.032   7.550   1.00 13.45 ? 9    LEU A N   1 
ATOM   28  C CA  . LEU A 1 7  ? -3.786  4.600   6.738   1.00 11.31 ? 9    LEU A CA  1 
ATOM   29  C C   . LEU A 1 7  ? -3.474  3.107   6.890   1.00 9.94  ? 9    LEU A C   1 
ATOM   30  O O   . LEU A 1 7  ? -3.326  2.398   5.906   1.00 9.38  ? 9    LEU A O   1 
ATOM   31  C CB  . LEU A 1 7  ? -2.555  5.415   7.119   1.00 12.30 ? 9    LEU A CB  1 
ATOM   32  C CG  . LEU A 1 7  ? -1.253  5.021   6.395   1.00 12.37 ? 9    LEU A CG  1 
ATOM   33  C CD1 . LEU A 1 7  ? -1.352  5.204   4.890   1.00 13.04 ? 9    LEU A CD1 1 
ATOM   34  C CD2 . LEU A 1 7  ? -0.049  5.793   6.931   1.00 12.50 ? 9    LEU A CD2 1 
ATOM   35  N N   . THR A 1 8  ? -3.437  2.630   8.128   1.00 10.31 ? 10   THR A N   1 
ATOM   36  C CA  . THR A 1 8  ? -3.076  1.223   8.294   1.00 9.95  ? 10   THR A CA  1 
ATOM   37  C C   . THR A 1 8  ? -4.140  0.314   7.707   1.00 10.00 ? 10   THR A C   1 
ATOM   38  O O   . THR A 1 8  ? -3.829  -0.693  7.055   1.00 9.14  ? 10   THR A O   1 
ATOM   39  C CB  . THR A 1 8  ? -2.691  0.840   9.730   1.00 12.20 ? 10   THR A CB  1 
ATOM   40  O OG1 . THR A 1 8  ? -2.192  -0.506  9.692   1.00 12.65 ? 10   THR A OG1 1 
ATOM   41  C CG2 . THR A 1 8  ? -3.840  0.933   10.631  1.00 14.20 ? 10   THR A CG2 1 
ATOM   42  N N   . GLU A 1 9  ? -5.415  0.662   7.906   1.00 10.92 ? 11   GLU A N   1 
ATOM   43  C CA  . GLU A 1 9  ? -6.456  -0.193  7.366   1.00 10.89 ? 11   GLU A CA  1 
ATOM   44  C C   . GLU A 1 9  ? -6.494  -0.208  5.861   1.00 9.10  ? 11   GLU A C   1 
ATOM   45  O O   . GLU A 1 9  ? -6.674  -1.250  5.246   1.00 9.58  ? 11   GLU A O   1 
ATOM   46  C CB  . GLU A 1 9  ? -7.846  0.265   7.870   1.00 12.94 ? 11   GLU A CB  1 
ATOM   47  C CG  . GLU A 1 9  ? -8.128  0.032   9.360   1.00 16.19 ? 11   GLU A CG  1 
ATOM   48  C CD  . GLU A 1 9  ? -7.481  1.043   10.293  1.00 21.48 ? 11   GLU A CD  1 
ATOM   49  O OE1 . GLU A 1 9  ? -6.977  2.096   9.845   1.00 19.72 ? 11   GLU A OE1 1 
ATOM   50  O OE2 . GLU A 1 9  ? -7.525  0.757   11.516  1.00 27.67 ? 11   GLU A OE2 1 
ATOM   51  N N   . LEU A 1 10 ? -6.276  0.959   5.241   1.00 9.61  ? 12   LEU A N   1 
ATOM   52  C CA  . LEU A 1 10 ? -6.219  1.038   3.778   1.00 10.24 ? 12   LEU A CA  1 
ATOM   53  C C   . LEU A 1 10 ? -5.125  0.132   3.251   1.00 9.55  ? 12   LEU A C   1 
ATOM   54  O O   . LEU A 1 10 ? -5.335  -0.658  2.300   1.00 9.06  ? 12   LEU A O   1 
ATOM   55  C CB  . LEU A 1 10 ? -5.929  2.483   3.382   1.00 11.43 ? 12   LEU A CB  1 
ATOM   56  C CG  . LEU A 1 10 ? -5.864  2.728   1.905   1.00 15.31 ? 12   LEU A CG  1 
ATOM   57  C CD1 . LEU A 1 10 ? -7.274  2.513   1.307   1.00 17.51 ? 12   LEU A CD1 1 
ATOM   58  C CD2 . LEU A 1 10 ? -5.378  4.172   1.656   1.00 17.49 ? 12   LEU A CD2 1 
ATOM   59  N N   . LEU A 1 11 ? -3.940  0.229   3.854   1.00 8.02  ? 13   LEU A N   1 
ATOM   60  C CA  . LEU A 1 11 ? -2.807  -0.543  3.324   1.00 7.77  ? 13   LEU A CA  1 
ATOM   61  C C   . LEU A 1 11 ? -2.967  -2.014  3.673   1.00 7.69  ? 13   LEU A C   1 
ATOM   62  O O   . LEU A 1 11 ? -2.477  -2.884  2.930   1.00 7.54  ? 13   LEU A O   1 
ATOM   63  C CB  . LEU A 1 11 ? -1.514  0.006   3.938   1.00 8.50  ? 13   LEU A CB  1 
ATOM   64  C CG  . LEU A 1 11 ? -1.122  1.386   3.352   1.00 9.01  ? 13   LEU A CG  1 
ATOM   65  C CD1 . LEU A 1 11 ? 0.186   1.833   4.033   1.00 9.99  ? 13   LEU A CD1 1 
ATOM   66  C CD2 . LEU A 1 11 ? -0.952  1.355   1.836   1.00 11.00 ? 13   LEU A CD2 1 
ATOM   67  N N   . GLN A 1 12 ? -3.692  -2.339  4.753   1.00 7.75  ? 14   GLN A N   1 
ATOM   68  C CA  . GLN A 1 12 ? -3.940  -3.771  5.075   1.00 7.51  ? 14   GLN A CA  1 
ATOM   69  C C   . GLN A 1 12 ? -4.773  -4.461  4.038   1.00 8.09  ? 14   GLN A C   1 
ATOM   70  O O   . GLN A 1 12 ? -4.500  -5.625  3.700   1.00 8.01  ? 14   GLN A O   1 
ATOM   71  C CB  . GLN A 1 12 ? -4.570  -3.901  6.448   1.00 8.11  ? 14   GLN A CB  1 
ATOM   72  C CG  . GLN A 1 12 ? -3.572  -3.746  7.557   1.00 10.00 ? 14   GLN A CG  1 
ATOM   73  C CD  . GLN A 1 12 ? -4.281  -3.750  8.884   1.00 12.03 ? 14   GLN A CD  1 
ATOM   74  O OE1 . GLN A 1 12 ? -5.080  -4.659  9.163   1.00 12.88 ? 14   GLN A OE1 1 
ATOM   75  N NE2 . GLN A 1 12 ? -3.990  -2.766  9.730   1.00 12.81 ? 14   GLN A NE2 1 
ATOM   76  N N   . GLY A 1 13 ? -5.767  -3.789  3.445   1.00 8.11  ? 15   GLY A N   1 
ATOM   77  C CA  . GLY A 1 13 ? -6.593  -4.456  2.429   1.00 8.82  ? 15   GLY A CA  1 
ATOM   78  C C   . GLY A 1 13 ? -5.738  -4.827  1.214   1.00 7.66  ? 15   GLY A C   1 
ATOM   79  O O   . GLY A 1 13 ? -5.776  -5.935  0.674   1.00 7.91  ? 15   GLY A O   1 
ATOM   80  N N   . TYR A 1 14 ? -4.929  -3.856  0.764   1.00 8.18  ? 16   TYR A N   1 
ATOM   81  C CA  . TYR A 1 14 ? -3.979  -4.098  -0.311  1.00 8.33  ? 16   TYR A CA  1 
ATOM   82  C C   . TYR A 1 14 ? -3.043  -5.257  0.014   1.00 7.63  ? 16   TYR A C   1 
ATOM   83  O O   . TYR A 1 14 ? -2.770  -6.163  -0.827  1.00 8.03  ? 16   TYR A O   1 
ATOM   84  C CB  . TYR A 1 14 ? -3.156  -2.818  -0.598  1.00 7.92  ? 16   TYR A CB  1 
ATOM   85  C CG  . TYR A 1 14 ? -1.921  -3.034  -1.455  1.00 7.11  ? 16   TYR A CG  1 
ATOM   86  C CD1 . TYR A 1 14 ? -2.012  -3.186  -2.853  1.00 7.78  ? 16   TYR A CD1 1 
ATOM   87  C CD2 . TYR A 1 14 ? -0.698  -3.125  -0.852  1.00 8.48  ? 16   TYR A CD2 1 
ATOM   88  C CE1 . TYR A 1 14 ? -0.843  -3.390  -3.603  1.00 7.65  ? 16   TYR A CE1 1 
ATOM   89  C CE2 . TYR A 1 14 ? 0.446   -3.291  -1.600  1.00 8.51  ? 16   TYR A CE2 1 
ATOM   90  C CZ  . TYR A 1 14 ? 0.365   -3.448  -2.966  1.00 7.98  ? 16   TYR A CZ  1 
ATOM   91  O OH  . TYR A 1 14 ? 1.520   -3.687  -3.702  1.00 9.53  ? 16   TYR A OH  1 
ATOM   92  N N   . THR A 1 15 ? -2.477  -5.227  1.235   1.00 7.92  ? 17   THR A N   1 
ATOM   93  C CA  . THR A 1 15 ? -1.457  -6.230  1.603   1.00 7.58  ? 17   THR A CA  1 
ATOM   94  C C   . THR A 1 15 ? -2.066  -7.618  1.747   1.00 7.88  ? 17   THR A C   1 
ATOM   95  O O   . THR A 1 15 ? -1.452  -8.615  1.323   1.00 7.94  ? 17   THR A O   1 
ATOM   96  C CB  . THR A 1 15 ? -0.829  -5.786  2.901   1.00 7.94  ? 17   THR A CB  1 
ATOM   97  O OG1 . THR A 1 15 ? -0.174  -4.518  2.701   1.00 8.11  ? 17   THR A OG1 1 
ATOM   98  C CG2 . THR A 1 15 ? 0.263   -6.798  3.415   1.00 9.17  ? 17   THR A CG2 1 
ATOM   99  N N   . VAL A 1 16 ? -3.288  -7.733  2.250   1.00 7.97  ? 18   VAL A N   1 
ATOM   100 C CA  . VAL A 1 16 ? -3.982  -9.020  2.228   1.00 8.32  ? 18   VAL A CA  1 
ATOM   101 C C   . VAL A 1 16 ? -4.095  -9.554  0.829   1.00 8.99  ? 18   VAL A C   1 
ATOM   102 O O   . VAL A 1 16 ? -3.828  -10.773 0.569   1.00 8.42  ? 18   VAL A O   1 
ATOM   103 C CB  . VAL A 1 16 ? -5.385  -8.914  2.882   1.00 8.36  ? 18   VAL A CB  1 
ATOM   104 C CG1 . VAL A 1 16 ? -6.261  -10.132 2.597   1.00 8.56  ? 18   VAL A CG1 1 
ATOM   105 C CG2 . VAL A 1 16 ? -5.248  -8.742  4.376   1.00 9.00  ? 18   VAL A CG2 1 
ATOM   106 N N   . GLU A 1 17 ? -4.477  -8.720  -0.124  1.00 8.86  ? 19   GLU A N   1 
ATOM   107 C CA  . GLU A 1 17 ? -4.607  -9.211  -1.469  1.00 8.70  ? 19   GLU A CA  1 
ATOM   108 C C   . GLU A 1 17 ? -3.299  -9.573  -2.136  1.00 8.14  ? 19   GLU A C   1 
ATOM   109 O O   . GLU A 1 17 ? -3.218  -10.557 -2.888  1.00 8.93  ? 19   GLU A O   1 
ATOM   110 C CB  . GLU A 1 17 ? -5.446  -8.273  -2.349  1.00 8.88  ? 19   GLU A CB  1 
ATOM   111 C CG  . GLU A 1 17 ? -6.919  -8.149  -1.831  1.00 9.40  ? 19   GLU A CG  1 
ATOM   112 C CD  . GLU A 1 17 ? -7.619  -9.483  -1.681  1.00 9.12  ? 19   GLU A CD  1 
ATOM   113 O OE1 . GLU A 1 17 ? -7.374  -10.434 -2.469  1.00 10.66 ? 19   GLU A OE1 1 
ATOM   114 O OE2 . GLU A 1 17 ? -8.349  -9.642  -0.705  1.00 12.18 ? 19   GLU A OE2 1 
ATOM   115 N N   . VAL A 1 18 ? -2.226  -8.833  -1.800  1.00 8.41  ? 20   VAL A N   1 
ATOM   116 C CA  . VAL A 1 18 ? -0.889  -9.211  -2.273  1.00 8.60  ? 20   VAL A CA  1 
ATOM   117 C C   . VAL A 1 18 ? -0.529  -10.597 -1.725  1.00 8.45  ? 20   VAL A C   1 
ATOM   118 O O   . VAL A 1 18 ? 0.003   -11.461 -2.474  1.00 8.65  ? 20   VAL A O   1 
ATOM   119 C CB  . VAL A 1 18 ? 0.150   -8.193  -1.797  1.00 9.16  ? 20   VAL A CB  1 
ATOM   120 C CG1 . VAL A 1 18 ? 1.588   -8.744  -2.002  1.00 9.76  ? 20   VAL A CG1 1 
ATOM   121 C CG2 . VAL A 1 18 ? -0.011  -6.884  -2.607  1.00 9.43  ? 20   VAL A CG2 1 
ATOM   122 N N   . LEU A 1 19 ? -0.723  -10.821 -0.435  1.00 8.26  ? 21   LEU A N   1 
ATOM   123 C CA  . LEU A 1 19 ? -0.371  -12.134 0.140   1.00 8.37  ? 21   LEU A CA  1 
ATOM   124 C C   . LEU A 1 19 ? -1.176  -13.280 -0.414  1.00 8.31  ? 21   LEU A C   1 
ATOM   125 O O   . LEU A 1 19 ? -0.636  -14.386 -0.659  1.00 9.04  ? 21   LEU A O   1 
ATOM   126 C CB  . LEU A 1 19 ? -0.457  -12.084 1.650   1.00 8.68  ? 21   LEU A CB  1 
ATOM   127 C CG  . LEU A 1 19 ? 0.499   -11.106 2.358   1.00 9.55  ? 21   LEU A CG  1 
ATOM   128 C CD1 . LEU A 1 19 ? 0.141   -11.024 3.859   1.00 11.21 ? 21   LEU A CD1 1 
ATOM   129 C CD2 . LEU A 1 19 ? 1.960   -11.499 2.178   1.00 12.63 ? 21   LEU A CD2 1 
ATOM   130 N N   . ARG A 1 20 ? -2.470  -13.025 -0.654  1.00 8.02  ? 22   ARG A N   1 
ATOM   131 C CA  . ARG A 1 20 ? -3.327  -14.049 -1.235  1.00 9.05  ? 22   ARG A CA  1 
ATOM   132 C C   . ARG A 1 20 ? -2.987  -14.350 -2.693  1.00 9.29  ? 22   ARG A C   1 
ATOM   133 O O   . ARG A 1 20 ? -2.944  -15.510 -3.104  1.00 9.61  ? 22   ARG A O   1 
ATOM   134 C CB  . ARG A 1 20 ? -4.780  -13.587 -1.172  1.00 9.95  ? 22   ARG A CB  1 
ATOM   135 C CG  . ARG A 1 20 ? -5.374  -13.625 0.249   1.00 9.16  ? 22   ARG A CG  1 
ATOM   136 C CD  . ARG A 1 20 ? -6.734  -13.018 0.180   1.00 10.73 ? 22   ARG A CD  1 
ATOM   137 N NE  . ARG A 1 20 ? -7.473  -13.230 1.423   1.00 10.44 ? 22   ARG A NE  1 
ATOM   138 C CZ  . ARG A 1 20 ? -8.624  -12.627 1.741   1.00 11.44 ? 22   ARG A CZ  1 
ATOM   139 N NH1 . ARG A 1 20 ? -9.166  -11.726 0.924   1.00 13.73 ? 22   ARG A NH1 1 
ATOM   140 N NH2 . ARG A 1 20 ? -9.260  -12.967 2.868   1.00 15.16 ? 22   ARG A NH2 1 
ATOM   141 N N   . GLN A 1 21 ? -2.750  -13.288 -3.471  1.00 8.99  ? 23   GLN A N   1 
ATOM   142 C CA  . GLN A 1 21 ? -2.713  -13.411 -4.934  1.00 9.92  ? 23   GLN A CA  1 
ATOM   143 C C   . GLN A 1 21 ? -1.303  -13.523 -5.486  1.00 10.52 ? 23   GLN A C   1 
ATOM   144 O O   . GLN A 1 21 ? -1.144  -13.971 -6.628  1.00 10.83 ? 23   GLN A O   1 
ATOM   145 C CB  . GLN A 1 21 ? -3.484  -12.283 -5.644  1.00 9.61  ? 23   GLN A CB  1 
ATOM   146 C CG  . GLN A 1 21 ? -4.932  -12.271 -5.207  1.00 9.94  ? 23   GLN A CG  1 
ATOM   147 C CD  . GLN A 1 21 ? -5.776  -11.275 -5.983  1.00 9.71  ? 23   GLN A CD  1 
ATOM   148 O OE1 . GLN A 1 21 ? -5.653  -11.135 -7.206  1.00 10.89 ? 23   GLN A OE1 1 
ATOM   149 N NE2 . GLN A 1 21 ? -6.715  -10.601 -5.260  1.00 10.89 ? 23   GLN A NE2 1 
ATOM   150 N N   . GLN A 1 22 ? -0.290  -13.173 -4.677  1.00 10.23 ? 24   GLN A N   1 
ATOM   151 C CA  . GLN A 1 22 ? 1.118   -13.289 -5.113  1.00 10.24 ? 24   GLN A CA  1 
ATOM   152 C C   . GLN A 1 22 ? 1.359   -12.660 -6.476  1.00 9.95  ? 24   GLN A C   1 
ATOM   153 O O   . GLN A 1 22 ? 1.976   -13.272 -7.376  1.00 12.19 ? 24   GLN A O   1 
ATOM   154 C CB  . GLN A 1 22 ? 1.570   -14.771 -5.075  1.00 10.50 ? 24   GLN A CB  1 
ATOM   155 C CG  . GLN A 1 22 ? 1.408   -15.378 -3.661  1.00 11.61 ? 24   GLN A CG  1 
ATOM   156 C CD  . GLN A 1 22 ? 2.460   -14.921 -2.646  1.00 12.81 ? 24   GLN A CD  1 
ATOM   157 O OE1 . GLN A 1 22 ? 2.153   -14.563 -1.496  1.00 15.17 ? 24   GLN A OE1 1 
ATOM   158 N NE2 . GLN A 1 22 ? 3.680   -14.959 -3.052  1.00 12.63 ? 24   GLN A NE2 1 
ATOM   159 N N   . PRO A 1 23 ? 0.955   -11.413 -6.676  1.00 10.17 ? 25   PRO A N   1 
ATOM   160 C CA  . PRO A 1 23 ? 1.165   -10.812 -7.993  1.00 11.83 ? 25   PRO A CA  1 
ATOM   161 C C   . PRO A 1 23 ? 2.678   -10.609 -8.263  1.00 12.72 ? 25   PRO A C   1 
ATOM   162 O O   . PRO A 1 23 ? 3.441   -10.326 -7.339  1.00 14.10 ? 25   PRO A O   1 
ATOM   163 C CB  . PRO A 1 23 ? 0.440   -9.445  -7.839  1.00 12.64 ? 25   PRO A CB  1 
ATOM   164 C CG  . PRO A 1 23 ? 0.601   -9.110  -6.375  1.00 11.58 ? 25   PRO A CG  1 
ATOM   165 C CD  . PRO A 1 23 ? 0.348   -10.463 -5.716  1.00 10.60 ? 25   PRO A CD  1 
ATOM   166 N N   . PRO A 1 24 ? 3.107   -10.703 -9.508  1.00 14.69 ? 26   PRO A N   1 
ATOM   167 C CA  . PRO A 1 24 ? 4.530   -10.525 -9.784  1.00 15.48 ? 26   PRO A CA  1 
ATOM   168 C C   . PRO A 1 24 ? 5.016   -9.097  -9.759  1.00 15.02 ? 26   PRO A C   1 
ATOM   169 O O   . PRO A 1 24 ? 6.223   -8.885  -9.654  1.00 16.96 ? 26   PRO A O   1 
ATOM   170 C CB  . PRO A 1 24 ? 4.705   -11.139 -11.178 1.00 17.15 ? 26   PRO A CB  1 
ATOM   171 C CG  . PRO A 1 24 ? 3.351   -10.995 -11.809 1.00 17.12 ? 26   PRO A CG  1 
ATOM   172 C CD  . PRO A 1 24 ? 2.311   -11.033 -10.694 1.00 16.46 ? 26   PRO A CD  1 
ATOM   173 N N   . ASP A 1 25 ? 4.125   -8.117  -9.909  1.00 12.84 ? 27   ASP A N   1 
ATOM   174 C CA  . ASP A 1 25 ? 4.564   -6.717  -9.944  1.00 11.95 ? 27   ASP A CA  1 
ATOM   175 C C   . ASP A 1 25 ? 3.704   -5.995  -8.902  1.00 10.39 ? 27   ASP A C   1 
ATOM   176 O O   . ASP A 1 25 ? 2.506   -5.743  -9.111  1.00 10.05 ? 27   ASP A O   1 
ATOM   177 C CB  . ASP A 1 25 ? 4.338   -6.130  -11.326 1.00 12.74 ? 27   ASP A CB  1 
ATOM   178 C CG  . ASP A 1 25 ? 4.849   -4.714  -11.464 1.00 14.06 ? 27   ASP A CG  1 
ATOM   179 O OD1 . ASP A 1 25 ? 4.762   -3.889  -10.531 1.00 14.55 ? 27   ASP A OD1 1 
ATOM   180 O OD2 . ASP A 1 25 ? 5.312   -4.422  -12.586 1.00 21.77 ? 27   ASP A OD2 1 
ATOM   181 N N   . LEU A 1 26 ? 4.316   -5.684  -7.760  1.00 9.31  ? 28   LEU A N   1 
ATOM   182 C CA  . LEU A 1 26 ? 3.573   -5.077  -6.652  1.00 9.13  ? 28   LEU A CA  1 
ATOM   183 C C   . LEU A 1 26 ? 3.034   -3.705  -6.978  1.00 10.28 ? 28   LEU A C   1 
ATOM   184 O O   . LEU A 1 26 ? 1.957   -3.329  -6.445  1.00 9.53  ? 28   LEU A O   1 
ATOM   185 C CB  . LEU A 1 26 ? 4.443   -5.022  -5.395  1.00 10.92 ? 28   LEU A CB  1 
ATOM   186 C CG  . LEU A 1 26 ? 4.929   -6.386  -4.858  1.00 11.82 ? 28   LEU A CG  1 
ATOM   187 C CD1 . LEU A 1 26 ? 5.780   -6.155  -3.618  1.00 15.12 ? 28   LEU A CD1 1 
ATOM   188 C CD2 . LEU A 1 26 ? 3.764   -7.322  -4.554  1.00 16.41 ? 28   LEU A CD2 1 
ATOM   189 N N   . VAL A 1 27 ? 3.751   -2.944  -7.803  1.00 10.13 ? 29   VAL A N   1 
ATOM   190 C CA  . VAL A 1 27 ? 3.297   -1.578  -8.099  1.00 9.73  ? 29   VAL A CA  1 
ATOM   191 C C   . VAL A 1 27 ? 2.109   -1.594  -9.047  1.00 10.73 ? 29   VAL A C   1 
ATOM   192 O O   . VAL A 1 27 ? 1.137   -0.872  -8.849  1.00 9.91  ? 29   VAL A O   1 
ATOM   193 C CB  . VAL A 1 27 ? 4.486   -0.756  -8.653  1.00 11.49 ? 29   VAL A CB  1 
ATOM   194 C CG1 . VAL A 1 27 ? 4.005   0.603   -9.109  1.00 12.52 ? 29   VAL A CG1 1 
ATOM   195 C CG2 . VAL A 1 27 ? 5.557   -0.600  -7.610  1.00 12.71 ? 29   VAL A CG2 1 
ATOM   196 N N   . GLU A 1 28 ? 2.194   -2.424  -10.080 1.00 9.86  ? 30   GLU A N   1 
ATOM   197 C CA  . GLU A 1 28 ? 1.048   -2.519  -10.957 1.00 11.35 ? 30   GLU A CA  1 
ATOM   198 C C   . GLU A 1 28 ? -0.168  -3.029  -10.193 1.00 9.80  ? 30   GLU A C   1 
ATOM   199 O O   . GLU A 1 28 ? -1.293  -2.561  -10.395 1.00 9.38  ? 30   GLU A O   1 
ATOM   200 C CB  . GLU A 1 28 ? 1.322   -3.483  -12.092 1.00 12.36 ? 30   GLU A CB  1 
ATOM   201 C CG  . GLU A 1 28 ? 0.122   -3.582  -13.046 1.00 21.40 ? 30   GLU A CG  1 
ATOM   202 C CD  . GLU A 1 28 ? -0.584  -2.207  -13.352 1.00 29.44 ? 30   GLU A CD  1 
ATOM   203 O OE1 . GLU A 1 28 ? -1.833  -2.036  -13.113 1.00 29.56 ? 30   GLU A OE1 1 
ATOM   204 O OE2 . GLU A 1 28 ? 0.113   -1.285  -13.837 1.00 32.48 ? 30   GLU A OE2 1 
ATOM   205 N N   . PHE A 1 29 ? 0.056   -3.995  -9.287  1.00 9.42  ? 31   PHE A N   1 
ATOM   206 C CA  . PHE A 1 29 ? -1.100  -4.494  -8.485  1.00 9.23  ? 31   PHE A CA  1 
ATOM   207 C C   . PHE A 1 29 ? -1.681  -3.350  -7.626  1.00 8.98  ? 31   PHE A C   1 
ATOM   208 O O   . PHE A 1 29 ? -2.900  -3.276  -7.486  1.00 9.61  ? 31   PHE A O   1 
ATOM   209 C CB  . PHE A 1 29 ? -0.639  -5.682  -7.622  1.00 9.29  ? 31   PHE A CB  1 
ATOM   210 C CG  . PHE A 1 29 ? -1.735  -6.475  -6.993  1.00 9.27  ? 31   PHE A CG  1 
ATOM   211 C CD1 . PHE A 1 29 ? -2.396  -7.482  -7.700  1.00 9.81  ? 31   PHE A CD1 1 
ATOM   212 C CD2 . PHE A 1 29 ? -2.060  -6.276  -5.657  1.00 10.07 ? 31   PHE A CD2 1 
ATOM   213 C CE1 . PHE A 1 29 ? -3.345  -8.263  -7.117  1.00 11.13 ? 31   PHE A CE1 1 
ATOM   214 C CE2 . PHE A 1 29 ? -3.040  -7.085  -5.053  1.00 10.89 ? 31   PHE A CE2 1 
ATOM   215 C CZ  . PHE A 1 29 ? -3.679  -8.070  -5.801  1.00 10.65 ? 31   PHE A CZ  1 
ATOM   216 N N   . ALA A 1 30 ? -0.820  -2.495  -7.071  1.00 8.52  ? 32   ALA A N   1 
ATOM   217 C CA  . ALA A 1 30 ? -1.299  -1.329  -6.283  1.00 8.09  ? 32   ALA A CA  1 
ATOM   218 C C   . ALA A 1 30 ? -2.096  -0.392  -7.169  1.00 8.98  ? 32   ALA A C   1 
ATOM   219 O O   . ALA A 1 30 ? -3.141  0.104   -6.734  1.00 8.73  ? 32   ALA A O   1 
ATOM   220 C CB  . ALA A 1 30 ? -0.122  -0.609  -5.611  1.00 8.11  ? 32   ALA A CB  1 
ATOM   221 N N   . VAL A 1 31 ? -1.602  -0.072  -8.364  1.00 8.83  ? 33   VAL A N   1 
ATOM   222 C CA  . VAL A 1 31 ? -2.422  0.826   -9.215  1.00 9.59  ? 33   VAL A CA  1 
ATOM   223 C C   . VAL A 1 31 ? -3.823  0.211   -9.397  1.00 10.10 ? 33   VAL A C   1 
ATOM   224 O O   . VAL A 1 31 ? -4.842  0.923   -9.268  1.00 10.01 ? 33   VAL A O   1 
ATOM   225 C CB  . VAL A 1 31 ? -1.741  1.042   -10.569 1.00 9.31  ? 33   VAL A CB  1 
ATOM   226 C CG1 . VAL A 1 31 ? -2.624  1.887   -11.482 1.00 10.84 ? 33   VAL A CG1 1 
ATOM   227 C CG2 . VAL A 1 31 ? -0.410  1.790   -10.370 1.00 11.35 ? 33   VAL A CG2 1 
ATOM   228 N N   . GLU A 1 32 ? -3.873  -1.067  -9.734  1.00 9.35  ? 34   GLU A N   1 
ATOM   229 C CA  . GLU A 1 32 ? -5.196  -1.688  -9.992  1.00 9.15  ? 34   GLU A CA  1 
ATOM   230 C C   . GLU A 1 32 ? -6.056  -1.705  -8.722  1.00 9.16  ? 34   GLU A C   1 
ATOM   231 O O   . GLU A 1 32 ? -7.226  -1.341  -8.770  1.00 9.43  ? 34   GLU A O   1 
ATOM   232 C CB  . GLU A 1 32 ? -4.986  -3.133  -10.473 1.00 11.20 ? 34   GLU A CB  1 
ATOM   233 C CG  . GLU A 1 32 ? -6.285  -3.828  -10.780 1.00 15.55 ? 34   GLU A CG  1 
ATOM   234 C CD  . GLU A 1 32 ? -6.893  -3.522  -12.106 1.00 25.20 ? 34   GLU A CD  1 
ATOM   235 O OE1 . GLU A 1 32 ? -6.401  -2.641  -12.864 1.00 25.90 ? 34   GLU A OE1 1 
ATOM   236 O OE2 . GLU A 1 32 ? -7.878  -4.243  -12.399 1.00 24.55 ? 34   GLU A OE2 1 
ATOM   237 N N   . TYR A 1 33 ? -5.461  -2.086  -7.600  1.00 8.31  ? 35   TYR A N   1 
ATOM   238 C CA  . TYR A 1 33 ? -6.260  -2.196  -6.368  1.00 7.53  ? 35   TYR A CA  1 
ATOM   239 C C   . TYR A 1 33 ? -6.832  -0.847  -5.949  1.00 8.40  ? 35   TYR A C   1 
ATOM   240 O O   . TYR A 1 33 ? -8.047  -0.730  -5.685  1.00 8.46  ? 35   TYR A O   1 
ATOM   241 C CB  . TYR A 1 33 ? -5.322  -2.750  -5.255  1.00 8.83  ? 35   TYR A CB  1 
ATOM   242 C CG  . TYR A 1 33 ? -6.000  -2.928  -3.895  1.00 8.14  ? 35   TYR A CG  1 
ATOM   243 C CD1 . TYR A 1 33 ? -6.676  -4.103  -3.600  1.00 9.52  ? 35   TYR A CD1 1 
ATOM   244 C CD2 . TYR A 1 33 ? -6.049  -1.884  -3.008  1.00 8.88  ? 35   TYR A CD2 1 
ATOM   245 C CE1 . TYR A 1 33 ? -7.321  -4.259  -2.435  1.00 9.78  ? 35   TYR A CE1 1 
ATOM   246 C CE2 . TYR A 1 33 ? -6.742  -1.993  -1.833  1.00 8.15  ? 35   TYR A CE2 1 
ATOM   247 C CZ  . TYR A 1 33 ? -7.394  -3.179  -1.548  1.00 7.98  ? 35   TYR A CZ  1 
ATOM   248 O OH  . TYR A 1 33 ? -8.133  -3.330  -0.386  1.00 9.26  ? 35   TYR A OH  1 
ATOM   249 N N   . PHE A 1 34 ? -5.997  0.203   -5.904  1.00 7.78  ? 36   PHE A N   1 
ATOM   250 C CA  . PHE A 1 34 ? -6.522  1.465   -5.423  1.00 8.79  ? 36   PHE A CA  1 
ATOM   251 C C   . PHE A 1 34 ? -7.406  2.143   -6.467  1.00 9.70  ? 36   PHE A C   1 
ATOM   252 O O   . PHE A 1 34 ? -8.335  2.871   -6.068  1.00 9.87  ? 36   PHE A O   1 
ATOM   253 C CB  . PHE A 1 34 ? -5.385  2.375   -4.989  1.00 8.77  ? 36   PHE A CB  1 
ATOM   254 C CG  . PHE A 1 34 ? -4.727  1.855   -3.739  1.00 8.56  ? 36   PHE A CG  1 
ATOM   255 C CD1 . PHE A 1 34 ? -5.419  1.912   -2.521  1.00 10.51 ? 36   PHE A CD1 1 
ATOM   256 C CD2 . PHE A 1 34 ? -3.472  1.250   -3.766  1.00 10.53 ? 36   PHE A CD2 1 
ATOM   257 C CE1 . PHE A 1 34 ? -4.872  1.351   -1.348  1.00 12.26 ? 36   PHE A CE1 1 
ATOM   258 C CE2 . PHE A 1 34 ? -2.924  0.718   -2.583  1.00 12.57 ? 36   PHE A CE2 1 
ATOM   259 C CZ  . PHE A 1 34 ? -3.646  0.790   -1.397  1.00 13.63 ? 36   PHE A CZ  1 
ATOM   260 N N   . THR A 1 35 ? -7.179  1.890   -7.759  1.00 9.43  ? 37   THR A N   1 
ATOM   261 C CA  . THR A 1 35 ? -8.111  2.410   -8.765  1.00 9.12  ? 37   THR A CA  1 
ATOM   262 C C   . THR A 1 35 ? -9.494  1.775   -8.590  1.00 10.46 ? 37   THR A C   1 
ATOM   263 O O   . THR A 1 35 ? -10.513 2.466   -8.661  1.00 10.09 ? 37   THR A O   1 
ATOM   264 C CB  . THR A 1 35 ? -7.560  2.132   -10.182 1.00 9.88  ? 37   THR A CB  1 
ATOM   265 O OG1 . THR A 1 35 ? -6.353  2.887   -10.362 1.00 10.01 ? 37   THR A OG1 1 
ATOM   266 C CG2 . THR A 1 35 ? -8.545  2.592   -11.239 1.00 10.74 ? 37   THR A CG2 1 
ATOM   267 N N   . ARG A 1 36 ? -9.539  0.469   -8.344  1.00 9.09  ? 38   ARG A N   1 
ATOM   268 C CA  . ARG A 1 36 ? -10.816 -0.194  -8.166  1.00 9.70  ? 38   ARG A CA  1 
ATOM   269 C C   . ARG A 1 36 ? -11.466 0.199   -6.848  1.00 9.64  ? 38   ARG A C   1 
ATOM   270 O O   . ARG A 1 36 ? -12.704 0.319   -6.773  1.00 10.38 ? 38   ARG A O   1 
ATOM   271 C CB  . ARG A 1 36 ? -10.609 -1.703  -8.283  1.00 11.24 ? 38   ARG A CB  1 
ATOM   272 C CG  . ARG A 1 36 ? -10.503 -2.037  -9.794  1.00 14.11 ? 38   ARG A CG  1 
ATOM   273 C CD  . ARG A 1 36 ? -10.043 -3.358  -10.119 1.00 15.41 ? 38   ARG A CD  1 
ATOM   274 N NE  . ARG A 1 36 ? -10.964 -4.406  -9.730  1.00 13.14 ? 38   ARG A NE  1 
ATOM   275 C CZ  . ARG A 1 36 ? -10.710 -5.665  -10.040 1.00 11.94 ? 38   ARG A CZ  1 
ATOM   276 N NH1 . ARG A 1 36 ? -9.643  -5.991  -10.793 1.00 15.32 ? 38   ARG A NH1 1 
ATOM   277 N NH2 . ARG A 1 36 ? -11.495 -6.599  -9.622  1.00 11.97 ? 38   ARG A NH2 1 
ATOM   278 N N   . LEU A 1 37 ? -10.674 0.453   -5.801  1.00 9.03  ? 39   LEU A N   1 
ATOM   279 C CA  . LEU A 1 37 ? -11.262 0.948   -4.560  1.00 9.93  ? 39   LEU A CA  1 
ATOM   280 C C   . LEU A 1 37 ? -11.845 2.346   -4.757  1.00 10.18 ? 39   LEU A C   1 
ATOM   281 O O   . LEU A 1 37 ? -12.940 2.637   -4.232  1.00 11.72 ? 39   LEU A O   1 
ATOM   282 C CB  . LEU A 1 37 ? -10.189 0.907   -3.468  1.00 10.73 ? 39   LEU A CB  1 
ATOM   283 C CG  . LEU A 1 37 ? -10.622 1.259   -2.068  1.00 10.46 ? 39   LEU A CG  1 
ATOM   284 C CD1 . LEU A 1 37 ? -11.811 0.372   -1.565  1.00 14.28 ? 39   LEU A CD1 1 
ATOM   285 C CD2 . LEU A 1 37 ? -9.423  1.133   -1.092  1.00 12.25 ? 39   LEU A CD2 1 
ATOM   286 N N   . ARG A 1 38 ? -11.126 3.202   -5.478  1.00 9.77  ? 40   ARG A N   1 
ATOM   287 C CA  . ARG A 1 38 ? -11.653 4.542   -5.759  1.00 11.29 ? 40   ARG A CA  1 
ATOM   288 C C   . ARG A 1 38 ? -12.932 4.446   -6.569  1.00 10.88 ? 40   ARG A C   1 
ATOM   289 O O   . ARG A 1 38 ? -13.882 5.204   -6.302  1.00 11.82 ? 40   ARG A O   1 
ATOM   290 C CB  . ARG A 1 38 ? -10.604 5.326   -6.536  1.00 11.68 ? 40   ARG A CB  1 
ATOM   291 C CG  . ARG A 1 38 ? -10.988 6.797   -6.742  1.00 13.68 ? 40   ARG A CG  1 
ATOM   292 C CD  . ARG A 1 38 ? -9.944  7.559   -7.562  1.00 14.22 ? 40   ARG A CD  1 
ATOM   293 N NE  . ARG A 1 38 ? -9.781  7.029   -8.923  1.00 15.20 ? 40   ARG A NE  1 
ATOM   294 C CZ  . ARG A 1 38 ? -8.880  7.477   -9.786  1.00 16.50 ? 40   ARG A CZ  1 
ATOM   295 N NH1 . ARG A 1 38 ? -8.809  6.939   -11.005 1.00 18.27 ? 40   ARG A NH1 1 
ATOM   296 N NH2 . ARG A 1 38 ? -8.083  8.496   -9.441  1.00 18.18 ? 40   ARG A NH2 1 
ATOM   297 N N   . GLU A 1 39 ? -12.993 3.523   -7.543  1.00 10.99 ? 41   GLU A N   1 
ATOM   298 C CA  . GLU A 1 39 ? -14.218 3.350   -8.360  1.00 13.42 ? 41   GLU A CA  1 
ATOM   299 C C   . GLU A 1 39 ? -15.373 2.897   -7.452  1.00 12.92 ? 41   GLU A C   1 
ATOM   300 O O   . GLU A 1 39 ? -16.535 3.378   -7.575  1.00 13.12 ? 41   GLU A O   1 
ATOM   301 C CB  . GLU A 1 39 ? -13.947 2.292   -9.433  1.00 13.43 ? 41   GLU A CB  1 
ATOM   302 C CG  . GLU A 1 39 ? -15.060 1.974   -10.464 1.00 17.21 ? 41   GLU A CG  1 
ATOM   303 C CD  . GLU A 1 39 ? -14.680 0.786   -11.394 1.00 18.91 ? 41   GLU A CD  1 
ATOM   304 O OE1 . GLU A 1 39 ? -13.614 0.160   -11.194 1.00 27.63 ? 41   GLU A OE1 1 
ATOM   305 O OE2 . GLU A 1 39 ? -15.446 0.498   -12.336 1.00 27.52 ? 41   GLU A OE2 1 
ATOM   306 N N   . ALA A 1 40 ? -15.110 1.940   -6.541  1.00 11.87 ? 42   ALA A N   1 
ATOM   307 C CA  . ALA A 1 40 ? -16.184 1.353   -5.689  1.00 13.77 ? 42   ALA A CA  1 
ATOM   308 C C   . ALA A 1 40 ? -16.756 2.425   -4.775  1.00 14.62 ? 42   ALA A C   1 
ATOM   309 O O   . ALA A 1 40 ? -17.972 2.491   -4.523  1.00 17.19 ? 42   ALA A O   1 
ATOM   310 C CB  . ALA A 1 40 ? -15.612 0.159   -4.884  1.00 12.91 ? 42   ALA A CB  1 
ATOM   311 N N   . ARG A 1 41 ? -15.868 3.253   -4.239  1.00 16.30 ? 43   ARG A N   1 
ATOM   312 C CA  . ARG A 1 41 ? -16.246 4.384   -3.404  1.00 18.49 ? 43   ARG A CA  1 
ATOM   313 C C   . ARG A 1 41 ? -17.007 5.409   -4.258  1.00 18.47 ? 43   ARG A C   1 
ATOM   314 O O   . ARG A 1 41 ? -17.848 6.141   -3.717  1.00 24.15 ? 43   ARG A O   1 
ATOM   315 C CB  . ARG A 1 41 ? -14.950 4.971   -2.805  1.00 19.00 ? 43   ARG A CB  1 
ATOM   316 C CG  . ARG A 1 41 ? -15.144 6.057   -1.778  1.00 21.67 ? 43   ARG A CG  1 
ATOM   317 C CD  . ARG A 1 41 ? -13.774 6.589   -1.357  1.00 24.29 ? 43   ARG A CD  1 
ATOM   318 N NE  . ARG A 1 41 ? -13.153 7.364   -2.421  1.00 22.79 ? 43   ARG A NE  1 
ATOM   319 C CZ  . ARG A 1 41 ? -12.026 8.055   -2.239  1.00 18.60 ? 43   ARG A CZ  1 
ATOM   320 N NH1 . ARG A 1 41 ? -11.435 8.055   -1.036  1.00 19.73 ? 43   ARG A NH1 1 
ATOM   321 N NH2 . ARG A 1 41 ? -11.526 8.754   -3.249  1.00 20.55 ? 43   ARG A NH2 1 
ATOM   322 N N   . ILE B 1 1  ? 3.055   -18.603 4.511   1.00 24.96 ? 3    ILE B N   1 
ATOM   323 C CA  . ILE B 1 1  ? 2.739   -17.708 3.363   1.00 23.00 ? 3    ILE B CA  1 
ATOM   324 C C   . ILE B 1 1  ? 4.009   -17.043 2.797   1.00 20.85 ? 3    ILE B C   1 
ATOM   325 O O   . ILE B 1 1  ? 4.895   -16.600 3.540   1.00 21.97 ? 3    ILE B O   1 
ATOM   326 C CB  . ILE B 1 1  ? 1.504   -16.746 3.667   1.00 25.54 ? 3    ILE B CB  1 
ATOM   327 C CG1 . ILE B 1 1  ? 1.693   -15.320 3.186   1.00 25.03 ? 3    ILE B CG1 1 
ATOM   328 C CG2 . ILE B 1 1  ? 0.748   -17.040 4.975   1.00 26.08 ? 3    ILE B CG2 1 
ATOM   329 C CD1 . ILE B 1 1  ? 1.628   -15.231 1.677   1.00 34.36 ? 3    ILE B CD1 1 
ATOM   330 N N   . GLN B 1 2  ? 4.145   -17.017 1.472   1.00 17.42 ? 4    GLN B N   1 
ATOM   331 C CA  . GLN B 1 2  ? 5.294   -16.394 0.846   1.00 19.82 ? 4    GLN B CA  1 
ATOM   332 C C   . GLN B 1 2  ? 5.130   -14.857 0.952   1.00 16.24 ? 4    GLN B C   1 
ATOM   333 O O   . GLN B 1 2  ? 4.077   -14.298 0.624   1.00 16.15 ? 4    GLN B O   1 
ATOM   334 C CB  . GLN B 1 2  ? 5.407   -16.793 -0.646  1.00 18.26 ? 4    GLN B CB  1 
ATOM   335 C CG  . GLN B 1 2  ? 5.742   -18.239 -1.006  1.00 26.13 ? 4    GLN B CG  1 
ATOM   336 C CD  . GLN B 1 2  ? 5.717   -18.406 -2.547  1.00 24.98 ? 4    GLN B CD  1 
ATOM   337 O OE1 . GLN B 1 2  ? 5.134   -17.556 -3.281  1.00 36.75 ? 4    GLN B OE1 1 
ATOM   338 N NE2 . GLN B 1 2  ? 6.336   -19.481 -3.043  1.00 35.98 ? 4    GLN B NE2 1 
ATOM   339 N N   . ILE B 1 3  ? 6.154   -14.177 1.405   1.00 15.78 ? 5    ILE B N   1 
ATOM   340 C CA  . ILE B 1 3  ? 6.064   -12.740 1.477   1.00 16.12 ? 5    ILE B CA  1 
ATOM   341 C C   . ILE B 1 3  ? 6.880   -12.163 0.306   1.00 15.87 ? 5    ILE B C   1 
ATOM   342 O O   . ILE B 1 3  ? 8.099   -12.394 0.207   1.00 17.11 ? 5    ILE B O   1 
ATOM   343 C CB  . ILE B 1 3  ? 6.523   -12.230 2.848   1.00 16.99 ? 5    ILE B CB  1 
ATOM   344 C CG1 . ILE B 1 3  ? 5.619   -12.824 3.971   1.00 17.29 ? 5    ILE B CG1 1 
ATOM   345 C CG2 . ILE B 1 3  ? 6.464   -10.696 2.887   1.00 18.30 ? 5    ILE B CG2 1 
ATOM   346 C CD1 . ILE B 1 3  ? 6.200   -12.604 5.356   1.00 20.11 ? 5    ILE B CD1 1 
ATOM   347 N N   . PRO B 1 4  ? 6.201   -11.488 -0.651  1.00 16.24 ? 6    PRO B N   1 
ATOM   348 C CA  . PRO B 1 4  ? 6.862   -10.984 -1.832  1.00 16.93 ? 6    PRO B CA  1 
ATOM   349 C C   . PRO B 1 4  ? 7.991   -10.056 -1.439  1.00 16.34 ? 6    PRO B C   1 
ATOM   350 O O   . PRO B 1 4  ? 7.853   -9.149  -0.581  1.00 16.07 ? 6    PRO B O   1 
ATOM   351 C CB  . PRO B 1 4  ? 5.732   -10.224 -2.555  1.00 17.50 ? 6    PRO B CB  1 
ATOM   352 C CG  . PRO B 1 4  ? 4.490   -11.030 -2.220  1.00 16.51 ? 6    PRO B CG  1 
ATOM   353 C CD  . PRO B 1 4  ? 4.736   -11.268 -0.720  1.00 16.53 ? 6    PRO B CD  1 
ATOM   354 N N   . PRO B 1 5  ? 9.114   -10.182 -2.138  1.00 16.61 ? 7    PRO B N   1 
ATOM   355 C CA  . PRO B 1 5  ? 10.221  -9.257  -1.973  1.00 16.72 ? 7    PRO B CA  1 
ATOM   356 C C   . PRO B 1 5  ? 9.782   -7.814  -2.359  1.00 15.10 ? 7    PRO B C   1 
ATOM   357 O O   . PRO B 1 5  ? 9.024   -7.611  -3.339  1.00 16.63 ? 7    PRO B O   1 
ATOM   358 C CB  . PRO B 1 5  ? 11.280  -9.746  -2.969  1.00 18.37 ? 7    PRO B CB  1 
ATOM   359 C CG  . PRO B 1 5  ? 10.631  -10.790 -3.763  1.00 20.16 ? 7    PRO B CG  1 
ATOM   360 C CD  . PRO B 1 5  ? 9.392   -11.263 -3.111  1.00 17.72 ? 7    PRO B CD  1 
ATOM   361 N N   . GLY B 1 6  ? 10.206  -6.855  -1.555  1.00 13.22 ? 8    GLY B N   1 
ATOM   362 C CA  . GLY B 1 6  ? 9.958   -5.451  -1.851  1.00 12.35 ? 8    GLY B CA  1 
ATOM   363 C C   . GLY B 1 6  ? 8.637   -4.970  -1.284  1.00 12.46 ? 8    GLY B C   1 
ATOM   364 O O   . GLY B 1 6  ? 8.322   -3.792  -1.384  1.00 11.80 ? 8    GLY B O   1 
ATOM   365 N N   . LEU B 1 7  ? 7.875   -5.826  -0.611  1.00 9.83  ? 9    LEU B N   1 
ATOM   366 C CA  . LEU B 1 7  ? 6.567   -5.378  -0.091  1.00 10.07 ? 9    LEU B CA  1 
ATOM   367 C C   . LEU B 1 7  ? 6.717   -4.323  1.009   1.00 9.90  ? 9    LEU B C   1 
ATOM   368 O O   . LEU B 1 7  ? 6.053   -3.264  0.969   1.00 9.14  ? 9    LEU B O   1 
ATOM   369 C CB  . LEU B 1 7  ? 5.783   -6.578  0.427   1.00 9.12  ? 9    LEU B CB  1 
ATOM   370 C CG  . LEU B 1 7  ? 4.413   -6.273  1.088   1.00 10.28 ? 9    LEU B CG  1 
ATOM   371 C CD1 . LEU B 1 7  ? 3.487   -5.497  0.195   1.00 11.08 ? 9    LEU B CD1 1 
ATOM   372 C CD2 . LEU B 1 7  ? 3.757   -7.545  1.523   1.00 11.29 ? 9    LEU B CD2 1 
ATOM   373 N N   . THR B 1 8  ? 7.586   -4.553  2.016   1.00 9.62  ? 10   THR B N   1 
ATOM   374 C CA  . THR B 1 8  ? 7.689   -3.562  3.093   1.00 10.08 ? 10   THR B CA  1 
ATOM   375 C C   . THR B 1 8  ? 8.231   -2.263  2.516   1.00 9.43  ? 10   THR B C   1 
ATOM   376 O O   . THR B 1 8  ? 7.747   -1.199  2.866   1.00 10.09 ? 10   THR B O   1 
ATOM   377 C CB  . THR B 1 8  ? 8.646   -4.084  4.196   1.00 11.58 ? 10   THR B CB  1 
ATOM   378 O OG1 . THR B 1 8  ? 8.042   -5.218  4.837   1.00 14.30 ? 10   THR B OG1 1 
ATOM   379 C CG2 . THR B 1 8  ? 8.835   -3.055  5.272   1.00 12.55 ? 10   THR B CG2 1 
ATOM   380 N N   . GLU B 1 9  ? 9.212   -2.329  1.618   1.00 10.27 ? 11   GLU B N   1 
ATOM   381 C CA  . GLU B 1 9  ? 9.752   -1.100  1.062   1.00 10.48 ? 11   GLU B CA  1 
ATOM   382 C C   . GLU B 1 9  ? 8.736   -0.292  0.266   1.00 10.40 ? 11   GLU B C   1 
ATOM   383 O O   . GLU B 1 9  ? 8.696   0.963   0.347   1.00 10.48 ? 11   GLU B O   1 
ATOM   384 C CB  . GLU B 1 9  ? 10.959  -1.458  0.191   1.00 12.78 ? 11   GLU B CB  1 
ATOM   385 C CG  . GLU B 1 9  ? 12.124  -2.072  0.988   1.00 19.03 ? 11   GLU B CG  1 
ATOM   386 C CD  . GLU B 1 9  ? 12.096  -3.624  1.137   1.00 23.24 ? 11   GLU B CD  1 
ATOM   387 O OE1 . GLU B 1 9  ? 11.060  -4.323  0.956   1.00 18.65 ? 11   GLU B OE1 1 
ATOM   388 O OE2 . GLU B 1 9  ? 13.184  -4.178  1.468   1.00 27.47 ? 11   GLU B OE2 1 
ATOM   389 N N   . LEU B 1 10 ? 7.861   -0.992  -0.438  1.00 9.72  ? 12   LEU B N   1 
ATOM   390 C CA  . LEU B 1 10 ? 6.812   -0.324  -1.200  1.00 11.24 ? 12   LEU B CA  1 
ATOM   391 C C   . LEU B 1 10 ? 5.853   0.415   -0.254  1.00 10.25 ? 12   LEU B C   1 
ATOM   392 O O   . LEU B 1 10 ? 5.474   1.582   -0.486  1.00 10.23 ? 12   LEU B O   1 
ATOM   393 C CB  . LEU B 1 10 ? 6.068   -1.338  -2.089  1.00 11.61 ? 12   LEU B CB  1 
ATOM   394 C CG  . LEU B 1 10 ? 4.843   -0.845  -2.884  1.00 13.37 ? 12   LEU B CG  1 
ATOM   395 C CD1 . LEU B 1 10 ? 4.531   -1.772  -4.014  1.00 17.64 ? 12   LEU B CD1 1 
ATOM   396 C CD2 . LEU B 1 10 ? 3.557   -0.962  -2.005  1.00 17.67 ? 12   LEU B CD2 1 
ATOM   397 N N   . LEU B 1 11 ? 5.442   -0.277  0.821   1.00 8.33  ? 13   LEU B N   1 
ATOM   398 C CA  . LEU B 1 11 ? 4.481   0.315   1.729   1.00 8.80  ? 13   LEU B CA  1 
ATOM   399 C C   . LEU B 1 11 ? 5.134   1.494   2.444   1.00 9.06  ? 13   LEU B C   1 
ATOM   400 O O   . LEU B 1 11 ? 4.493   2.518   2.719   1.00 9.46  ? 13   LEU B O   1 
ATOM   401 C CB  . LEU B 1 11 ? 4.098   -0.765  2.747   1.00 9.05  ? 13   LEU B CB  1 
ATOM   402 C CG  . LEU B 1 11 ? 3.250   -1.907  2.174   1.00 9.09  ? 13   LEU B CG  1 
ATOM   403 C CD1 . LEU B 1 11 ? 3.206   -2.976  3.268   1.00 9.78  ? 13   LEU B CD1 1 
ATOM   404 C CD2 . LEU B 1 11 ? 1.815   -1.546  1.750   1.00 10.81 ? 13   LEU B CD2 1 
ATOM   405 N N   . GLN B 1 12 ? 6.415   1.337   2.805   1.00 9.48  ? 14   GLN B N   1 
ATOM   406 C CA  . GLN B 1 12 ? 7.155   2.426   3.463   1.00 11.46 ? 14   GLN B CA  1 
ATOM   407 C C   . GLN B 1 12 ? 7.262   3.669   2.584   1.00 10.38 ? 14   GLN B C   1 
ATOM   408 O O   . GLN B 1 12 ? 7.115   4.783   3.081   1.00 9.58  ? 14   GLN B O   1 
ATOM   409 C CB  . GLN B 1 12 ? 8.555   1.931   3.810   1.00 12.69 ? 14   GLN B CB  1 
ATOM   410 C CG  . GLN B 1 12 ? 9.285   2.766   4.833   1.00 15.14 ? 14   GLN B CG  1 
ATOM   411 C CD  . GLN B 1 12 ? 10.562  2.096   5.292   1.00 20.09 ? 14   GLN B CD  1 
ATOM   412 O OE1 . GLN B 1 12 ? 10.696  0.878   5.182   1.00 22.44 ? 14   GLN B OE1 1 
ATOM   413 N NE2 . GLN B 1 12 ? 11.506  2.895   5.812   1.00 26.23 ? 14   GLN B NE2 1 
ATOM   414 N N   . GLY B 1 13 ? 7.533   3.487   1.295   1.00 10.22 ? 15   GLY B N   1 
ATOM   415 C CA  . GLY B 1 13 ? 7.743   4.673   0.432   1.00 10.65 ? 15   GLY B CA  1 
ATOM   416 C C   . GLY B 1 13 ? 6.442   5.474   0.281   1.00 10.46 ? 15   GLY B C   1 
ATOM   417 O O   . GLY B 1 13 ? 6.473   6.715   0.314   1.00 10.84 ? 15   GLY B O   1 
ATOM   418 N N   . TYR B 1 14 ? 5.315   4.759   0.163   1.00 9.17  ? 16   TYR B N   1 
ATOM   419 C CA  . TYR B 1 14 ? 4.041   5.441   0.129   1.00 8.71  ? 16   TYR B CA  1 
ATOM   420 C C   . TYR B 1 14 ? 3.778   6.172   1.410   1.00 8.66  ? 16   TYR B C   1 
ATOM   421 O O   . TYR B 1 14 ? 3.387   7.358   1.413   1.00 9.52  ? 16   TYR B O   1 
ATOM   422 C CB  . TYR B 1 14 ? 2.923   4.424   -0.170  1.00 9.33  ? 16   TYR B CB  1 
ATOM   423 C CG  . TYR B 1 14 ? 1.500   4.931   0.032   1.00 8.92  ? 16   TYR B CG  1 
ATOM   424 C CD1 . TYR B 1 14 ? 0.837   5.725   -0.950  1.00 9.86  ? 16   TYR B CD1 1 
ATOM   425 C CD2 . TYR B 1 14 ? 0.815   4.606   1.183   1.00 9.77  ? 16   TYR B CD2 1 
ATOM   426 C CE1 . TYR B 1 14 ? -0.452  6.180   -0.704  1.00 9.79  ? 16   TYR B CE1 1 
ATOM   427 C CE2 . TYR B 1 14 ? -0.483  5.041   1.378   1.00 9.98  ? 16   TYR B CE2 1 
ATOM   428 C CZ  . TYR B 1 14 ? -1.091  5.834   0.436   1.00 9.12  ? 16   TYR B CZ  1 
ATOM   429 O OH  . TYR B 1 14 ? -2.384  6.270   0.679   1.00 11.27 ? 16   TYR B OH  1 
ATOM   430 N N   . THR B 1 15 ? 4.048   5.509   2.555   1.00 9.34  ? 17   THR B N   1 
ATOM   431 C CA  . THR B 1 15 ? 3.809   6.131   3.839   1.00 9.50  ? 17   THR B CA  1 
ATOM   432 C C   . THR B 1 15 ? 4.689   7.389   3.986   1.00 8.36  ? 17   THR B C   1 
ATOM   433 O O   . THR B 1 15 ? 4.222   8.409   4.504   1.00 9.65  ? 17   THR B O   1 
ATOM   434 C CB  . THR B 1 15 ? 4.059   5.119   4.953   1.00 9.77  ? 17   THR B CB  1 
ATOM   435 O OG1 . THR B 1 15 ? 3.129   4.033   4.788   1.00 10.95 ? 17   THR B OG1 1 
ATOM   436 C CG2 . THR B 1 15 ? 3.841   5.787   6.324   1.00 11.37 ? 17   THR B CG2 1 
ATOM   437 N N   . VAL B 1 16 ? 5.955   7.357   3.575   1.00 9.73  ? 18   VAL B N   1 
ATOM   438 C CA  . VAL B 1 16 ? 6.805   8.525   3.722   1.00 10.24 ? 18   VAL B CA  1 
ATOM   439 C C   . VAL B 1 16 ? 6.158   9.703   2.977   1.00 10.10 ? 18   VAL B C   1 
ATOM   440 O O   . VAL B 1 16 ? 6.119   10.844  3.533   1.00 10.15 ? 18   VAL B O   1 
ATOM   441 C CB  . VAL B 1 16 ? 8.201   8.233   3.118   1.00 10.30 ? 18   VAL B CB  1 
ATOM   442 C CG1 . VAL B 1 16 ? 8.975   9.573   2.922   1.00 12.92 ? 18   VAL B CG1 1 
ATOM   443 C CG2 . VAL B 1 16 ? 8.996   7.319   4.054   1.00 13.05 ? 18   VAL B CG2 1 
ATOM   444 N N   . GLU B 1 17 ? 5.660   9.502   1.751   1.00 10.43 ? 19   GLU B N   1 
ATOM   445 C CA  . GLU B 1 17 ? 5.060   10.622  1.015   1.00 9.73  ? 19   GLU B CA  1 
ATOM   446 C C   . GLU B 1 17 ? 3.701   11.034  1.592   1.00 10.29 ? 19   GLU B C   1 
ATOM   447 O O   . GLU B 1 17 ? 3.369   12.204  1.588   1.00 10.09 ? 19   GLU B O   1 
ATOM   448 C CB  . GLU B 1 17 ? 5.004   10.363  -0.467  1.00 9.36  ? 19   GLU B CB  1 
ATOM   449 C CG  . GLU B 1 17 ? 6.372   10.494  -1.122  1.00 10.31 ? 19   GLU B CG  1 
ATOM   450 C CD  . GLU B 1 17 ? 6.955   11.907  -1.048  1.00 10.78 ? 19   GLU B CD  1 
ATOM   451 O OE1 . GLU B 1 17 ? 6.198   12.874  -0.879  1.00 11.71 ? 19   GLU B OE1 1 
ATOM   452 O OE2 . GLU B 1 17 ? 8.208   12.073  -1.086  1.00 11.10 ? 19   GLU B OE2 1 
ATOM   453 N N   . VAL B 1 18 ? 2.921   10.080  2.142   1.00 9.52  ? 20   VAL B N   1 
ATOM   454 C CA  . VAL B 1 18 ? 1.721   10.491  2.860   1.00 9.43  ? 20   VAL B CA  1 
ATOM   455 C C   . VAL B 1 18 ? 2.071   11.381  4.051   1.00 10.67 ? 20   VAL B C   1 
ATOM   456 O O   . VAL B 1 18 ? 1.407   12.414  4.298   1.00 10.41 ? 20   VAL B O   1 
ATOM   457 C CB  . VAL B 1 18 ? 0.972   9.243   3.337   1.00 9.98  ? 20   VAL B CB  1 
ATOM   458 C CG1 . VAL B 1 18 ? -0.105  9.632   4.388   1.00 11.35 ? 20   VAL B CG1 1 
ATOM   459 C CG2 . VAL B 1 18 ? 0.300   8.513   2.130   1.00 11.34 ? 20   VAL B CG2 1 
ATOM   460 N N   . LEU B 1 19 ? 3.119   11.054  4.814   1.00 10.09 ? 21   LEU B N   1 
ATOM   461 C CA  . LEU B 1 19 ? 3.500   11.862  5.981   1.00 11.50 ? 21   LEU B CA  1 
ATOM   462 C C   . LEU B 1 19 ? 4.002   13.239  5.545   1.00 11.91 ? 21   LEU B C   1 
ATOM   463 O O   . LEU B 1 19 ? 3.746   14.238  6.226   1.00 12.79 ? 21   LEU B O   1 
ATOM   464 C CB  . LEU B 1 19 ? 4.541   11.098  6.829   1.00 12.47 ? 21   LEU B CB  1 
ATOM   465 C CG  . LEU B 1 19 ? 3.984   9.817   7.495   1.00 14.09 ? 21   LEU B CG  1 
ATOM   466 C CD1 . LEU B 1 19 ? 5.106   9.100   8.219   1.00 15.64 ? 21   LEU B CD1 1 
ATOM   467 C CD2 . LEU B 1 19 ? 2.750   10.036  8.415   1.00 16.63 ? 21   LEU B CD2 1 
ATOM   468 N N   . ARG B 1 20 ? 4.724   13.306  4.421   1.00 11.44 ? 22   ARG B N   1 
ATOM   469 C CA  . ARG B 1 20 ? 5.252   14.605  3.928   1.00 11.48 ? 22   ARG B CA  1 
ATOM   470 C C   . ARG B 1 20 ? 4.147   15.481  3.372   1.00 11.33 ? 22   ARG B C   1 
ATOM   471 O O   . ARG B 1 20 ? 4.116   16.688  3.614   1.00 13.17 ? 22   ARG B O   1 
ATOM   472 C CB  . ARG B 1 20 ? 6.312   14.356  2.847   1.00 11.14 ? 22   ARG B CB  1 
ATOM   473 C CG  . ARG B 1 20 ? 7.620   13.789  3.435   1.00 11.63 ? 22   ARG B CG  1 
ATOM   474 C CD  . ARG B 1 20 ? 8.530   13.438  2.269   1.00 13.19 ? 22   ARG B CD  1 
ATOM   475 N NE  . ARG B 1 20 ? 9.826   12.977  2.764   1.00 14.24 ? 22   ARG B NE  1 
ATOM   476 C CZ  . ARG B 1 20 ? 10.743  12.340  2.030   1.00 13.79 ? 22   ARG B CZ  1 
ATOM   477 N NH1 . ARG B 1 20 ? 10.494  12.028  0.758   1.00 13.77 ? 22   ARG B NH1 1 
ATOM   478 N NH2 . ARG B 1 20 ? 11.925  11.971  2.586   1.00 16.75 ? 22   ARG B NH2 1 
ATOM   479 N N   . GLN B 1 21 ? 3.267   14.899  2.565   1.00 11.20 ? 23   GLN B N   1 
ATOM   480 C CA  . GLN B 1 21 ? 2.283   15.694  1.786   1.00 11.71 ? 23   GLN B CA  1 
ATOM   481 C C   . GLN B 1 21 ? 0.959   15.889  2.505   1.00 11.59 ? 23   GLN B C   1 
ATOM   482 O O   . GLN B 1 21 ? 0.170   16.779  2.123   1.00 13.94 ? 23   GLN B O   1 
ATOM   483 C CB  . GLN B 1 21 ? 2.112   15.097  0.377   1.00 12.01 ? 23   GLN B CB  1 
ATOM   484 C CG  . GLN B 1 21 ? 3.434   15.129  -0.476  1.00 12.47 ? 23   GLN B CG  1 
ATOM   485 C CD  . GLN B 1 21 ? 3.205   14.722  -1.930  1.00 12.57 ? 23   GLN B CD  1 
ATOM   486 O OE1 . GLN B 1 21 ? 2.272   15.192  -2.584  1.00 15.71 ? 23   GLN B OE1 1 
ATOM   487 N NE2 . GLN B 1 21 ? 4.071   13.860  -2.440  1.00 14.15 ? 23   GLN B NE2 1 
ATOM   488 N N   . GLN B 1 22 ? 0.671   15.029  3.490   1.00 11.14 ? 24   GLN B N   1 
ATOM   489 C CA  . GLN B 1 22 ? -0.623  15.124  4.239   1.00 12.36 ? 24   GLN B CA  1 
ATOM   490 C C   . GLN B 1 22 ? -1.856  15.184  3.318   1.00 11.30 ? 24   GLN B C   1 
ATOM   491 O O   . GLN B 1 22 ? -2.758  16.022  3.507   1.00 12.25 ? 24   GLN B O   1 
ATOM   492 C CB  . GLN B 1 22 ? -0.605  16.300  5.237   1.00 12.34 ? 24   GLN B CB  1 
ATOM   493 C CG  . GLN B 1 22 ? 0.556   16.170  6.225   1.00 14.33 ? 24   GLN B CG  1 
ATOM   494 C CD  . GLN B 1 22 ? 0.622   17.337  7.242   1.00 16.84 ? 24   GLN B CD  1 
ATOM   495 O OE1 . GLN B 1 22 ? 1.361   18.295  7.063   1.00 20.83 ? 24   GLN B OE1 1 
ATOM   496 N NE2 . GLN B 1 22 ? -0.125  17.225  8.304   1.00 19.64 ? 24   GLN B NE2 1 
ATOM   497 N N   . PRO B 1 23 ? -1.958  14.244  2.390   1.00 9.90  ? 25   PRO B N   1 
ATOM   498 C CA  . PRO B 1 23 ? -3.154  14.267  1.502   1.00 10.56 ? 25   PRO B CA  1 
ATOM   499 C C   . PRO B 1 23 ? -4.421  13.952  2.273   1.00 10.28 ? 25   PRO B C   1 
ATOM   500 O O   . PRO B 1 23 ? -4.467  13.009  3.076   1.00 11.59 ? 25   PRO B O   1 
ATOM   501 C CB  . PRO B 1 23 ? -2.897  13.130  0.489   1.00 11.01 ? 25   PRO B CB  1 
ATOM   502 C CG  . PRO B 1 23 ? -2.015  12.160  1.330   1.00 11.28 ? 25   PRO B CG  1 
ATOM   503 C CD  . PRO B 1 23 ? -1.062  13.113  2.084   1.00 10.73 ? 25   PRO B CD  1 
ATOM   504 N N   . PRO B 1 24 ? -5.470  14.746  2.064   1.00 9.85  ? 26   PRO B N   1 
ATOM   505 C CA  . PRO B 1 24 ? -6.771  14.457  2.695   1.00 9.77  ? 26   PRO B CA  1 
ATOM   506 C C   . PRO B 1 24 ? -7.436  13.165  2.229   1.00 10.67 ? 26   PRO B C   1 
ATOM   507 O O   . PRO B 1 24 ? -8.209  12.571  2.989   1.00 13.16 ? 26   PRO B O   1 
ATOM   508 C CB  . PRO B 1 24 ? -7.636  15.706  2.352   1.00 10.99 ? 26   PRO B CB  1 
ATOM   509 C CG  . PRO B 1 24 ? -6.672  16.746  2.030   1.00 13.64 ? 26   PRO B CG  1 
ATOM   510 C CD  . PRO B 1 24 ? -5.436  16.081  1.411   1.00 11.34 ? 26   PRO B CD  1 
ATOM   511 N N   . ASP B 1 25 ? -7.122  12.740  1.011   1.00 10.04 ? 27   ASP B N   1 
ATOM   512 C CA  . ASP B 1 25 ? -7.746  11.571  0.422   1.00 10.04 ? 27   ASP B CA  1 
ATOM   513 C C   . ASP B 1 25 ? -6.641  10.562  0.138   1.00 9.82  ? 27   ASP B C   1 
ATOM   514 O O   . ASP B 1 25 ? -5.956  10.664  -0.852  1.00 10.23 ? 27   ASP B O   1 
ATOM   515 C CB  . ASP B 1 25 ? -8.456  11.991  -0.880  1.00 10.50 ? 27   ASP B CB  1 
ATOM   516 C CG  . ASP B 1 25 ? -9.224  10.861  -1.545  1.00 14.05 ? 27   ASP B CG  1 
ATOM   517 O OD1 . ASP B 1 25 ? -8.967  9.666   -1.236  1.00 12.68 ? 27   ASP B OD1 1 
ATOM   518 O OD2 . ASP B 1 25 ? -10.061 11.211  -2.406  1.00 17.70 ? 27   ASP B OD2 1 
ATOM   519 N N   . LEU B 1 26 ? -6.487  9.619   1.067   1.00 9.11  ? 28   LEU B N   1 
ATOM   520 C CA  . LEU B 1 26 ? -5.425  8.634   0.923   1.00 8.59  ? 28   LEU B CA  1 
ATOM   521 C C   . LEU B 1 26 ? -5.601  7.742   -0.299  1.00 8.82  ? 28   LEU B C   1 
ATOM   522 O O   . LEU B 1 26 ? -4.610  7.269   -0.861  1.00 9.06  ? 28   LEU B O   1 
ATOM   523 C CB  . LEU B 1 26 ? -5.374  7.759   2.176   1.00 9.63  ? 28   LEU B CB  1 
ATOM   524 C CG  . LEU B 1 26 ? -4.980  8.475   3.471   1.00 11.77 ? 28   LEU B CG  1 
ATOM   525 C CD1 . LEU B 1 26 ? -5.065  7.550   4.683   1.00 13.45 ? 28   LEU B CD1 1 
ATOM   526 C CD2 . LEU B 1 26 ? -3.614  9.135   3.349   1.00 15.11 ? 28   LEU B CD2 1 
ATOM   527 N N   . VAL B 1 27 ? -6.842  7.436   -0.675  1.00 8.47  ? 29   VAL B N   1 
ATOM   528 C CA  . VAL B 1 27 ? -7.056  6.570   -1.852  1.00 9.15  ? 29   VAL B CA  1 
ATOM   529 C C   . VAL B 1 27 ? -6.692  7.270   -3.129  1.00 8.55  ? 29   VAL B C   1 
ATOM   530 O O   . VAL B 1 27 ? -5.966  6.712   -3.957  1.00 9.14  ? 29   VAL B O   1 
ATOM   531 C CB  . VAL B 1 27 ? -8.514  6.079   -1.915  1.00 9.62  ? 29   VAL B CB  1 
ATOM   532 C CG1 . VAL B 1 27 ? -8.805  5.397   -3.222  1.00 11.11 ? 29   VAL B CG1 1 
ATOM   533 C CG2 . VAL B 1 27 ? -8.795  5.117   -0.724  1.00 11.32 ? 29   VAL B CG2 1 
ATOM   534 N N   . GLU B 1 28 ? -7.134  8.519   -3.292  1.00 9.87  ? 30   GLU B N   1 
ATOM   535 C CA  . GLU B 1 28 ? -6.677  9.246   -4.492  1.00 10.11 ? 30   GLU B CA  1 
ATOM   536 C C   . GLU B 1 28 ? -5.141  9.410   -4.513  1.00 9.65  ? 30   GLU B C   1 
ATOM   537 O O   . GLU B 1 28 ? -4.500  9.256   -5.570  1.00 10.45 ? 30   GLU B O   1 
ATOM   538 C CB  . GLU B 1 28 ? -7.294  10.662  -4.533  1.00 11.62 ? 30   GLU B CB  1 
ATOM   539 C CG  . GLU B 1 28 ? -6.767  11.492  -5.755  1.00 16.74 ? 30   GLU B CG  1 
ATOM   540 C CD  . GLU B 1 28 ? -7.090  10.890  -7.113  1.00 20.45 ? 30   GLU B CD  1 
ATOM   541 O OE1 . GLU B 1 28 ? -8.113  10.165  -7.212  1.00 18.60 ? 30   GLU B OE1 1 
ATOM   542 O OE2 . GLU B 1 28 ? -6.319  11.207  -8.078  1.00 19.02 ? 30   GLU B OE2 1 
ATOM   543 N N   . PHE B 1 29 ? -4.558  9.698   -3.341  1.00 8.96  ? 31   PHE B N   1 
ATOM   544 C CA  . PHE B 1 29 ? -3.119  9.819   -3.269  1.00 9.48  ? 31   PHE B CA  1 
ATOM   545 C C   . PHE B 1 29 ? -2.458  8.522   -3.658  1.00 9.54  ? 31   PHE B C   1 
ATOM   546 O O   . PHE B 1 29 ? -1.411  8.560   -4.323  1.00 10.22 ? 31   PHE B O   1 
ATOM   547 C CB  . PHE B 1 29 ? -2.691  10.249  -1.871  1.00 10.69 ? 31   PHE B CB  1 
ATOM   548 C CG  . PHE B 1 29 ? -1.246  10.674  -1.792  1.00 9.72  ? 31   PHE B CG  1 
ATOM   549 C CD1 . PHE B 1 29 ? -0.841  11.967  -2.194  1.00 10.61 ? 31   PHE B CD1 1 
ATOM   550 C CD2 . PHE B 1 29 ? -0.295  9.813   -1.239  1.00 11.91 ? 31   PHE B CD2 1 
ATOM   551 C CE1 . PHE B 1 29 ? 0.506   12.347  -2.072  1.00 13.05 ? 31   PHE B CE1 1 
ATOM   552 C CE2 . PHE B 1 29 ? 1.039   10.197  -1.148  1.00 11.96 ? 31   PHE B CE2 1 
ATOM   553 C CZ  . PHE B 1 29 ? 1.425   11.457  -1.533  1.00 12.78 ? 31   PHE B CZ  1 
ATOM   554 N N   . ALA B 1 30 ? -3.002  7.366   -3.224  1.00 8.81  ? 32   ALA B N   1 
ATOM   555 C CA  . ALA B 1 30 ? -2.398  6.053   -3.661  1.00 8.90  ? 32   ALA B CA  1 
ATOM   556 C C   . ALA B 1 30 ? -2.500  5.849   -5.161  1.00 9.04  ? 32   ALA B C   1 
ATOM   557 O O   . ALA B 1 30 ? -1.532  5.388   -5.796  1.00 9.41  ? 32   ALA B O   1 
ATOM   558 C CB  . ALA B 1 30 ? -3.153  4.954   -2.925  1.00 9.55  ? 32   ALA B CB  1 
ATOM   559 N N   . VAL B 1 31 ? -3.642  6.150   -5.748  1.00 9.11  ? 33   VAL B N   1 
ATOM   560 C CA  . VAL B 1 31 ? -3.735  5.973   -7.195  1.00 9.56  ? 33   VAL B CA  1 
ATOM   561 C C   . VAL B 1 31 ? -2.646  6.782   -7.885  1.00 9.99  ? 33   VAL B C   1 
ATOM   562 O O   . VAL B 1 31 ? -1.932  6.266   -8.760  1.00 9.64  ? 33   VAL B O   1 
ATOM   563 C CB  . VAL B 1 31 ? -5.112  6.360   -7.771  1.00 9.60  ? 33   VAL B CB  1 
ATOM   564 C CG1 . VAL B 1 31 ? -5.108  6.282   -9.319  1.00 11.44 ? 33   VAL B CG1 1 
ATOM   565 C CG2 . VAL B 1 31 ? -6.198  5.423   -7.207  1.00 10.69 ? 33   VAL B CG2 1 
ATOM   566 N N   . GLU B 1 32 ? -2.493  8.032   -7.485  1.00 10.54 ? 34   GLU B N   1 
ATOM   567 C CA  . GLU B 1 32 ? -1.504  8.871   -8.142  1.00 10.50 ? 34   GLU B CA  1 
ATOM   568 C C   . GLU B 1 32 ? -0.067  8.456   -7.833  1.00 10.11 ? 34   GLU B C   1 
ATOM   569 O O   . GLU B 1 32 ? 0.762   8.419   -8.744  1.00 10.46 ? 34   GLU B O   1 
ATOM   570 C CB  . GLU B 1 32 ? -1.770  10.275  -7.668  1.00 10.50 ? 34   GLU B CB  1 
ATOM   571 C CG  . GLU B 1 32 ? -3.005  10.854  -8.225  1.00 13.66 ? 34   GLU B CG  1 
ATOM   572 C CD  . GLU B 1 32 ? -3.203  12.322  -7.891  1.00 14.63 ? 34   GLU B CD  1 
ATOM   573 O OE1 . GLU B 1 32 ? -2.188  13.017  -7.601  1.00 18.38 ? 34   GLU B OE1 1 
ATOM   574 O OE2 . GLU B 1 32 ? -4.375  12.817  -7.970  1.00 16.39 ? 34   GLU B OE2 1 
ATOM   575 N N   . TYR B 1 33 ? 0.221   8.132   -6.579  1.00 9.61  ? 35   TYR B N   1 
ATOM   576 C CA  . TYR B 1 33 ? 1.560   7.730   -6.172  1.00 9.11  ? 35   TYR B CA  1 
ATOM   577 C C   . TYR B 1 33 ? 1.988   6.478   -6.920  1.00 8.81  ? 35   TYR B C   1 
ATOM   578 O O   . TYR B 1 33 ? 3.072   6.469   -7.532  1.00 9.74  ? 35   TYR B O   1 
ATOM   579 C CB  . TYR B 1 33 ? 1.601   7.504   -4.633  1.00 9.70  ? 35   TYR B CB  1 
ATOM   580 C CG  . TYR B 1 33 ? 2.910   6.960   -4.089  1.00 10.48 ? 35   TYR B CG  1 
ATOM   581 C CD1 . TYR B 1 33 ? 3.914   7.846   -3.683  1.00 9.96  ? 35   TYR B CD1 1 
ATOM   582 C CD2 . TYR B 1 33 ? 3.184   5.566   -4.068  1.00 10.22 ? 35   TYR B CD2 1 
ATOM   583 C CE1 . TYR B 1 33 ? 5.127   7.389   -3.246  1.00 10.71 ? 35   TYR B CE1 1 
ATOM   584 C CE2 . TYR B 1 33 ? 4.361   5.092   -3.584  1.00 11.35 ? 35   TYR B CE2 1 
ATOM   585 C CZ  . TYR B 1 33 ? 5.347   5.992   -3.195  1.00 9.05  ? 35   TYR B CZ  1 
ATOM   586 O OH  . TYR B 1 33 ? 6.565   5.576   -2.742  1.00 11.64 ? 35   TYR B OH  1 
ATOM   587 N N   . PHE B 1 34 ? 1.139   5.437   -6.901  1.00 8.96  ? 36   PHE B N   1 
ATOM   588 C CA  . PHE B 1 34 ? 1.563   4.191   -7.538  1.00 8.65  ? 36   PHE B CA  1 
ATOM   589 C C   . PHE B 1 34 ? 1.567   4.317   -9.051  1.00 8.76  ? 36   PHE B C   1 
ATOM   590 O O   . PHE B 1 34 ? 2.413   3.702   -9.707  1.00 9.81  ? 36   PHE B O   1 
ATOM   591 C CB  . PHE B 1 34 ? 0.702   3.034   -7.010  1.00 9.35  ? 36   PHE B CB  1 
ATOM   592 C CG  . PHE B 1 34 ? 0.991   2.741   -5.583  1.00 9.25  ? 36   PHE B CG  1 
ATOM   593 C CD1 . PHE B 1 34 ? 0.016   2.961   -4.591  1.00 10.31 ? 36   PHE B CD1 1 
ATOM   594 C CD2 . PHE B 1 34 ? 2.218   2.225   -5.210  1.00 11.69 ? 36   PHE B CD2 1 
ATOM   595 C CE1 . PHE B 1 34 ? 0.313   2.665   -3.243  1.00 10.62 ? 36   PHE B CE1 1 
ATOM   596 C CE2 . PHE B 1 34 ? 2.515   1.963   -3.843  1.00 11.78 ? 36   PHE B CE2 1 
ATOM   597 C CZ  . PHE B 1 34 ? 1.528   2.178   -2.870  1.00 11.95 ? 36   PHE B CZ  1 
ATOM   598 N N   . THR B 1 35 ? 0.710   5.154   -9.617  1.00 9.37  ? 37   THR B N   1 
ATOM   599 C CA  . THR B 1 35 ? 0.772   5.386   -11.054 1.00 10.31 ? 37   THR B CA  1 
ATOM   600 C C   . THR B 1 35 ? 2.092   6.068   -11.410 1.00 10.04 ? 37   THR B C   1 
ATOM   601 O O   . THR B 1 35 ? 2.783   5.654   -12.373 1.00 11.57 ? 37   THR B O   1 
ATOM   602 C CB  . THR B 1 35 ? -0.410  6.231   -11.514 1.00 11.35 ? 37   THR B CB  1 
ATOM   603 O OG1 . THR B 1 35 ? -1.615  5.485   -11.277 1.00 11.43 ? 37   THR B OG1 1 
ATOM   604 C CG2 . THR B 1 35 ? -0.281  6.531   -13.025 1.00 12.77 ? 37   THR B CG2 1 
ATOM   605 N N   . ARG B 1 36 ? 2.460   7.096   -10.645 1.00 9.49  ? 38   ARG B N   1 
ATOM   606 C CA  . ARG B 1 36 ? 3.734   7.756   -10.927 1.00 8.89  ? 38   ARG B CA  1 
ATOM   607 C C   . ARG B 1 36 ? 4.948   6.885   -10.750 1.00 8.93  ? 38   ARG B C   1 
ATOM   608 O O   . ARG B 1 36 ? 5.907   6.968   -11.524 1.00 10.64 ? 38   ARG B O   1 
ATOM   609 C CB  . ARG B 1 36 ? 3.832   9.036   -10.086 1.00 9.58  ? 38   ARG B CB  1 
ATOM   610 C CG  . ARG B 1 36 ? 2.822   10.093  -10.560 1.00 9.65  ? 38   ARG B CG  1 
ATOM   611 C CD  . ARG B 1 36 ? 2.636   11.212  -9.558  1.00 9.58  ? 38   ARG B CD  1 
ATOM   612 N NE  . ARG B 1 36 ? 1.651   12.176  -10.074 1.00 8.99  ? 38   ARG B NE  1 
ATOM   613 C CZ  . ARG B 1 36 ? 1.294   13.273  -9.397  1.00 8.43  ? 38   ARG B CZ  1 
ATOM   614 N NH1 . ARG B 1 36 ? 1.858   13.546  -8.224  1.00 11.07 ? 38   ARG B NH1 1 
ATOM   615 N NH2 . ARG B 1 36 ? 0.394   14.108  -9.977  1.00 10.60 ? 38   ARG B NH2 1 
ATOM   616 N N   . LEU B 1 37 ? 4.901   6.040   -9.737  1.00 10.05 ? 39   LEU B N   1 
ATOM   617 C CA  . LEU B 1 37 ? 6.014   5.143   -9.490  1.00 12.55 ? 39   LEU B CA  1 
ATOM   618 C C   . LEU B 1 37 ? 6.140   4.104   -10.586 1.00 11.92 ? 39   LEU B C   1 
ATOM   619 O O   . LEU B 1 37 ? 7.267   3.761   -10.992 1.00 13.80 ? 39   LEU B O   1 
ATOM   620 C CB  . LEU B 1 37 ? 5.808   4.427   -8.138  1.00 13.22 ? 39   LEU B CB  1 
ATOM   621 C CG  . LEU B 1 37 ? 6.848   3.464   -7.539  1.00 16.43 ? 39   LEU B CG  1 
ATOM   622 C CD1 . LEU B 1 37 ? 8.211   4.134   -7.408  1.00 21.92 ? 39   LEU B CD1 1 
ATOM   623 C CD2 . LEU B 1 37 ? 6.374   3.057   -6.152  1.00 18.27 ? 39   LEU B CD2 1 
ATOM   624 N N   . ARG B 1 38 ? 5.019   3.612   -11.108 1.00 12.73 ? 40   ARG B N   1 
ATOM   625 C CA  . ARG B 1 38 ? 5.055   2.625   -12.228 1.00 14.34 ? 40   ARG B CA  1 
ATOM   626 C C   . ARG B 1 38 ? 5.724   3.275   -13.397 1.00 14.16 ? 40   ARG B C   1 
ATOM   627 O O   . ARG B 1 38 ? 6.473   2.639   -14.143 1.00 15.38 ? 40   ARG B O   1 
ATOM   628 C CB  . ARG B 1 38 ? 3.631   2.188   -12.601 1.00 15.67 ? 40   ARG B CB  1 
ATOM   629 C CG  . ARG B 1 38 ? 3.573   1.127   -13.717 1.00 19.68 ? 40   ARG B CG  1 
ATOM   630 C CD  . ARG B 1 38 ? 2.140   0.805   -14.081 1.00 26.89 ? 40   ARG B CD  1 
ATOM   631 N NE  . ARG B 1 38 ? 1.310   1.951   -14.477 1.00 32.08 ? 40   ARG B NE  1 
ATOM   632 C CZ  . ARG B 1 38 ? -0.018  1.882   -14.629 1.00 33.12 ? 40   ARG B CZ  1 
ATOM   633 N NH1 . ARG B 1 38 ? -0.658  0.721   -14.446 1.00 32.51 ? 40   ARG B NH1 1 
ATOM   634 N NH2 . ARG B 1 38 ? -0.711  2.965   -14.959 1.00 34.17 ? 40   ARG B NH2 1 
ATOM   635 N N   . GLU B 1 39 ? 5.435   4.549   -13.579 1.00 16.09 ? 41   GLU B N   1 
ATOM   636 C CA  . GLU B 1 39 ? 5.988   5.280   -14.724 1.00 19.34 ? 41   GLU B CA  1 
ATOM   637 C C   . GLU B 1 39 ? 7.440   5.685   -14.551 1.00 19.74 ? 41   GLU B C   1 
ATOM   638 O O   . GLU B 1 39 ? 8.139   5.949   -15.569 1.00 23.02 ? 41   GLU B O   1 
ATOM   639 C CB  . GLU B 1 39 ? 5.182   6.552   -14.974 1.00 19.37 ? 41   GLU B CB  1 
ATOM   640 C CG  . GLU B 1 39 ? 3.733   6.282   -15.329 1.00 19.95 ? 41   GLU B CG  1 
ATOM   641 C CD  . GLU B 1 39 ? 2.804   7.516   -15.091 1.00 21.62 ? 41   GLU B CD  1 
ATOM   642 O OE1 . GLU B 1 39 ? 3.158   8.511   -14.368 1.00 26.19 ? 41   GLU B OE1 1 
ATOM   643 O OE2 . GLU B 1 39 ? 1.690   7.445   -15.642 1.00 22.64 ? 41   GLU B OE2 1 
ATOM   644 N N   . ALA B 1 40 ? 7.943   5.698   -13.317 1.00 19.73 ? 42   ALA B N   1 
ATOM   645 C CA  . ALA B 1 40 ? 9.312   6.177   -13.030 1.00 20.84 ? 42   ALA B CA  1 
ATOM   646 C C   . ALA B 1 40 ? 10.310  5.085   -13.270 1.00 22.38 ? 42   ALA B C   1 
ATOM   647 O O   . ALA B 1 40 ? 11.512  5.324   -13.188 1.00 22.33 ? 42   ALA B O   1 
ATOM   648 C CB  . ALA B 1 40 ? 9.411   6.656   -11.573 1.00 21.14 ? 42   ALA B CB  1 
ATOM   649 N N   . ARG B 1 41 ? 9.818   3.871   -13.538 1.00 23.78 ? 43   ARG B N   1 
ATOM   650 C CA  . ARG B 1 41 ? 10.691  2.723   -13.769 1.00 27.13 ? 43   ARG B CA  1 
ATOM   651 C C   . ARG B 1 41 ? 11.682  2.935   -14.911 1.00 25.67 ? 43   ARG B C   1 
ATOM   652 O O   . ARG B 1 41 ? 11.356  3.575   -15.915 1.00 26.84 ? 43   ARG B O   1 
ATOM   653 C CB  . ARG B 1 41 ? 9.813   1.509   -14.073 1.00 26.10 ? 43   ARG B CB  1 
ATOM   654 C CG  . ARG B 1 41 ? 8.830   1.727   -15.217 1.00 29.07 ? 43   ARG B CG  1 
ATOM   655 C CD  . ARG B 1 41 ? 8.141   0.385   -15.653 1.00 29.84 ? 43   ARG B CD  1 
ATOM   656 N NE  . ARG B 1 41 ? 6.792   0.174   -15.097 1.00 36.12 ? 43   ARG B NE  1 
ATOM   657 C CZ  . ARG B 1 41 ? 5.935   -0.754  -15.544 1.00 37.90 ? 43   ARG B CZ  1 
ATOM   658 N NH1 . ARG B 1 41 ? 6.270   -1.553  -16.544 1.00 36.75 ? 43   ARG B NH1 1 
ATOM   659 N NH2 . ARG B 1 41 ? 4.731   -0.894  -14.997 1.00 36.79 ? 43   ARG B NH2 1 
ATOM   660 N N   . GLN C 2 1  ? -2.674  -16.359 10.535  1.00 24.40 ? 4    GLN C N   1 
ATOM   661 C CA  . GLN C 2 1  ? -3.621  -16.067 9.419   1.00 21.39 ? 4    GLN C CA  1 
ATOM   662 C C   . GLN C 2 1  ? -3.153  -14.864 8.591   1.00 19.19 ? 4    GLN C C   1 
ATOM   663 O O   . GLN C 2 1  ? -2.505  -13.947 9.105   1.00 18.72 ? 4    GLN C O   1 
ATOM   664 C CB  . GLN C 2 1  ? -5.018  -15.813 9.974   1.00 24.16 ? 4    GLN C CB  1 
ATOM   665 N N   . ILE C 2 2  ? -3.484  -14.878 7.309   1.00 16.63 ? 5    ILE C N   1 
ATOM   666 C CA  . ILE C 2 2  ? -3.099  -13.783 6.418   1.00 14.07 ? 5    ILE C CA  1 
ATOM   667 C C   . ILE C 2 2  ? -3.517  -12.389 6.898   1.00 11.04 ? 5    ILE C C   1 
ATOM   668 O O   . ILE C 2 2  ? -2.744  -11.476 6.788   1.00 10.58 ? 5    ILE C O   1 
ATOM   669 C CB  . ILE C 2 2  ? -3.523  -14.019 4.937   1.00 14.01 ? 5    ILE C CB  1 
ATOM   670 C CG1 . ILE C 2 2  ? -2.576  -15.038 4.259   1.00 16.85 ? 5    ILE C CG1 1 
ATOM   671 C CG2 . ILE C 2 2  ? -3.538  -12.683 4.115   1.00 16.04 ? 5    ILE C CG2 1 
ATOM   672 C CD1 . ILE C 2 2  ? -2.901  -15.284 2.774   1.00 16.22 ? 5    ILE C CD1 1 
ATOM   673 N N   . GLU C 2 3  ? -4.697  -12.196 7.467   1.00 11.18 ? 6    GLU C N   1 
ATOM   674 C CA  . GLU C 2 3  ? -5.092  -10.846 7.858   1.00 11.55 ? 6    GLU C CA  1 
ATOM   675 C C   . GLU C 2 3  ? -4.199  -10.318 8.961   1.00 11.00 ? 6    GLU C C   1 
ATOM   676 O O   . GLU C 2 3  ? -3.829  -9.142  8.961   1.00 10.78 ? 6    GLU C O   1 
ATOM   677 C CB  . GLU C 2 3  ? -6.529  -10.788 8.336   1.00 12.84 ? 6    GLU C CB  1 
ATOM   678 C CG  . GLU C 2 3  ? -7.539  -11.018 7.207   1.00 14.59 ? 6    GLU C CG  1 
ATOM   679 C CD  . GLU C 2 3  ? -7.860  -12.479 6.944   1.00 21.52 ? 6    GLU C CD  1 
ATOM   680 O OE1 . GLU C 2 3  ? -7.202  -13.430 7.475   1.00 22.42 ? 6    GLU C OE1 1 
ATOM   681 O OE2 . GLU C 2 3  ? -8.868  -12.663 6.213   1.00 25.46 ? 6    GLU C OE2 1 
ATOM   682 N N   . TYR C 2 4  ? -3.797  -11.177 9.901   1.00 9.55  ? 7    TYR C N   1 
ATOM   683 C CA  . TYR C 2 4  ? -2.941  -10.674 10.975  1.00 10.74 ? 7    TYR C CA  1 
ATOM   684 C C   . TYR C 2 4  ? -1.507  -10.438 10.464  1.00 10.16 ? 7    TYR C C   1 
ATOM   685 O O   . TYR C 2 4  ? -0.829  -9.476  10.850  1.00 10.67 ? 7    TYR C O   1 
ATOM   686 C CB  . TYR C 2 4  ? -2.939  -11.618 12.200  1.00 10.17 ? 7    TYR C CB  1 
ATOM   687 C CG  . TYR C 2 4  ? -2.102  -11.076 13.323  1.00 10.30 ? 7    TYR C CG  1 
ATOM   688 C CD1 . TYR C 2 4  ? -2.433  -9.867  13.927  1.00 9.41  ? 7    TYR C CD1 1 
ATOM   689 C CD2 . TYR C 2 4  ? -0.955  -11.725 13.757  1.00 9.58  ? 7    TYR C CD2 1 
ATOM   690 C CE1 . TYR C 2 4  ? -1.633  -9.311  14.888  1.00 8.99  ? 7    TYR C CE1 1 
ATOM   691 C CE2 . TYR C 2 4  ? -0.119  -11.133 14.736  1.00 8.83  ? 7    TYR C CE2 1 
ATOM   692 C CZ  . TYR C 2 4  ? -0.472  -9.950  15.303  1.00 9.21  ? 7    TYR C CZ  1 
ATOM   693 O OH  . TYR C 2 4  ? 0.301   -9.365  16.269  1.00 9.91  ? 7    TYR C OH  1 
ATOM   694 N N   . LEU C 2 5  ? -1.013  -11.345 9.625   1.00 10.06 ? 8    LEU C N   1 
ATOM   695 C CA  . LEU C 2 5  ? 0.288   -11.091 8.989   1.00 10.39 ? 8    LEU C CA  1 
ATOM   696 C C   . LEU C 2 5  ? 0.295   -9.771  8.242   1.00 10.36 ? 8    LEU C C   1 
ATOM   697 O O   . LEU C 2 5  ? 1.246   -8.991  8.364   1.00 9.22  ? 8    LEU C O   1 
ATOM   698 C CB  . LEU C 2 5  ? 0.654   -12.298 8.088   1.00 11.29 ? 8    LEU C CB  1 
ATOM   699 C CG  . LEU C 2 5  ? 2.007   -12.172 7.367   1.00 11.80 ? 8    LEU C CG  1 
ATOM   700 C CD1 . LEU C 2 5  ? 3.214   -11.995 8.320   1.00 14.90 ? 8    LEU C CD1 1 
ATOM   701 C CD2 . LEU C 2 5  ? 2.215   -13.346 6.441   1.00 11.70 ? 8    LEU C CD2 1 
ATOM   702 N N   . ALA C 2 6  ? -0.762  -9.476  7.473   1.00 9.42  ? 9    ALA C N   1 
ATOM   703 C CA  . ALA C 2 6  ? -0.820  -8.209  6.755   1.00 9.30  ? 9    ALA C CA  1 
ATOM   704 C C   . ALA C 2 6  ? -0.808  -7.007  7.720   1.00 9.47  ? 9    ALA C C   1 
ATOM   705 O O   . ALA C 2 6  ? -0.121  -6.023  7.480   1.00 9.36  ? 9    ALA C O   1 
ATOM   706 C CB  . ALA C 2 6  ? -2.084  -8.166  5.891   1.00 9.27  ? 9    ALA C CB  1 
ATOM   707 N N   . LYS C 2 7  ? -1.533  -7.107  8.835   1.00 9.78  ? 10   LYS C N   1 
ATOM   708 C CA  . LYS C 2 7  ? -1.521  -6.043  9.832   1.00 10.47 ? 10   LYS C CA  1 
ATOM   709 C C   . LYS C 2 7  ? -0.093  -5.838  10.339  1.00 10.67 ? 10   LYS C C   1 
ATOM   710 O O   . LYS C 2 7  ? 0.387   -4.696  10.457  1.00 10.06 ? 10   LYS C O   1 
ATOM   711 C CB  . LYS C 2 7  ? -2.435  -6.423  10.995  1.00 11.47 ? 10   LYS C CB  1 
ATOM   712 C CG  . LYS C 2 7  ? -2.397  -5.441  12.116  1.00 14.34 ? 10   LYS C CG  1 
ATOM   713 C CD  . LYS C 2 7  ? -3.280  -5.954  13.331  1.00 15.76 ? 10   LYS C CD  1 
ATOM   714 C CE  . LYS C 2 7  ? -3.059  -5.042  14.540  1.00 20.76 ? 10   LYS C CE  1 
ATOM   715 N NZ  . LYS C 2 7  ? -3.574  -5.596  15.823  1.00 24.33 ? 10   LYS C NZ  1 
ATOM   716 N N   . GLN C 2 8  ? 0.614   -6.942  10.664  1.00 9.70  ? 11   GLN C N   1 
ATOM   717 C CA  . GLN C 2 8  ? 1.988   -6.769  11.173  1.00 9.89  ? 11   GLN C CA  1 
ATOM   718 C C   . GLN C 2 8  ? 2.912   -6.142  10.143  1.00 9.65  ? 11   GLN C C   1 
ATOM   719 O O   . GLN C 2 8  ? 3.738   -5.296  10.482  1.00 10.37 ? 11   GLN C O   1 
ATOM   720 C CB  . GLN C 2 8  ? 2.568   -8.141  11.527  1.00 10.41 ? 11   GLN C CB  1 
ATOM   721 C CG  . GLN C 2 8  ? 1.921   -8.799  12.743  1.00 14.21 ? 11   GLN C CG  1 
ATOM   722 C CD  . GLN C 2 8  ? 2.624   -10.133 12.972  1.00 18.38 ? 11   GLN C CD  1 
ATOM   723 O OE1 . GLN C 2 8  ? 3.632   -10.197 13.684  1.00 23.74 ? 11   GLN C OE1 1 
ATOM   724 N NE2 . GLN C 2 8  ? 2.161   -11.174 12.310  1.00 21.70 ? 11   GLN C NE2 1 
ATOM   725 N N   . ILE C 2 9  ? 2.762   -6.573  8.892   1.00 8.34  ? 12   ILE C N   1 
ATOM   726 C CA  . ILE C 2 9  ? 3.642   -6.031  7.845   1.00 8.29  ? 12   ILE C CA  1 
ATOM   727 C C   . ILE C 2 9  ? 3.388   -4.550  7.657   1.00 9.15  ? 12   ILE C C   1 
ATOM   728 O O   . ILE C 2 9  ? 4.318   -3.749  7.551   1.00 8.84  ? 12   ILE C O   1 
ATOM   729 C CB  . ILE C 2 9  ? 3.439   -6.815  6.524   1.00 9.41  ? 12   ILE C CB  1 
ATOM   730 C CG1 . ILE C 2 9  ? 4.025   -8.235  6.635   1.00 9.60  ? 12   ILE C CG1 1 
ATOM   731 C CG2 . ILE C 2 9  ? 4.061   -6.072  5.332   1.00 9.58  ? 12   ILE C CG2 1 
ATOM   732 C CD1 . ILE C 2 9  ? 3.679   -9.126  5.514   1.00 10.38 ? 12   ILE C CD1 1 
ATOM   733 N N   . VAL C 2 10 ? 2.122   -4.170  7.596   1.00 8.71  ? 13   VAL C N   1 
ATOM   734 C CA  . VAL C 2 10 ? 1.789   -2.750  7.428   1.00 9.47  ? 13   VAL C CA  1 
ATOM   735 C C   . VAL C 2 10 ? 2.207   -1.901  8.607   1.00 9.81  ? 13   VAL C C   1 
ATOM   736 O O   . VAL C 2 10 ? 2.826   -0.850  8.452   1.00 9.90  ? 13   VAL C O   1 
ATOM   737 C CB  . VAL C 2 10 ? 0.280   -2.628  7.157   1.00 10.35 ? 13   VAL C CB  1 
ATOM   738 C CG1 . VAL C 2 10 ? -0.132  -1.147  7.209   1.00 10.60 ? 13   VAL C CG1 1 
ATOM   739 C CG2 . VAL C 2 10 ? -0.036  -3.207  5.751   1.00 9.38  ? 13   VAL C CG2 1 
ATOM   740 N N   . ASP C 2 11 ? 1.911   -2.378  9.806   1.00 9.95  ? 14   ASP C N   1 
ATOM   741 C CA  . ASP C 2 11 ? 2.279   -1.570  10.972  1.00 12.06 ? 14   ASP C CA  1 
ATOM   742 C C   . ASP C 2 11 ? 3.773   -1.380  11.050  1.00 11.49 ? 14   ASP C C   1 
ATOM   743 O O   . ASP C 2 11 ? 4.216   -0.296  11.406  1.00 10.57 ? 14   ASP C O   1 
ATOM   744 C CB  . ASP C 2 11 ? 1.715   -2.207  12.264  1.00 12.47 ? 14   ASP C CB  1 
ATOM   745 C CG  . ASP C 2 11 ? 0.162   -1.958  12.436  1.00 14.80 ? 14   ASP C CG  1 
ATOM   746 O OD1 . ASP C 2 11 ? -0.418  -1.049  11.755  1.00 18.70 ? 14   ASP C OD1 1 
ATOM   747 O OD2 . ASP C 2 11 ? -0.424  -2.683  13.262  1.00 20.27 ? 14   ASP C OD2 1 
ATOM   748 N N   . ASN C 2 12 ? 4.531   -2.417  10.720  1.00 10.66 ? 15   ASN C N   1 
ATOM   749 C CA  . ASN C 2 12 ? 5.979   -2.288  10.760  1.00 10.52 ? 15   ASN C CA  1 
ATOM   750 C C   . ASN C 2 12 ? 6.497   -1.341  9.680   1.00 11.26 ? 15   ASN C C   1 
ATOM   751 O O   . ASN C 2 12 ? 7.428   -0.573  9.919   1.00 11.91 ? 15   ASN C O   1 
ATOM   752 C CB  . ASN C 2 12 ? 6.625   -3.646  10.611  1.00 10.84 ? 15   ASN C CB  1 
ATOM   753 C CG  . ASN C 2 12 ? 8.148   -3.564  10.530  1.00 11.66 ? 15   ASN C CG  1 
ATOM   754 O OD1 . ASN C 2 12 ? 8.824   -3.256  11.517  1.00 13.97 ? 15   ASN C OD1 1 
ATOM   755 N ND2 . ASN C 2 12 ? 8.674   -3.835  9.345   1.00 12.38 ? 15   ASN C ND2 1 
ATOM   756 N N   . ALA C 2 13 ? 5.886   -1.382  8.484   1.00 10.71 ? 16   ALA C N   1 
ATOM   757 C CA  . ALA C 2 13 ? 6.321   -0.475  7.416   1.00 10.67 ? 16   ALA C CA  1 
ATOM   758 C C   . ALA C 2 13 ? 6.041   0.986   7.823   1.00 11.46 ? 16   ALA C C   1 
ATOM   759 O O   . ALA C 2 13 ? 6.865   1.868   7.534   1.00 11.04 ? 16   ALA C O   1 
ATOM   760 C CB  . ALA C 2 13 ? 5.565   -0.830  6.135   1.00 11.22 ? 16   ALA C CB  1 
ATOM   761 N N   . ILE C 2 14 ? 4.900   1.229   8.474   1.00 10.61 ? 17   ILE C N   1 
ATOM   762 C CA  . ILE C 2 14 ? 4.581   2.573   8.893   1.00 11.17 ? 17   ILE C CA  1 
ATOM   763 C C   . ILE C 2 14 ? 5.567   3.023   9.965   1.00 12.55 ? 17   ILE C C   1 
ATOM   764 O O   . ILE C 2 14 ? 6.032   4.176   9.950   1.00 12.92 ? 17   ILE C O   1 
ATOM   765 C CB  . ILE C 2 14 ? 3.129   2.687   9.359   1.00 11.53 ? 17   ILE C CB  1 
ATOM   766 C CG1 . ILE C 2 14 ? 2.173   2.467   8.184   1.00 11.35 ? 17   ILE C CG1 1 
ATOM   767 C CG2 . ILE C 2 14 ? 2.811   4.029   10.096  1.00 12.55 ? 17   ILE C CG2 1 
ATOM   768 C CD1 . ILE C 2 14 ? 0.664   2.282   8.599   1.00 12.08 ? 17   ILE C CD1 1 
ATOM   769 N N   . GLN C 2 15 ? 5.886   2.149   10.915  1.00 13.35 ? 18   GLN C N   1 
ATOM   770 C CA  . GLN C 2 15 ? 6.849   2.515   11.962  1.00 14.42 ? 18   GLN C CA  1 
ATOM   771 C C   . GLN C 2 15 ? 8.179   2.847   11.362  1.00 14.86 ? 18   GLN C C   1 
ATOM   772 O O   . GLN C 2 15 ? 8.856   3.800   11.828  1.00 17.18 ? 18   GLN C O   1 
ATOM   773 C CB  . GLN C 2 15 ? 7.017   1.352   12.946  1.00 14.61 ? 18   GLN C CB  1 
ATOM   774 C CG  . GLN C 2 15 ? 5.845   1.211   13.906  1.00 20.04 ? 18   GLN C CG  1 
ATOM   775 C CD  . GLN C 2 15 ? 5.567   2.505   14.669  1.00 26.31 ? 18   GLN C CD  1 
ATOM   776 O OE1 . GLN C 2 15 ? 6.473   3.096   15.274  1.00 27.52 ? 18   GLN C OE1 1 
ATOM   777 N NE2 . GLN C 2 15 ? 4.302   2.971   14.618  1.00 28.20 ? 18   GLN C NE2 1 
ATOM   778 N N   . GLN C 2 16 ? 8.605   2.095   10.350  1.00 14.23 ? 19   GLN C N   1 
ATOM   779 C CA  . GLN C 2 16 ? 9.891   2.396   9.699   1.00 16.27 ? 19   GLN C CA  1 
ATOM   780 C C   . GLN C 2 16 ? 9.861   3.710   8.920   1.00 15.87 ? 19   GLN C C   1 
ATOM   781 O O   . GLN C 2 16 ? 10.877  4.422   8.827   1.00 17.78 ? 19   GLN C O   1 
ATOM   782 C CB  . GLN C 2 16 ? 10.278  1.276   8.758   1.00 16.01 ? 19   GLN C CB  1 
ATOM   783 C CG  . GLN C 2 16 ? 10.658  -0.019  9.539   1.00 19.46 ? 19   GLN C CG  1 
ATOM   784 C CD  . GLN C 2 16 ? 11.176  -1.178  8.683   1.00 22.26 ? 19   GLN C CD  1 
ATOM   785 O OE1 . GLN C 2 16 ? 11.304  -2.338  9.191   1.00 30.04 ? 19   GLN C OE1 1 
ATOM   786 N NE2 . GLN C 2 16 ? 11.476  -0.915  7.418   1.00 29.77 ? 19   GLN C NE2 1 
ATOM   787 N N   . ALA C 2 17 ? 8.723   4.067   8.348   1.00 15.45 ? 20   ALA C N   1 
ATOM   788 C CA  . ALA C 2 17 ? 8.639   5.339   7.588   1.00 16.60 ? 20   ALA C CA  1 
ATOM   789 C C   . ALA C 2 17 ? 8.774   6.538   8.520   1.00 18.57 ? 20   ALA C C   1 
ATOM   790 O O   . ALA C 2 17 ? 9.251   7.595   8.093   1.00 19.94 ? 20   ALA C O   1 
ATOM   791 C CB  . ALA C 2 17 ? 7.325   5.411   6.850   1.00 16.00 ? 20   ALA C CB  1 
ATOM   792 N N   . LYS C 2 18 ? 8.329   6.395   9.768   1.00 20.63 ? 21   LYS C N   1 
ATOM   793 C CA  . LYS C 2 18 ? 8.500   7.466   10.785  1.00 24.28 ? 21   LYS C CA  1 
ATOM   794 C C   . LYS C 2 18 ? 9.939   7.476   11.244  1.00 25.69 ? 21   LYS C C   1 
ATOM   795 O O   . LYS C 2 18 ? 10.547  6.414   11.387  1.00 28.16 ? 21   LYS C O   1 
ATOM   796 C CB  . LYS C 2 18 ? 7.633   7.189   12.006  1.00 25.20 ? 21   LYS C CB  1 
ATOM   797 C CG  . LYS C 2 18 ? 6.160   7.310   11.752  1.00 27.87 ? 21   LYS C CG  1 
ATOM   798 C CD  . LYS C 2 18 ? 5.355   7.254   13.052  1.00 32.27 ? 21   LYS C CD  1 
ATOM   799 C CE  . LYS C 2 18 ? 5.370   5.871   13.641  1.00 34.06 ? 21   LYS C CE  1 
ATOM   800 N NZ  . LYS C 2 18 ? 4.510   5.760   14.874  1.00 37.79 ? 21   LYS C NZ  1 
HETATM 801 S S1  . DTD D 3 .  ? -8.466  -5.272  -7.206  1.00 18.84 ? 1044 DTD A S1  1 
HETATM 802 C C1  . DTD D 3 .  ? -8.604  -6.919  -6.465  1.00 14.50 ? 1044 DTD A C1  1 
HETATM 803 C C2  . DTD D 3 .  ? -8.396  -7.993  -7.540  1.00 14.79 ? 1044 DTD A C2  1 
HETATM 804 O O2  . DTD D 3 .  ? -8.683  -9.257  -6.993  1.00 16.58 ? 1044 DTD A O2  1 
HETATM 805 C C3  . DTD D 3 .  ? -6.930  -8.091  -7.944  1.00 14.10 ? 1044 DTD A C3  1 
HETATM 806 O O3  . DTD D 3 .  ? -6.707  -9.225  -8.758  1.00 16.00 ? 1044 DTD A O3  1 
HETATM 807 C C4  . DTD D 3 .  ? -6.406  -6.880  -8.702  1.00 16.11 ? 1044 DTD A C4  1 
HETATM 808 S S4  . DTD D 3 .  ? -6.349  -5.434  -7.569  1.00 17.48 ? 1044 DTD A S4  1 
HETATM 809 S S1  . DTD E 3 .  ? -11.360 -2.532  -4.531  1.00 24.73 ? 1045 DTD A S1  1 
HETATM 810 C C1  . DTD E 3 .  ? -10.729 -4.210  -4.566  1.00 24.07 ? 1045 DTD A C1  1 
HETATM 811 C C2  . DTD E 3 .  ? -10.961 -4.967  -3.275  1.00 17.45 ? 1045 DTD A C2  1 
HETATM 812 O O2  . DTD E 3 .  ? -10.669 -6.243  -3.771  1.00 19.82 ? 1045 DTD A O2  1 
HETATM 813 C C3  . DTD E 3 .  ? -12.386 -4.997  -2.702  1.00 15.50 ? 1045 DTD A C3  1 
HETATM 814 O O3  . DTD E 3 .  ? -12.297 -5.806  -1.540  1.00 15.95 ? 1045 DTD A O3  1 
HETATM 815 C C4  . DTD E 3 .  ? -12.915 -3.611  -2.308  1.00 15.61 ? 1045 DTD A C4  1 
HETATM 816 S S4  . DTD E 3 .  ? -13.281 -2.605  -3.804  1.00 16.90 ? 1045 DTD A S4  1 
HETATM 817 O O   . HOH F 4 .  ? 2.526   12.036  13.751  1.00 40.26 ? 2001 HOH A O   1 
HETATM 818 O O   . HOH F 4 .  ? 0.200   11.547  11.127  1.00 32.72 ? 2002 HOH A O   1 
HETATM 819 O O   . HOH F 4 .  ? -3.595  4.558   10.513  1.00 19.95 ? 2003 HOH A O   1 
HETATM 820 O O   . HOH F 4 .  ? -6.217  4.158   11.364  1.00 26.75 ? 2004 HOH A O   1 
HETATM 821 O O   . HOH F 4 .  ? -5.122  -2.194  12.415  1.00 26.59 ? 2005 HOH A O   1 
HETATM 822 O O   . HOH F 4 .  ? -5.478  -7.096  8.010   1.00 16.03 ? 2006 HOH A O   1 
HETATM 823 O O   . HOH F 4 .  ? -2.926  -18.424 -6.973  1.00 30.17 ? 2007 HOH A O   1 
HETATM 824 O O   . HOH F 4 .  ? -18.507 0.402   -9.587  1.00 25.45 ? 2008 HOH A O   1 
HETATM 825 O O   . HOH F 4 .  ? -0.681  -17.095 -0.533  1.00 24.09 ? 2009 HOH A O   1 
HETATM 826 O O   . HOH F 4 .  ? -7.124  -15.586 3.115   1.00 29.85 ? 2010 HOH A O   1 
HETATM 827 O O   . HOH F 4 .  ? -1.728  -17.203 -4.985  1.00 24.35 ? 2011 HOH A O   1 
HETATM 828 O O   . HOH F 4 .  ? -11.694 -12.340 -1.300  1.00 26.26 ? 2012 HOH A O   1 
HETATM 829 O O   . HOH F 4 .  ? -2.761  -14.493 -8.661  1.00 24.21 ? 2013 HOH A O   1 
HETATM 830 O O   . HOH F 4 .  ? -4.728  -12.667 -9.154  1.00 28.96 ? 2014 HOH A O   1 
HETATM 831 O O   . HOH F 4 .  ? 6.275   -14.106 -2.954  1.00 31.27 ? 2015 HOH A O   1 
HETATM 832 O O   . HOH F 4 .  ? 0.997   -15.655 -8.583  1.00 39.95 ? 2016 HOH A O   1 
HETATM 833 O O   . HOH F 4 .  ? 4.614   -14.162 -7.780  1.00 35.40 ? 2017 HOH A O   1 
HETATM 834 O O   . HOH F 4 .  ? 5.972   -10.481 -6.146  1.00 31.46 ? 2018 HOH A O   1 
HETATM 835 O O   . HOH F 4 .  ? 2.398   -4.918  -14.381 1.00 48.49 ? 2019 HOH A O   1 
HETATM 836 O O   . HOH F 4 .  ? 1.312   -7.771  -10.868 1.00 23.09 ? 2020 HOH A O   1 
HETATM 837 O O   . HOH F 4 .  ? 6.813   -1.920  -11.157 1.00 30.03 ? 2021 HOH A O   1 
HETATM 838 O O   . HOH F 4 .  ? 7.140   -6.171  -7.562  1.00 21.60 ? 2022 HOH A O   1 
HETATM 839 O O   . HOH F 4 .  ? 6.878   -3.569  -8.043  1.00 31.44 ? 2023 HOH A O   1 
HETATM 840 O O   . HOH F 4 .  ? -4.497  -0.901  -13.325 1.00 27.71 ? 2024 HOH A O   1 
HETATM 841 O O   . HOH F 4 .  ? -5.082  -5.567  -11.815 1.00 32.58 ? 2025 HOH A O   1 
HETATM 842 O O   . HOH F 4 .  ? -7.855  -1.394  1.428   1.00 10.44 ? 2026 HOH A O   1 
HETATM 843 O O   . HOH F 4 .  ? -10.958 4.752   -10.142 1.00 18.57 ? 2027 HOH A O   1 
HETATM 844 O O   . HOH F 4 .  ? -5.847  4.123   -12.708 1.00 21.41 ? 2028 HOH A O   1 
HETATM 845 O O   . HOH F 4 .  ? -10.630 -9.189  -10.668 1.00 21.43 ? 2029 HOH A O   1 
HETATM 846 O O   . HOH F 4 .  ? -11.569 0.706   -12.043 1.00 40.46 ? 2030 HOH A O   1 
HETATM 847 O O   . HOH F 4 .  ? -16.571 6.015   -6.798  1.00 38.65 ? 2031 HOH A O   1 
HETATM 848 O O   . HOH F 4 .  ? -17.584 0.531   -12.081 1.00 37.61 ? 2032 HOH A O   1 
HETATM 849 O O   . HOH F 4 .  ? -20.254 1.940   -5.420  1.00 32.09 ? 2033 HOH A O   1 
HETATM 850 O O   . HOH F 4 .  ? -20.223 2.363   -2.921  1.00 27.44 ? 2034 HOH A O   1 
HETATM 851 O O   . HOH F 4 .  ? -18.952 6.132   -6.493  1.00 41.81 ? 2035 HOH A O   1 
HETATM 852 O O   . HOH F 4 .  ? -13.957 7.695   -4.991  1.00 27.58 ? 2036 HOH A O   1 
HETATM 853 O O   . HOH F 4 .  ? -9.365  -11.203 -8.840  1.00 30.36 ? 2037 HOH A O   1 
HETATM 854 O O   . HOH F 4 .  ? -10.695 -8.637  -2.761  1.00 19.15 ? 2038 HOH A O   1 
HETATM 855 O O   . HOH F 4 .  ? -13.944 -7.795  -1.166  1.00 18.24 ? 2039 HOH A O   1 
HETATM 856 O O   . HOH G 4 .  ? 4.432   -20.989 5.536   1.00 41.67 ? 2001 HOH B O   1 
HETATM 857 O O   . HOH G 4 .  ? 3.307   -20.023 2.844   1.00 54.93 ? 2002 HOH B O   1 
HETATM 858 O O   . HOH G 4 .  ? 1.949   -18.094 -0.142  1.00 21.06 ? 2003 HOH B O   1 
HETATM 859 O O   . HOH G 4 .  ? 8.389   -15.593 2.529   1.00 30.80 ? 2004 HOH B O   1 
HETATM 860 O O   . HOH G 4 .  ? 6.736   -19.646 5.030   1.00 40.28 ? 2005 HOH B O   1 
HETATM 861 O O   . HOH G 4 .  ? 7.943   -8.436  -5.910  1.00 25.53 ? 2006 HOH B O   1 
HETATM 862 O O   . HOH G 4 .  ? 9.690   -2.480  -3.374  1.00 24.13 ? 2007 HOH B O   1 
HETATM 863 O O   . HOH G 4 .  ? 11.402  -6.966  0.563   1.00 33.47 ? 2008 HOH B O   1 
HETATM 864 O O   . HOH G 4 .  ? 8.928   -7.405  1.962   1.00 28.95 ? 2009 HOH B O   1 
HETATM 865 O O   . HOH G 4 .  ? 7.200   -7.624  3.900   1.00 21.94 ? 2010 HOH B O   1 
HETATM 866 O O   . HOH G 4 .  ? 6.949   -4.667  7.299   1.00 13.08 ? 2011 HOH B O   1 
HETATM 867 O O   . HOH G 4 .  ? 11.081  4.527   2.550   1.00 28.29 ? 2012 HOH B O   1 
HETATM 868 O O   . HOH G 4 .  ? 11.060  2.428   0.969   1.00 31.42 ? 2013 HOH B O   1 
HETATM 869 O O   . HOH G 4 .  ? 10.227  0.267   -2.901  1.00 27.72 ? 2014 HOH B O   1 
HETATM 870 O O   . HOH G 4 .  ? 0.376   13.149  9.033   1.00 32.41 ? 2015 HOH B O   1 
HETATM 871 O O   . HOH G 4 .  ? -7.272  16.293  6.235   1.00 24.87 ? 2016 HOH B O   1 
HETATM 872 O O   . HOH G 4 .  ? 9.106   7.660   -0.536  1.00 13.35 ? 2017 HOH B O   1 
HETATM 873 O O   . HOH G 4 .  ? 9.855   10.035  -1.809  1.00 12.05 ? 2018 HOH B O   1 
HETATM 874 O O   . HOH G 4 .  ? 8.990   1.003   -7.090  1.00 28.85 ? 2019 HOH B O   1 
HETATM 875 O O   . HOH G 4 .  ? -0.498  12.421  6.571   1.00 20.49 ? 2020 HOH B O   1 
HETATM 876 O O   . HOH G 4 .  ? 2.515   14.239  8.698   1.00 31.02 ? 2021 HOH B O   1 
HETATM 877 O O   . HOH G 4 .  ? 4.708   17.077  7.082   1.00 52.10 ? 2022 HOH B O   1 
HETATM 878 O O   . HOH G 4 .  ? 2.251   19.057  3.900   1.00 39.72 ? 2023 HOH B O   1 
HETATM 879 O O   . HOH G 4 .  ? 10.805  13.374  5.532   1.00 45.37 ? 2024 HOH B O   1 
HETATM 880 O O   . HOH G 4 .  ? 0.767   18.515  -0.089  1.00 29.92 ? 2025 HOH B O   1 
HETATM 881 O O   . HOH G 4 .  ? 0.479   17.123  -2.293  1.00 19.02 ? 2026 HOH B O   1 
HETATM 882 O O   . HOH G 4 .  ? -4.835  16.122  5.309   1.00 25.90 ? 2027 HOH B O   1 
HETATM 883 O O   . HOH G 4 .  ? -3.052  12.479  5.373   1.00 27.12 ? 2028 HOH B O   1 
HETATM 884 O O   . HOH G 4 .  ? -6.031  11.877  5.189   1.00 28.05 ? 2029 HOH B O   1 
HETATM 885 O O   . HOH G 4 .  ? -5.853  14.031  -1.302  1.00 24.89 ? 2030 HOH B O   1 
HETATM 886 O O   . HOH G 4 .  ? -9.430  13.462  -3.936  1.00 33.57 ? 2031 HOH B O   1 
HETATM 887 O O   . HOH G 4 .  ? -8.425  9.465   3.233   1.00 15.61 ? 2032 HOH B O   1 
HETATM 888 O O   . HOH G 4 .  ? -10.528 10.707  -6.298  1.00 33.04 ? 2033 HOH B O   1 
HETATM 889 O O   . HOH G 4 .  ? -0.626  13.088  -5.651  1.00 22.39 ? 2034 HOH B O   1 
HETATM 890 O O   . HOH G 4 .  ? 6.692   2.912   -2.546  1.00 17.18 ? 2035 HOH B O   1 
HETATM 891 O O   . HOH G 4 .  ? 6.166   6.602   -6.862  1.00 46.47 ? 2036 HOH B O   1 
HETATM 892 O O   . HOH G 4 .  ? -3.517  5.270   -13.201 1.00 22.51 ? 2037 HOH B O   1 
HETATM 893 O O   . HOH G 4 .  ? 0.856   11.642  -12.867 1.00 19.93 ? 2038 HOH B O   1 
HETATM 894 O O   . HOH G 4 .  ? -1.547  13.112  -11.911 1.00 20.51 ? 2039 HOH B O   1 
HETATM 895 O O   . HOH G 4 .  ? 8.470   1.358   -9.948  1.00 36.75 ? 2040 HOH B O   1 
HETATM 896 O O   . HOH G 4 .  ? 5.734   9.321   -13.255 1.00 13.66 ? 2041 HOH B O   1 
HETATM 897 O O   . HOH G 4 .  ? -0.144  9.238   -16.160 1.00 28.87 ? 2042 HOH B O   1 
HETATM 898 O O   . HOH G 4 .  ? 13.114  6.767   -15.164 1.00 19.37 ? 2043 HOH B O   1 
HETATM 899 O O   . HOH G 4 .  ? 8.152   -0.518  -12.446 1.00 43.27 ? 2044 HOH B O   1 
HETATM 900 O O   . HOH G 4 .  ? 3.038   -2.818  -15.224 1.00 29.49 ? 2045 HOH B O   1 
HETATM 901 O O   . HOH G 4 .  ? 13.857  2.771   -15.588 1.00 37.41 ? 2046 HOH B O   1 
HETATM 902 O O   . HOH H 4 .  ? -5.136  -17.282 6.407   1.00 35.11 ? 2001 HOH C O   1 
HETATM 903 O O   . HOH H 4 .  ? -10.188 -10.678 5.104   1.00 28.48 ? 2002 HOH C O   1 
HETATM 904 O O   . HOH H 4 .  ? 0.048   -6.430  16.304  1.00 28.42 ? 2003 HOH C O   1 
HETATM 905 O O   . HOH H 4 .  ? -6.028  -13.213 11.059  1.00 38.56 ? 2004 HOH C O   1 
HETATM 906 O O   . HOH H 4 .  ? 2.012   -10.854 17.514  1.00 12.23 ? 2005 HOH C O   1 
HETATM 907 O O   . HOH H 4 .  ? -1.557  -4.247  17.506  1.00 49.85 ? 2006 HOH C O   1 
HETATM 908 O O   . HOH H 4 .  ? 4.928   -11.931 15.084  1.00 32.18 ? 2007 HOH C O   1 
HETATM 909 O O   . HOH H 4 .  ? 4.108   -4.950  13.289  1.00 24.82 ? 2008 HOH C O   1 
HETATM 910 O O   . HOH H 4 .  ? -1.886  3.599   12.576  1.00 30.81 ? 2009 HOH C O   1 
HETATM 911 O O   . HOH H 4 .  ? 1.254   -5.066  14.302  1.00 33.98 ? 2010 HOH C O   1 
HETATM 912 O O   . HOH H 4 .  ? -2.738  -1.427  13.868  1.00 35.11 ? 2011 HOH C O   1 
HETATM 913 O O   . HOH H 4 .  ? 0.065   1.510   12.287  1.00 28.93 ? 2012 HOH C O   1 
HETATM 914 O O   . HOH H 4 .  ? 4.989   -2.308  14.233  1.00 30.92 ? 2013 HOH C O   1 
HETATM 915 O O   . HOH H 4 .  ? 2.623   1.485   13.075  1.00 23.38 ? 2014 HOH C O   1 
# 
loop_
_atom_site_anisotrop.id 
_atom_site_anisotrop.type_symbol 
_atom_site_anisotrop.pdbx_label_atom_id 
_atom_site_anisotrop.pdbx_label_alt_id 
_atom_site_anisotrop.pdbx_label_comp_id 
_atom_site_anisotrop.pdbx_label_asym_id 
_atom_site_anisotrop.pdbx_label_seq_id 
_atom_site_anisotrop.pdbx_PDB_ins_code 
_atom_site_anisotrop.U[1][1] 
_atom_site_anisotrop.U[2][2] 
_atom_site_anisotrop.U[3][3] 
_atom_site_anisotrop.U[1][2] 
_atom_site_anisotrop.U[1][3] 
_atom_site_anisotrop.U[2][3] 
_atom_site_anisotrop.pdbx_auth_seq_id 
_atom_site_anisotrop.pdbx_auth_comp_id 
_atom_site_anisotrop.pdbx_auth_asym_id 
_atom_site_anisotrop.pdbx_auth_atom_id 
1   N N   . ILE A 3  ? 0.3743 0.3566 0.2731 -0.0074 0.0211  -0.0485 5    ILE A N   
2   C CA  . ILE A 3  ? 0.3487 0.3209 0.2815 -0.0151 0.0311  -0.0405 5    ILE A CA  
3   C C   . ILE A 3  ? 0.3313 0.3066 0.2661 -0.0114 0.0403  -0.0371 5    ILE A C   
4   O O   . ILE A 3  ? 0.3481 0.3356 0.2686 -0.0055 0.0604  -0.0453 5    ILE A O   
5   C CB  . ILE A 3  ? 0.3540 0.3329 0.2869 -0.0080 0.0278  -0.0302 5    ILE A CB  
6   C CG1 . ILE A 3  ? 0.3596 0.3524 0.3071 -0.0199 0.0173  -0.0245 5    ILE A CG1 
7   C CG2 . ILE A 3  ? 0.3462 0.3450 0.3083 -0.0206 0.0162  -0.0383 5    ILE A CG2 
8   C CD1 . ILE A 3  ? 0.3879 0.3940 0.3752 -0.0261 0.0147  0.0092  5    ILE A CD1 
9   N N   . PRO A 4  ? 0.2965 0.2732 0.2179 0.0051  0.0593  -0.0474 6    PRO A N   
10  C CA  . PRO A 4  ? 0.2951 0.2511 0.2197 0.0085  0.0532  -0.0435 6    PRO A CA  
11  C C   . PRO A 4  ? 0.2795 0.2468 0.2460 0.0136  0.0607  -0.0461 6    PRO A C   
12  O O   . PRO A 4  ? 0.2619 0.2037 0.2351 0.0266  0.0585  -0.0530 6    PRO A O   
13  C CB  . PRO A 4  ? 0.3148 0.2607 0.2319 0.0145  0.0484  -0.0396 6    PRO A CB  
14  C CG  . PRO A 4  ? 0.2975 0.3066 0.2112 0.0044  0.0554  -0.0223 6    PRO A CG  
15  C CD  . PRO A 4  ? 0.2793 0.2826 0.2058 -0.0023 0.0531  -0.0369 6    PRO A CD  
16  N N   . PRO A 5  ? 0.2779 0.2314 0.2841 0.0231  0.0602  -0.0587 7    PRO A N   
17  C CA  . PRO A 5  ? 0.2743 0.2484 0.2951 0.0238  0.0575  -0.0469 7    PRO A CA  
18  C C   . PRO A 5  ? 0.2491 0.2291 0.2939 0.0239  0.0470  -0.0416 7    PRO A C   
19  O O   . PRO A 5  ? 0.2562 0.2147 0.3296 0.0419  0.0436  -0.0461 7    PRO A O   
20  C CB  . PRO A 5  ? 0.2775 0.2689 0.3082 0.0243  0.0590  -0.0461 7    PRO A CB  
21  C CG  . PRO A 5  ? 0.2972 0.2913 0.3320 0.0134  0.0512  -0.0353 7    PRO A CG  
22  C CD  . PRO A 5  ? 0.2803 0.2360 0.2995 0.0264  0.0593  -0.0581 7    PRO A CD  
23  N N   . GLY A 6  ? 0.2143 0.2147 0.2812 0.0321  0.0458  -0.0317 8    GLY A N   
24  C CA  . GLY A 6  ? 0.1735 0.1870 0.2570 0.0276  0.0475  -0.0271 8    GLY A CA  
25  C C   . GLY A 6  ? 0.1581 0.1445 0.2226 0.0284  0.0419  -0.0140 8    GLY A C   
26  O O   . GLY A 6  ? 0.1761 0.1409 0.2469 0.0229  0.0242  -0.0264 8    GLY A O   
27  N N   . LEU A 7  ? 0.1738 0.1409 0.1964 0.0239  0.0276  -0.0204 9    LEU A N   
28  C CA  . LEU A 7  ? 0.1369 0.1245 0.1681 0.0143  0.0246  0.0047  9    LEU A CA  
29  C C   . LEU A 7  ? 0.1142 0.1091 0.1544 0.0062  0.0204  -0.0144 9    LEU A C   
30  O O   . LEU A 7  ? 0.1332 0.0966 0.1265 -0.0066 0.0209  -0.0005 9    LEU A O   
31  C CB  . LEU A 7  ? 0.1438 0.1485 0.1748 0.0085  0.0342  -0.0136 9    LEU A CB  
32  C CG  . LEU A 7  ? 0.1794 0.1414 0.1492 0.0027  0.0290  0.0126  9    LEU A CG  
33  C CD1 . LEU A 7  ? 0.2115 0.1245 0.1593 -0.0305 0.0263  0.0252  9    LEU A CD1 
34  C CD2 . LEU A 7  ? 0.1409 0.1495 0.1845 -0.0322 0.0111  0.0127  9    LEU A CD2 
35  N N   . THR A 8  ? 0.1203 0.1298 0.1413 0.0026  0.0209  0.0081  10   THR A N   
36  C CA  . THR A 8  ? 0.1321 0.1218 0.1241 -0.0116 0.0053  0.0016  10   THR A CA  
37  C C   . THR A 8  ? 0.1161 0.1360 0.1277 -0.0232 0.0186  0.0142  10   THR A C   
38  O O   . THR A 8  ? 0.1200 0.1219 0.1053 -0.0172 0.0159  0.0143  10   THR A O   
39  C CB  . THR A 8  ? 0.1619 0.1461 0.1557 -0.0160 0.0234  0.0217  10   THR A CB  
40  O OG1 . THR A 8  ? 0.1913 0.1407 0.1484 -0.0120 -0.0090 0.0103  10   THR A OG1 
41  C CG2 . THR A 8  ? 0.1750 0.1957 0.1689 -0.0090 -0.0038 -0.0023 10   THR A CG2 
42  N N   . GLU A 9  ? 0.1186 0.1500 0.1461 -0.0043 0.0083  0.0127  11   GLU A N   
43  C CA  . GLU A 9  ? 0.1162 0.1572 0.1404 0.0007  0.0105  0.0032  11   GLU A CA  
44  C C   . GLU A 9  ? 0.1059 0.1127 0.1270 -0.0037 0.0010  0.0007  11   GLU A C   
45  O O   . GLU A 9  ? 0.1166 0.1147 0.1326 -0.0002 -0.0060 0.0004  11   GLU A O   
46  C CB  . GLU A 9  ? 0.1150 0.2066 0.1701 -0.0130 0.0322  0.0055  11   GLU A CB  
47  C CG  . GLU A 9  ? 0.2018 0.2309 0.1821 0.0009  0.0235  -0.0167 11   GLU A CG  
48  C CD  . GLU A 9  ? 0.2566 0.3113 0.2478 -0.0134 0.0153  -0.0170 11   GLU A CD  
49  O OE1 . GLU A 9  ? 0.2200 0.2857 0.2435 0.0318  0.0459  -0.0612 11   GLU A OE1 
50  O OE2 . GLU A 9  ? 0.3735 0.3991 0.2785 -0.0290 0.0105  -0.0143 11   GLU A OE2 
51  N N   . LEU A 10 ? 0.1155 0.1159 0.1333 0.0027  -0.0016 0.0248  12   LEU A N   
52  C CA  . LEU A 10 ? 0.1236 0.1133 0.1520 0.0000  -0.0095 0.0154  12   LEU A CA  
53  C C   . LEU A 10 ? 0.1207 0.1109 0.1309 0.0010  0.0010  0.0064  12   LEU A C   
54  O O   . LEU A 10 ? 0.1111 0.1080 0.1250 -0.0088 -0.0126 0.0159  12   LEU A O   
55  C CB  . LEU A 10 ? 0.1472 0.1293 0.1579 -0.0061 0.0024  0.0238  12   LEU A CB  
56  C CG  . LEU A 10 ? 0.1961 0.1740 0.2113 -0.0097 -0.0292 0.0153  12   LEU A CG  
57  C CD1 . LEU A 10 ? 0.2522 0.1976 0.2155 -0.0143 -0.0913 0.0150  12   LEU A CD1 
58  C CD2 . LEU A 10 ? 0.3009 0.1414 0.2220 -0.0360 -0.0231 0.0152  12   LEU A CD2 
59  N N   . LEU A 11 ? 0.1009 0.1029 0.1009 -0.0066 -0.0075 0.0163  13   LEU A N   
60  C CA  . LEU A 11 ? 0.0988 0.0809 0.1153 -0.0065 0.0036  0.0008  13   LEU A CA  
61  C C   . LEU A 11 ? 0.0877 0.1156 0.0889 -0.0145 -0.0117 -0.0055 13   LEU A C   
62  O O   . LEU A 11 ? 0.0884 0.0913 0.1067 -0.0075 0.0064  -0.0034 13   LEU A O   
63  C CB  . LEU A 11 ? 0.1055 0.1025 0.1149 -0.0028 -0.0015 0.0012  13   LEU A CB  
64  C CG  . LEU A 11 ? 0.1126 0.1108 0.1186 -0.0250 0.0080  0.0125  13   LEU A CG  
65  C CD1 . LEU A 11 ? 0.1229 0.1228 0.1337 -0.0264 -0.0136 0.0188  13   LEU A CD1 
66  C CD2 . LEU A 11 ? 0.1631 0.1372 0.1173 -0.0258 0.0035  0.0202  13   LEU A CD2 
67  N N   . GLN A 12 ? 0.0814 0.1052 0.1077 -0.0044 0.0073  0.0229  14   GLN A N   
68  C CA  . GLN A 12 ? 0.0943 0.0964 0.0943 -0.0111 0.0086  0.0012  14   GLN A CA  
69  C C   . GLN A 12 ? 0.0997 0.1098 0.0977 -0.0129 0.0099  0.0060  14   GLN A C   
70  O O   . GLN A 12 ? 0.0928 0.0897 0.1216 -0.0077 0.0167  -0.0081 14   GLN A O   
71  C CB  . GLN A 12 ? 0.1066 0.1044 0.0968 0.0054  -0.0030 0.0254  14   GLN A CB  
72  C CG  . GLN A 12 ? 0.1441 0.1585 0.0773 0.0065  -0.0037 -0.0071 14   GLN A CG  
73  C CD  . GLN A 12 ? 0.1437 0.1657 0.1473 0.0007  0.0019  -0.0085 14   GLN A CD  
74  O OE1 . GLN A 12 ? 0.1608 0.1820 0.1464 -0.0389 0.0057  0.0256  14   GLN A OE1 
75  N NE2 . GLN A 12 ? 0.1810 0.1577 0.1480 0.0192  -0.0072 -0.0202 14   GLN A NE2 
76  N N   . GLY A 13 ? 0.1055 0.0973 0.1055 0.0073  0.0001  0.0160  15   GLY A N   
77  C CA  . GLY A 13 ? 0.1259 0.1187 0.0903 -0.0100 0.0158  -0.0079 15   GLY A CA  
78  C C   . GLY A 13 ? 0.0950 0.1010 0.0948 0.0173  -0.0054 0.0130  15   GLY A C   
79  O O   . GLY A 13 ? 0.1011 0.0954 0.1040 0.0009  0.0011  0.0084  15   GLY A O   
80  N N   . TYR A 14 ? 0.0852 0.1250 0.1004 -0.0090 0.0135  0.0154  16   TYR A N   
81  C CA  . TYR A 14 ? 0.0878 0.1105 0.1182 0.0010  0.0052  0.0097  16   TYR A CA  
82  C C   . TYR A 14 ? 0.0744 0.0987 0.1165 -0.0191 0.0107  0.0069  16   TYR A C   
83  O O   . TYR A 14 ? 0.0908 0.0991 0.1150 -0.0089 0.0009  -0.0052 16   TYR A O   
84  C CB  . TYR A 14 ? 0.0899 0.1028 0.1080 -0.0257 0.0244  0.0109  16   TYR A CB  
85  C CG  . TYR A 14 ? 0.0963 0.0864 0.0874 -0.0058 -0.0019 0.0055  16   TYR A CG  
86  C CD1 . TYR A 14 ? 0.1079 0.0863 0.1012 -0.0209 -0.0107 0.0188  16   TYR A CD1 
87  C CD2 . TYR A 14 ? 0.1140 0.1223 0.0858 -0.0148 0.0145  0.0154  16   TYR A CD2 
88  C CE1 . TYR A 14 ? 0.0922 0.1110 0.0873 0.0038  0.0005  0.0271  16   TYR A CE1 
89  C CE2 . TYR A 14 ? 0.1245 0.1187 0.0798 -0.0037 0.0117  -0.0036 16   TYR A CE2 
90  C CZ  . TYR A 14 ? 0.0982 0.1109 0.0943 0.0073  0.0203  0.0091  16   TYR A CZ  
91  O OH  . TYR A 14 ? 0.1072 0.1292 0.1256 -0.0068 0.0272  0.0212  16   TYR A OH  
92  N N   . THR A 15 ? 0.0985 0.1052 0.0970 -0.0079 -0.0025 -0.0020 17   THR A N   
93  C CA  . THR A 15 ? 0.0906 0.0848 0.1124 -0.0187 -0.0046 0.0068  17   THR A CA  
94  C C   . THR A 15 ? 0.0842 0.1108 0.1041 -0.0150 -0.0063 -0.0016 17   THR A C   
95  O O   . THR A 15 ? 0.0989 0.0932 0.1094 0.0034  0.0138  -0.0084 17   THR A O   
96  C CB  . THR A 15 ? 0.0749 0.1246 0.1021 -0.0115 -0.0069 0.0114  17   THR A CB  
97  O OG1 . THR A 15 ? 0.0911 0.1093 0.1076 -0.0287 -0.0027 0.0183  17   THR A OG1 
98  C CG2 . THR A 15 ? 0.0905 0.1220 0.1358 0.0074  0.0047  0.0354  17   THR A CG2 
99  N N   . VAL A 16 ? 0.0881 0.1064 0.1081 -0.0142 -0.0058 0.0123  18   VAL A N   
100 C CA  . VAL A 16 ? 0.0832 0.1072 0.1254 -0.0023 -0.0111 0.0082  18   VAL A CA  
101 C C   . VAL A 16 ? 0.1022 0.1124 0.1269 -0.0156 -0.0084 -0.0019 18   VAL A C   
102 O O   . VAL A 16 ? 0.1022 0.0970 0.1204 -0.0075 -0.0090 -0.0008 18   VAL A O   
103 C CB  . VAL A 16 ? 0.0843 0.1110 0.1223 -0.0274 -0.0074 0.0219  18   VAL A CB  
104 C CG1 . VAL A 16 ? 0.0892 0.1029 0.1331 -0.0396 0.0147  -0.0009 18   VAL A CG1 
105 C CG2 . VAL A 16 ? 0.0996 0.1314 0.1108 -0.0102 -0.0106 0.0038  18   VAL A CG2 
106 N N   . GLU A 17 ? 0.1146 0.1051 0.1165 -0.0027 0.0066  -0.0059 19   GLU A N   
107 C CA  . GLU A 17 ? 0.1136 0.0946 0.1223 -0.0119 0.0000  0.0125  19   GLU A CA  
108 C C   . GLU A 17 ? 0.1115 0.0842 0.1135 0.0078  0.0062  0.0088  19   GLU A C   
109 O O   . GLU A 17 ? 0.1260 0.0838 0.1293 -0.0021 -0.0046 0.0000  19   GLU A O   
110 C CB  . GLU A 17 ? 0.1008 0.1313 0.1052 -0.0039 0.0064  0.0063  19   GLU A CB  
111 C CG  . GLU A 17 ? 0.0988 0.1173 0.1408 -0.0245 0.0094  0.0052  19   GLU A CG  
112 C CD  . GLU A 17 ? 0.0868 0.1481 0.1114 0.0169  -0.0065 -0.0080 19   GLU A CD  
113 O OE1 . GLU A 17 ? 0.1431 0.1294 0.1325 -0.0178 0.0274  -0.0293 19   GLU A OE1 
114 O OE2 . GLU A 17 ? 0.1428 0.1260 0.1937 -0.0178 0.0406  -0.0066 19   GLU A OE2 
115 N N   . VAL A 18 ? 0.0989 0.1043 0.1161 0.0043  0.0096  0.0078  20   VAL A N   
116 C CA  . VAL A 18 ? 0.1061 0.0916 0.1289 0.0090  0.0078  0.0010  20   VAL A CA  
117 C C   . VAL A 18 ? 0.1166 0.1042 0.1001 0.0038  -0.0089 0.0067  20   VAL A C   
118 O O   . VAL A 18 ? 0.1094 0.0988 0.1201 0.0051  0.0041  -0.0040 20   VAL A O   
119 C CB  . VAL A 18 ? 0.1033 0.1088 0.1358 -0.0051 0.0143  0.0169  20   VAL A CB  
120 C CG1 . VAL A 18 ? 0.0870 0.1428 0.1408 -0.0042 0.0115  0.0000  20   VAL A CG1 
121 C CG2 . VAL A 18 ? 0.1017 0.1006 0.1558 -0.0094 0.0095  0.0021  20   VAL A CG2 
122 N N   . LEU A 19 ? 0.1166 0.0893 0.1078 -0.0003 0.0062  0.0172  21   LEU A N   
123 C CA  . LEU A 19 ? 0.1174 0.0956 0.1048 -0.0070 0.0027  -0.0002 21   LEU A CA  
124 C C   . LEU A 19 ? 0.1085 0.1015 0.1057 0.0061  -0.0097 -0.0097 21   LEU A C   
125 O O   . LEU A 19 ? 0.1095 0.0940 0.1398 0.0051  0.0015  -0.0132 21   LEU A O   
126 C CB  . LEU A 19 ? 0.1200 0.1005 0.1091 -0.0034 0.0019  0.0159  21   LEU A CB  
127 C CG  . LEU A 19 ? 0.1059 0.1298 0.1270 0.0156  -0.0197 0.0048  21   LEU A CG  
128 C CD1 . LEU A 19 ? 0.1365 0.1729 0.1162 -0.0063 -0.0139 -0.0090 21   LEU A CD1 
129 C CD2 . LEU A 19 ? 0.1118 0.1894 0.1786 0.0082  -0.0045 -0.0083 21   LEU A CD2 
130 N N   . ARG A 20 ? 0.0985 0.0972 0.1087 -0.0020 -0.0027 -0.0068 22   ARG A N   
131 C CA  . ARG A 20 ? 0.1153 0.1065 0.1218 -0.0038 -0.0004 -0.0078 22   ARG A CA  
132 C C   . ARG A 20 ? 0.1031 0.1259 0.1239 0.0146  -0.0075 0.0028  22   ARG A C   
133 O O   . ARG A 20 ? 0.1320 0.1113 0.1216 0.0173  -0.0100 -0.0033 22   ARG A O   
134 C CB  . ARG A 20 ? 0.1142 0.1234 0.1402 0.0072  0.0079  -0.0006 22   ARG A CB  
135 C CG  . ARG A 20 ? 0.1008 0.1029 0.1442 0.0146  0.0046  -0.0012 22   ARG A CG  
136 C CD  . ARG A 20 ? 0.1128 0.1504 0.1442 0.0041  0.0006  0.0105  22   ARG A CD  
137 N NE  . ARG A 20 ? 0.1142 0.1243 0.1580 0.0140  0.0225  -0.0002 22   ARG A NE  
138 C CZ  . ARG A 20 ? 0.1465 0.1195 0.1685 -0.0080 0.0365  0.0028  22   ARG A CZ  
139 N NH1 . ARG A 20 ? 0.1650 0.1313 0.2251 0.0023  -0.0149 0.0216  22   ARG A NH1 
140 N NH2 . ARG A 20 ? 0.1891 0.1873 0.1995 0.0304  0.0710  0.0513  22   ARG A NH2 
141 N N   . GLN A 21 ? 0.1153 0.1148 0.1111 -0.0044 -0.0001 0.0003  23   GLN A N   
142 C CA  . GLN A 21 ? 0.1101 0.1362 0.1307 -0.0046 -0.0011 0.0074  23   GLN A CA  
143 C C   . GLN A 21 ? 0.1303 0.1367 0.1326 0.0013  0.0115  -0.0191 23   GLN A C   
144 O O   . GLN A 21 ? 0.1478 0.1353 0.1281 -0.0012 0.0137  -0.0094 23   GLN A O   
145 C CB  . GLN A 21 ? 0.1077 0.1277 0.1296 -0.0078 -0.0001 0.0072  23   GLN A CB  
146 C CG  . GLN A 21 ? 0.1101 0.1122 0.1552 -0.0246 -0.0025 0.0237  23   GLN A CG  
147 C CD  . GLN A 21 ? 0.1249 0.1124 0.1316 -0.0400 -0.0149 -0.0121 23   GLN A CD  
148 O OE1 . GLN A 21 ? 0.1370 0.1484 0.1281 -0.0067 -0.0074 0.0003  23   GLN A OE1 
149 N NE2 . GLN A 21 ? 0.1301 0.1219 0.1613 -0.0111 0.0234  -0.0124 23   GLN A NE2 
150 N N   . GLN A 22 ? 0.1200 0.1470 0.1216 -0.0064 0.0157  0.0021  24   GLN A N   
151 C CA  . GLN A 22 ? 0.1239 0.1404 0.1245 0.0086  0.0047  0.0033  24   GLN A CA  
152 C C   . GLN A 22 ? 0.1330 0.1116 0.1334 0.0114  -0.0020 -0.0013 24   GLN A C   
153 O O   . GLN A 22 ? 0.1683 0.1569 0.1378 0.0204  0.0279  -0.0050 24   GLN A O   
154 C CB  . GLN A 22 ? 0.1408 0.1309 0.1269 0.0063  0.0035  0.0005  24   GLN A CB  
155 C CG  . GLN A 22 ? 0.1463 0.1567 0.1381 0.0197  -0.0026 0.0058  24   GLN A CG  
156 C CD  . GLN A 22 ? 0.1504 0.1812 0.1551 0.0243  0.0018  0.0103  24   GLN A CD  
157 O OE1 . GLN A 22 ? 0.1986 0.1899 0.1876 0.0565  0.0112  -0.0189 24   GLN A OE1 
158 N NE2 . GLN A 22 ? 0.1240 0.2130 0.1428 0.0216  0.0024  0.0207  24   GLN A NE2 
159 N N   . PRO A 23 ? 0.1489 0.1030 0.1342 0.0176  0.0112  0.0035  25   PRO A N   
160 C CA  . PRO A 23 ? 0.1674 0.1226 0.1594 0.0068  0.0117  0.0051  25   PRO A CA  
161 C C   . PRO A 23 ? 0.1895 0.1219 0.1717 0.0092  0.0180  0.0017  25   PRO A C   
162 O O   . PRO A 23 ? 0.1826 0.1734 0.1798 0.0008  0.0070  0.0245  25   PRO A O   
163 C CB  . PRO A 23 ? 0.1940 0.1314 0.1548 0.0108  0.0084  0.0051  25   PRO A CB  
164 C CG  . PRO A 23 ? 0.1621 0.1419 0.1357 0.0083  0.0042  0.0007  25   PRO A CG  
165 C CD  . PRO A 23 ? 0.1396 0.1266 0.1365 0.0060  0.0287  -0.0049 25   PRO A CD  
166 N N   . PRO A 24 ? 0.1978 0.1592 0.2012 -0.0138 0.0328  0.0158  26   PRO A N   
167 C CA  . PRO A 24 ? 0.2024 0.1741 0.2114 -0.0119 0.0410  0.0062  26   PRO A CA  
168 C C   . PRO A 24 ? 0.1882 0.1698 0.2127 0.0009  0.0427  0.0060  26   PRO A C   
169 O O   . PRO A 24 ? 0.1762 0.1854 0.2825 0.0004  0.0351  0.0138  26   PRO A O   
170 C CB  . PRO A 24 ? 0.2370 0.1936 0.2206 -0.0034 0.0376  0.0085  26   PRO A CB  
171 C CG  . PRO A 24 ? 0.2449 0.2299 0.1756 -0.0228 0.0353  -0.0090 26   PRO A CG  
172 C CD  . PRO A 24 ? 0.2237 0.2072 0.1943 -0.0161 0.0411  -0.0011 26   PRO A CD  
173 N N   . ASP A 25 ? 0.1606 0.1392 0.1881 0.0070  0.0351  -0.0040 27   ASP A N   
174 C CA  . ASP A 25 ? 0.1712 0.1395 0.1431 0.0016  0.0279  -0.0060 27   ASP A CA  
175 C C   . ASP A 25 ? 0.1365 0.1231 0.1351 0.0054  0.0173  0.0007  27   ASP A C   
176 O O   . ASP A 25 ? 0.1235 0.1335 0.1247 -0.0045 0.0177  0.0043  27   ASP A O   
177 C CB  . ASP A 25 ? 0.1912 0.1492 0.1432 0.0050  0.0190  -0.0088 27   ASP A CB  
178 C CG  . ASP A 25 ? 0.1874 0.1771 0.1695 0.0166  0.0375  0.0223  27   ASP A CG  
179 O OD1 . ASP A 25 ? 0.1804 0.1948 0.1775 0.0183  0.0622  -0.0135 27   ASP A OD1 
180 O OD2 . ASP A 25 ? 0.3311 0.2900 0.2058 -0.0192 0.0909  0.0329  27   ASP A OD2 
181 N N   . LEU A 26 ? 0.1198 0.1158 0.1183 -0.0043 0.0275  -0.0104 28   LEU A N   
182 C CA  . LEU A 26 ? 0.1241 0.1199 0.1026 0.0101  0.0171  -0.0018 28   LEU A CA  
183 C C   . LEU A 26 ? 0.1232 0.1307 0.1365 0.0018  0.0224  0.0136  28   LEU A C   
184 O O   . LEU A 26 ? 0.1184 0.1275 0.1162 0.0134  0.0256  0.0045  28   LEU A O   
185 C CB  . LEU A 26 ? 0.1444 0.1481 0.1221 0.0100  -0.0115 -0.0049 28   LEU A CB  
186 C CG  . LEU A 26 ? 0.1617 0.1351 0.1521 0.0022  -0.0124 0.0184  28   LEU A CG  
187 C CD1 . LEU A 26 ? 0.1869 0.2019 0.1854 0.0050  -0.0486 0.0110  28   LEU A CD1 
188 C CD2 . LEU A 26 ? 0.1705 0.2181 0.2349 -0.0087 -0.0107 0.0332  28   LEU A CD2 
189 N N   . VAL A 27 ? 0.1293 0.1141 0.1414 0.0011  0.0238  0.0151  29   VAL A N   
190 C CA  . VAL A 27 ? 0.1143 0.1316 0.1238 -0.0051 0.0197  0.0058  29   VAL A CA  
191 C C   . VAL A 27 ? 0.1358 0.1350 0.1367 -0.0103 0.0197  0.0219  29   VAL A C   
192 O O   . VAL A 27 ? 0.1128 0.1261 0.1375 -0.0027 0.0168  0.0190  29   VAL A O   
193 C CB  . VAL A 27 ? 0.1426 0.1386 0.1554 -0.0140 0.0119  0.0221  29   VAL A CB  
194 C CG1 . VAL A 27 ? 0.1592 0.1195 0.1970 -0.0127 -0.0104 -0.0026 29   VAL A CG1 
195 C CG2 . VAL A 27 ? 0.1602 0.1853 0.1374 -0.0185 -0.0047 -0.0071 29   VAL A CG2 
196 N N   . GLU A 28 ? 0.1270 0.1204 0.1272 -0.0174 0.0231  0.0132  30   GLU A N   
197 C CA  . GLU A 28 ? 0.1206 0.1555 0.1549 -0.0133 0.0170  -0.0075 30   GLU A CA  
198 C C   . GLU A 28 ? 0.1180 0.1258 0.1285 -0.0059 0.0184  0.0020  30   GLU A C   
199 O O   . GLU A 28 ? 0.1138 0.1240 0.1185 0.0035  0.0174  -0.0015 30   GLU A O   
200 C CB  . GLU A 28 ? 0.1402 0.1814 0.1478 -0.0246 0.0184  0.0041  30   GLU A CB  
201 C CG  . GLU A 28 ? 0.2430 0.3032 0.2666 -0.0315 -0.0145 -0.0284 30   GLU A CG  
202 C CD  . GLU A 28 ? 0.3441 0.3922 0.3823 -0.0111 -0.0029 0.0162  30   GLU A CD  
203 O OE1 . GLU A 28 ? 0.3380 0.4288 0.3563 -0.0137 -0.0028 0.0044  30   GLU A OE1 
204 O OE2 . GLU A 28 ? 0.3652 0.4658 0.4032 -0.0401 -0.0044 0.0066  30   GLU A OE2 
205 N N   . PHE A 29 ? 0.1194 0.1165 0.1220 -0.0105 0.0128  0.0060  31   PHE A N   
206 C CA  . PHE A 29 ? 0.1198 0.1106 0.1203 -0.0065 0.0053  0.0088  31   PHE A CA  
207 C C   . PHE A 29 ? 0.1047 0.1140 0.1226 -0.0025 -0.0123 0.0086  31   PHE A C   
208 O O   . PHE A 29 ? 0.1181 0.1129 0.1339 -0.0017 -0.0080 0.0182  31   PHE A O   
209 C CB  . PHE A 29 ? 0.1058 0.1250 0.1220 -0.0192 -0.0010 0.0252  31   PHE A CB  
210 C CG  . PHE A 29 ? 0.1031 0.1204 0.1284 -0.0136 0.0084  0.0027  31   PHE A CG  
211 C CD1 . PHE A 29 ? 0.1068 0.1327 0.1328 -0.0028 -0.0019 0.0048  31   PHE A CD1 
212 C CD2 . PHE A 29 ? 0.1259 0.1097 0.1469 -0.0119 0.0106  -0.0020 31   PHE A CD2 
213 C CE1 . PHE A 29 ? 0.1326 0.1229 0.1673 -0.0433 0.0074  0.0013  31   PHE A CE1 
214 C CE2 . PHE A 29 ? 0.1442 0.1457 0.1239 -0.0061 -0.0082 0.0098  31   PHE A CE2 
215 C CZ  . PHE A 29 ? 0.1344 0.1312 0.1391 -0.0384 -0.0103 0.0097  31   PHE A CZ  
216 N N   . ALA A 30 ? 0.1018 0.1153 0.1064 -0.0250 0.0096  -0.0102 32   ALA A N   
217 C CA  . ALA A 30 ? 0.1053 0.0855 0.1167 -0.0009 0.0085  0.0124  32   ALA A CA  
218 C C   . ALA A 30 ? 0.1122 0.1184 0.1105 -0.0040 0.0064  0.0014  32   ALA A C   
219 O O   . ALA A 30 ? 0.1059 0.1008 0.1249 -0.0011 0.0159  0.0048  32   ALA A O   
220 C CB  . ALA A 30 ? 0.1069 0.0941 0.1068 -0.0306 0.0049  0.0059  32   ALA A CB  
221 N N   . VAL A 31 ? 0.1177 0.1070 0.1106 -0.0106 0.0039  0.0192  33   VAL A N   
222 C CA  . VAL A 31 ? 0.1206 0.1329 0.1106 -0.0200 0.0062  0.0191  33   VAL A CA  
223 C C   . VAL A 31 ? 0.1276 0.1271 0.1290 -0.0056 0.0030  0.0070  33   VAL A C   
224 O O   . VAL A 31 ? 0.1382 0.1177 0.1242 0.0034  0.0153  0.0184  33   VAL A O   
225 C CB  . VAL A 31 ? 0.1408 0.1225 0.0903 -0.0207 0.0069  0.0129  33   VAL A CB  
226 C CG1 . VAL A 31 ? 0.1153 0.1416 0.1550 0.0034  -0.0199 0.0278  33   VAL A CG1 
227 C CG2 . VAL A 31 ? 0.1286 0.1431 0.1596 -0.0270 -0.0022 0.0129  33   VAL A CG2 
228 N N   . GLU A 32 ? 0.1238 0.1119 0.1194 -0.0215 0.0067  0.0051  34   GLU A N   
229 C CA  . GLU A 32 ? 0.1131 0.1179 0.1165 -0.0113 0.0206  -0.0001 34   GLU A CA  
230 C C   . GLU A 32 ? 0.1262 0.1143 0.1073 -0.0032 0.0119  0.0037  34   GLU A C   
231 O O   . GLU A 32 ? 0.1114 0.1363 0.1103 0.0082  0.0124  0.0125  34   GLU A O   
232 C CB  . GLU A 32 ? 0.1151 0.1477 0.1626 -0.0374 0.0099  -0.0317 34   GLU A CB  
233 C CG  . GLU A 32 ? 0.1692 0.2152 0.2064 -0.0476 0.0209  0.0052  34   GLU A CG  
234 C CD  . GLU A 32 ? 0.2992 0.3626 0.2954 -0.0528 0.0093  -0.0048 34   GLU A CD  
235 O OE1 . GLU A 32 ? 0.3214 0.3636 0.2989 -0.0591 0.0092  0.0258  34   GLU A OE1 
236 O OE2 . GLU A 32 ? 0.2534 0.4506 0.2286 -0.1243 -0.0283 -0.0268 34   GLU A OE2 
237 N N   . TYR A 33 ? 0.1214 0.1008 0.0933 -0.0283 0.0104  0.0152  35   TYR A N   
238 C CA  . TYR A 33 ? 0.1015 0.1033 0.0813 -0.0128 0.0013  0.0075  35   TYR A CA  
239 C C   . TYR A 33 ? 0.1101 0.0993 0.1095 -0.0163 0.0081  0.0062  35   TYR A C   
240 O O   . TYR A 33 ? 0.0929 0.1091 0.1193 0.0017  -0.0072 0.0023  35   TYR A O   
241 C CB  . TYR A 33 ? 0.1356 0.1212 0.0786 -0.0188 -0.0052 0.0139  35   TYR A CB  
242 C CG  . TYR A 33 ? 0.1014 0.1112 0.0966 -0.0064 -0.0064 0.0324  35   TYR A CG  
243 C CD1 . TYR A 33 ? 0.1277 0.1217 0.1121 -0.0247 0.0039  0.0005  35   TYR A CD1 
244 C CD2 . TYR A 33 ? 0.1140 0.1119 0.1114 -0.0037 0.0003  0.0228  35   TYR A CD2 
245 C CE1 . TYR A 33 ? 0.1478 0.1100 0.1137 -0.0009 0.0185  -0.0087 35   TYR A CE1 
246 C CE2 . TYR A 33 ? 0.0886 0.0987 0.1222 -0.0048 -0.0064 0.0246  35   TYR A CE2 
247 C CZ  . TYR A 33 ? 0.1162 0.1154 0.0716 -0.0012 -0.0037 0.0334  35   TYR A CZ  
248 O OH  . TYR A 33 ? 0.1190 0.1210 0.1115 -0.0086 0.0161  0.0144  35   TYR A OH  
249 N N   . PHE A 34 ? 0.0957 0.0955 0.1044 -0.0175 0.0085  0.0205  36   PHE A N   
250 C CA  . PHE A 34 ? 0.1065 0.1078 0.1195 -0.0132 -0.0075 0.0096  36   PHE A CA  
251 C C   . PHE A 34 ? 0.1228 0.1338 0.1118 -0.0132 0.0055  0.0133  36   PHE A C   
252 O O   . PHE A 34 ? 0.1234 0.1247 0.1268 -0.0010 0.0187  0.0223  36   PHE A O   
253 C CB  . PHE A 34 ? 0.1072 0.1111 0.1148 -0.0026 -0.0072 0.0120  36   PHE A CB  
254 C CG  . PHE A 34 ? 0.1254 0.0932 0.1066 -0.0195 -0.0119 -0.0077 36   PHE A CG  
255 C CD1 . PHE A 34 ? 0.1543 0.1264 0.1184 -0.0291 -0.0100 -0.0201 36   PHE A CD1 
256 C CD2 . PHE A 34 ? 0.1466 0.0926 0.1608 -0.0201 -0.0556 -0.0037 36   PHE A CD2 
257 C CE1 . PHE A 34 ? 0.1808 0.1408 0.1443 -0.0476 -0.0281 -0.0055 36   PHE A CE1 
258 C CE2 . PHE A 34 ? 0.1669 0.1094 0.2011 -0.0136 -0.0450 -0.0321 36   PHE A CE2 
259 C CZ  . PHE A 34 ? 0.2024 0.1205 0.1946 -0.0248 -0.0430 0.0089  36   PHE A CZ  
260 N N   . THR A 35 ? 0.1157 0.1476 0.0947 -0.0142 0.0031  0.0239  37   THR A N   
261 C CA  . THR A 35 ? 0.1079 0.1339 0.1047 -0.0258 -0.0048 0.0157  37   THR A CA  
262 C C   . THR A 35 ? 0.1203 0.1401 0.1367 -0.0044 -0.0080 0.0236  37   THR A C   
263 O O   . THR A 35 ? 0.1143 0.1328 0.1361 0.0075  -0.0145 0.0212  37   THR A O   
264 C CB  . THR A 35 ? 0.1412 0.1532 0.0808 -0.0115 -0.0259 0.0094  37   THR A CB  
265 O OG1 . THR A 35 ? 0.1323 0.1273 0.1206 -0.0165 0.0171  0.0176  37   THR A OG1 
266 C CG2 . THR A 35 ? 0.1324 0.1793 0.0962 0.0118  -0.0122 -0.0063 37   THR A CG2 
267 N N   . ARG A 36 ? 0.1006 0.1174 0.1272 -0.0080 0.0083  0.0142  38   ARG A N   
268 C CA  . ARG A 36 ? 0.1075 0.1263 0.1346 0.0060  0.0205  0.0142  38   ARG A CA  
269 C C   . ARG A 36 ? 0.1239 0.1199 0.1224 0.0055  0.0062  0.0027  38   ARG A C   
270 O O   . ARG A 36 ? 0.0989 0.1463 0.1492 0.0019  0.0012  0.0066  38   ARG A O   
271 C CB  . ARG A 36 ? 0.1387 0.1283 0.1599 -0.0207 0.0078  0.0023  38   ARG A CB  
272 C CG  . ARG A 36 ? 0.2057 0.1433 0.1869 -0.0298 0.0594  -0.0092 38   ARG A CG  
273 C CD  . ARG A 36 ? 0.1884 0.1791 0.2178 -0.0504 0.0729  -0.0363 38   ARG A CD  
274 N NE  . ARG A 36 ? 0.1713 0.1359 0.1920 -0.0543 0.0311  -0.0056 38   ARG A NE  
275 C CZ  . ARG A 36 ? 0.1116 0.1583 0.1836 -0.0080 0.0028  -0.0244 38   ARG A CZ  
276 N NH1 . ARG A 36 ? 0.1260 0.2665 0.1893 -0.0235 0.0366  -0.0531 38   ARG A NH1 
277 N NH2 . ARG A 36 ? 0.1271 0.1071 0.2205 -0.0132 0.0248  0.0071  38   ARG A NH2 
278 N N   . LEU A 37 ? 0.1157 0.1348 0.0924 -0.0112 0.0002  0.0132  39   LEU A N   
279 C CA  . LEU A 37 ? 0.1215 0.1233 0.1325 0.0075  -0.0082 0.0004  39   LEU A CA  
280 C C   . LEU A 37 ? 0.1079 0.1283 0.1506 -0.0036 0.0001  0.0067  39   LEU A C   
281 O O   . LEU A 37 ? 0.1102 0.1665 0.1684 0.0069  0.0050  -0.0020 39   LEU A O   
282 C CB  . LEU A 37 ? 0.1271 0.1562 0.1243 -0.0029 0.0112  -0.0037 39   LEU A CB  
283 C CG  . LEU A 37 ? 0.1359 0.1459 0.1154 -0.0149 0.0188  0.0082  39   LEU A CG  
284 C CD1 . LEU A 37 ? 0.1782 0.2123 0.1521 -0.0529 0.0155  0.0478  39   LEU A CD1 
285 C CD2 . LEU A 37 ? 0.1520 0.1778 0.1354 -0.0061 -0.0328 0.0010  39   LEU A CD2 
286 N N   . ARG A 38 ? 0.1257 0.1244 0.1210 -0.0047 -0.0074 0.0130  40   ARG A N   
287 C CA  . ARG A 38 ? 0.1366 0.1379 0.1542 -0.0005 -0.0049 0.0035  40   ARG A CA  
288 C C   . ARG A 38 ? 0.1218 0.1477 0.1436 0.0070  0.0025  0.0030  40   ARG A C   
289 O O   . ARG A 38 ? 0.1269 0.1667 0.1554 0.0220  0.0043  -0.0078 40   ARG A O   
290 C CB  . ARG A 38 ? 0.1320 0.1338 0.1777 -0.0022 0.0158  0.0172  40   ARG A CB  
291 C CG  . ARG A 38 ? 0.1725 0.1372 0.2100 0.0103  0.0012  0.0171  40   ARG A CG  
292 C CD  . ARG A 38 ? 0.2007 0.1545 0.1851 -0.0021 0.0060  0.0002  40   ARG A CD  
293 N NE  . ARG A 38 ? 0.1983 0.1862 0.1931 -0.0003 0.0163  0.0128  40   ARG A NE  
294 C CZ  . ARG A 38 ? 0.2527 0.2137 0.1603 -0.0015 0.0144  -0.0054 40   ARG A CZ  
295 N NH1 . ARG A 38 ? 0.3045 0.2329 0.1567 0.0424  0.0088  0.0059  40   ARG A NH1 
296 N NH2 . ARG A 38 ? 0.2288 0.2256 0.2363 -0.0195 0.0176  0.0159  40   ARG A NH2 
297 N N   . GLU A 39 ? 0.1235 0.1419 0.1522 0.0034  -0.0145 0.0006  41   GLU A N   
298 C CA  . GLU A 39 ? 0.1419 0.1852 0.1826 0.0097  -0.0153 0.0019  41   GLU A CA  
299 C C   . GLU A 39 ? 0.1352 0.1806 0.1748 -0.0031 -0.0091 0.0095  41   GLU A C   
300 O O   . GLU A 39 ? 0.1470 0.1628 0.1884 0.0291  -0.0058 0.0134  41   GLU A O   
301 C CB  . GLU A 39 ? 0.1464 0.1775 0.1862 -0.0057 -0.0218 -0.0010 41   GLU A CB  
302 C CG  . GLU A 39 ? 0.1938 0.2251 0.2346 -0.0098 -0.0321 -0.0201 41   GLU A CG  
303 C CD  . GLU A 39 ? 0.2284 0.2625 0.2273 0.0102  -0.0353 -0.0297 41   GLU A CD  
304 O OE1 . GLU A 39 ? 0.3731 0.3364 0.3402 0.0548  -0.0026 -0.0483 41   GLU A OE1 
305 O OE2 . GLU A 39 ? 0.3605 0.3631 0.3217 0.0135  -0.0613 -0.0487 41   GLU A OE2 
306 N N   . ALA A 40 ? 0.1248 0.1606 0.1655 -0.0035 0.0065  0.0198  42   ALA A N   
307 C CA  . ALA A 40 ? 0.1371 0.2012 0.1847 0.0062  0.0111  0.0031  42   ALA A CA  
308 C C   . ALA A 40 ? 0.1466 0.2032 0.2056 -0.0048 0.0135  -0.0143 42   ALA A C   
309 O O   . ALA A 40 ? 0.1559 0.2556 0.2414 0.0011  0.0125  -0.0354 42   ALA A O   
310 C CB  . ALA A 40 ? 0.1406 0.1753 0.1746 0.0072  0.0202  0.0315  42   ALA A CB  
311 N N   . ARG A 41 ? 0.1565 0.2317 0.2307 0.0002  0.0024  -0.0599 43   ARG A N   
312 C CA  . ARG A 41 ? 0.1818 0.2588 0.2617 0.0024  -0.0003 -0.0618 43   ARG A CA  
313 C C   . ARG A 41 ? 0.1767 0.2347 0.2905 0.0315  0.0049  -0.0823 43   ARG A C   
314 O O   . ARG A 41 ? 0.2455 0.3337 0.3383 0.0156  0.0010  -0.0697 43   ARG A O   
315 C CB  . ARG A 41 ? 0.1788 0.2661 0.2769 -0.0106 0.0027  -0.0761 43   ARG A CB  
316 C CG  . ARG A 41 ? 0.2292 0.2905 0.3036 -0.0196 -0.0055 -0.0579 43   ARG A CG  
317 C CD  . ARG A 41 ? 0.2708 0.3122 0.3398 -0.0525 -0.0020 -0.0472 43   ARG A CD  
318 N NE  . ARG A 41 ? 0.2286 0.3050 0.3322 -0.0363 -0.0154 -0.0511 43   ARG A NE  
319 C CZ  . ARG A 41 ? 0.1822 0.2246 0.2999 0.0102  0.0149  -0.0679 43   ARG A CZ  
320 N NH1 . ARG A 41 ? 0.1842 0.2514 0.3138 0.0307  0.0049  -0.0779 43   ARG A NH1 
321 N NH2 . ARG A 41 ? 0.2230 0.2690 0.2888 -0.0133 0.0286  -0.0876 43   ARG A NH2 
322 N N   . ILE B 1  ? 0.3401 0.3202 0.2881 0.0208  -0.0258 0.0368  3    ILE B N   
323 C CA  . ILE B 1  ? 0.3253 0.2791 0.2695 0.0196  -0.0197 0.0170  3    ILE B CA  
324 C C   . ILE B 1  ? 0.3003 0.2472 0.2444 0.0193  -0.0310 0.0094  3    ILE B C   
325 O O   . ILE B 1  ? 0.3256 0.2734 0.2354 0.0060  -0.0423 -0.0017 3    ILE B O   
326 C CB  . ILE B 1  ? 0.3531 0.3108 0.3064 0.0240  -0.0132 0.0300  3    ILE B CB  
327 C CG1 . ILE B 1  ? 0.3545 0.2822 0.3140 0.0134  -0.0119 0.0016  3    ILE B CG1 
328 C CG2 . ILE B 1  ? 0.3563 0.3122 0.3222 0.0202  -0.0070 0.0015  3    ILE B CG2 
329 C CD1 . ILE B 1  ? 0.4578 0.4246 0.4228 0.0094  -0.0163 -0.0117 3    ILE B CD1 
330 N N   . GLN B 2  ? 0.2669 0.2029 0.1919 0.0250  -0.0402 0.0024  4    GLN B N   
331 C CA  . GLN B 2  ? 0.2772 0.2339 0.2417 0.0210  -0.0320 -0.0035 4    GLN B CA  
332 C C   . GLN B 2  ? 0.2334 0.1846 0.1991 0.0139  -0.0240 -0.0020 4    GLN B C   
333 O O   . GLN B 2  ? 0.2166 0.1850 0.2120 0.0040  -0.0189 -0.0140 4    GLN B O   
334 C CB  . GLN B 2  ? 0.2732 0.2183 0.2020 0.0308  -0.0295 0.0007  4    GLN B CB  
335 C CG  . GLN B 2  ? 0.3590 0.3138 0.3199 0.0168  -0.0267 -0.0071 4    GLN B CG  
336 C CD  . GLN B 2  ? 0.3599 0.2963 0.2931 0.0395  -0.0195 -0.0144 4    GLN B CD  
337 O OE1 . GLN B 2  ? 0.4821 0.4401 0.4739 0.0182  -0.0191 -0.0135 4    GLN B OE1 
338 N NE2 . GLN B 2  ? 0.4514 0.4625 0.4530 0.0070  -0.0140 -0.0138 4    GLN B NE2 
339 N N   . ILE B 3  ? 0.2133 0.1936 0.1926 0.0090  -0.0161 0.0048  5    ILE B N   
340 C CA  . ILE B 3  ? 0.2083 0.2111 0.1931 0.0000  -0.0052 0.0048  5    ILE B CA  
341 C C   . ILE B 3  ? 0.1933 0.2018 0.2077 0.0145  0.0065  0.0053  5    ILE B C   
342 O O   . ILE B 3  ? 0.1949 0.2111 0.2438 0.0244  -0.0164 0.0081  5    ILE B O   
343 C CB  . ILE B 3  ? 0.2297 0.2220 0.1938 -0.0009 -0.0083 0.0024  5    ILE B CB  
344 C CG1 . ILE B 3  ? 0.2387 0.2310 0.1869 -0.0212 -0.0066 -0.0005 5    ILE B CG1 
345 C CG2 . ILE B 3  ? 0.2596 0.2348 0.2009 -0.0176 0.0207  -0.0265 5    ILE B CG2 
346 C CD1 . ILE B 3  ? 0.2658 0.2471 0.2510 -0.0295 -0.0188 0.0162  5    ILE B CD1 
347 N N   . PRO B 4  ? 0.1909 0.2089 0.2169 0.0205  0.0106  0.0153  6    PRO B N   
348 C CA  . PRO B 4  ? 0.1911 0.2103 0.2419 0.0284  0.0220  0.0128  6    PRO B CA  
349 C C   . PRO B 4  ? 0.1901 0.1912 0.2395 0.0164  0.0356  0.0018  6    PRO B C   
350 O O   . PRO B 4  ? 0.1851 0.1873 0.2382 0.0261  0.0439  0.0029  6    PRO B O   
351 C CB  . PRO B 4  ? 0.2119 0.2202 0.2326 0.0205  0.0037  0.0280  6    PRO B CB  
352 C CG  . PRO B 4  ? 0.1827 0.1958 0.2486 0.0508  0.0025  0.0198  6    PRO B CG  
353 C CD  . PRO B 4  ? 0.1926 0.2104 0.2249 0.0254  0.0143  0.0258  6    PRO B CD  
354 N N   . PRO B 5  ? 0.1827 0.1910 0.2571 0.0239  0.0481  -0.0152 7    PRO B N   
355 C CA  . PRO B 5  ? 0.1849 0.1889 0.2613 0.0158  0.0404  -0.0079 7    PRO B CA  
356 C C   . PRO B 5  ? 0.1697 0.1762 0.2277 0.0084  0.0320  -0.0007 7    PRO B C   
357 O O   . PRO B 5  ? 0.1963 0.1936 0.2419 0.0147  0.0354  0.0039  7    PRO B O   
358 C CB  . PRO B 5  ? 0.2065 0.2121 0.2790 0.0245  0.0349  -0.0201 7    PRO B CB  
359 C CG  . PRO B 5  ? 0.2043 0.2642 0.2972 -0.0026 0.0310  -0.0271 7    PRO B CG  
360 C CD  . PRO B 5  ? 0.1875 0.2001 0.2856 0.0122  0.0490  -0.0232 7    PRO B CD  
361 N N   . GLY B 6  ? 0.1298 0.1736 0.1987 0.0013  0.0550  -0.0055 8    GLY B N   
362 C CA  . GLY B 6  ? 0.1328 0.1564 0.1799 -0.0010 0.0466  -0.0106 8    GLY B CA  
363 C C   . GLY B 6  ? 0.1435 0.1681 0.1617 -0.0035 0.0400  0.0026  8    GLY B C   
364 O O   . GLY B 6  ? 0.1421 0.1358 0.1703 0.0067  0.0196  -0.0007 8    GLY B O   
365 N N   . LEU B 7  ? 0.0942 0.1315 0.1474 -0.0096 0.0242  -0.0004 9    LEU B N   
366 C CA  . LEU B 7  ? 0.0946 0.1470 0.1410 -0.0090 -0.0004 -0.0029 9    LEU B CA  
367 C C   . LEU B 7  ? 0.1043 0.1447 0.1269 -0.0143 -0.0050 0.0030  9    LEU B C   
368 O O   . LEU B 7  ? 0.0938 0.1221 0.1313 -0.0031 -0.0059 -0.0002 9    LEU B O   
369 C CB  . LEU B 7  ? 0.0875 0.1398 0.1189 -0.0206 0.0229  0.0093  9    LEU B CB  
370 C CG  . LEU B 7  ? 0.0915 0.1499 0.1490 -0.0048 0.0178  0.0108  9    LEU B CG  
371 C CD1 . LEU B 7  ? 0.1430 0.1460 0.1319 -0.0187 -0.0082 0.0041  9    LEU B CD1 
372 C CD2 . LEU B 7  ? 0.1043 0.1433 0.1814 -0.0063 0.0123  0.0092  9    LEU B CD2 
373 N N   . THR B 8  ? 0.1048 0.1357 0.1247 0.0053  -0.0138 0.0119  10   THR B N   
374 C CA  . THR B 8  ? 0.1317 0.1336 0.1176 -0.0035 -0.0072 0.0116  10   THR B CA  
375 C C   . THR B 8  ? 0.0943 0.1349 0.1289 0.0069  -0.0029 0.0111  10   THR B C   
376 O O   . THR B 8  ? 0.1106 0.1401 0.1324 0.0063  0.0000  -0.0046 10   THR B O   
377 C CB  . THR B 8  ? 0.1560 0.1508 0.1331 0.0040  0.0009  0.0099  10   THR B CB  
378 O OG1 . THR B 8  ? 0.1937 0.1760 0.1737 -0.0033 -0.0109 0.0279  10   THR B OG1 
379 C CG2 . THR B 8  ? 0.2171 0.1588 0.1007 0.0118  -0.0217 0.0107  10   THR B CG2 
380 N N   . GLU B 9  ? 0.1154 0.1511 0.1235 -0.0008 0.0029  0.0288  11   GLU B N   
381 C CA  . GLU B 9  ? 0.1119 0.1642 0.1217 0.0101  0.0075  0.0180  11   GLU B CA  
382 C C   . GLU B 9  ? 0.1176 0.1562 0.1210 -0.0059 0.0024  0.0097  11   GLU B C   
383 O O   . GLU B 9  ? 0.1358 0.1269 0.1354 0.0335  0.0211  0.0189  11   GLU B O   
384 C CB  . GLU B 9  ? 0.1404 0.2032 0.1421 -0.0012 0.0195  0.0196  11   GLU B CB  
385 C CG  . GLU B 9  ? 0.2241 0.2739 0.2249 0.0213  -0.0150 0.0049  11   GLU B CG  
386 C CD  . GLU B 9  ? 0.2731 0.3099 0.3000 0.0278  -0.0199 -0.0053 11   GLU B CD  
387 O OE1 . GLU B 9  ? 0.1563 0.2939 0.2583 0.0654  -0.0182 -0.0071 11   GLU B OE1 
388 O OE2 . GLU B 9  ? 0.2602 0.4033 0.3800 0.0609  -0.0264 -0.0003 11   GLU B OE2 
389 N N   . LEU B 10 ? 0.1034 0.1598 0.1060 -0.0008 -0.0087 0.0216  12   LEU B N   
390 C CA  . LEU B 10 ? 0.1454 0.1593 0.1223 0.0097  -0.0150 0.0119  12   LEU B CA  
391 C C   . LEU B 10 ? 0.1269 0.1398 0.1227 0.0069  -0.0047 0.0175  12   LEU B C   
392 O O   . LEU B 10 ? 0.1408 0.1328 0.1151 0.0116  -0.0112 0.0162  12   LEU B O   
393 C CB  . LEU B 10 ? 0.1467 0.1692 0.1252 -0.0047 -0.0245 0.0094  12   LEU B CB  
394 C CG  . LEU B 10 ? 0.1607 0.1952 0.1522 0.0073  -0.0388 0.0145  12   LEU B CG  
395 C CD1 . LEU B 10 ? 0.2237 0.2579 0.1885 -0.0185 -0.0608 -0.0342 12   LEU B CD1 
396 C CD2 . LEU B 10 ? 0.2076 0.2412 0.2226 -0.0236 -0.0081 0.0239  12   LEU B CD2 
397 N N   . LEU B 11 ? 0.1283 0.1222 0.0657 0.0028  0.0024  0.0114  13   LEU B N   
398 C CA  . LEU B 11 ? 0.1311 0.1110 0.0920 -0.0019 0.0020  0.0071  13   LEU B CA  
399 C C   . LEU B 11 ? 0.1248 0.0976 0.1216 -0.0068 -0.0029 0.0161  13   LEU B C   
400 O O   . LEU B 11 ? 0.1256 0.1097 0.1238 -0.0087 -0.0082 0.0115  13   LEU B O   
401 C CB  . LEU B 11 ? 0.1179 0.1193 0.1067 -0.0007 0.0071  0.0244  13   LEU B CB  
402 C CG  . LEU B 11 ? 0.1372 0.1067 0.1013 -0.0082 -0.0126 0.0007  13   LEU B CG  
403 C CD1 . LEU B 11 ? 0.1161 0.1254 0.1298 -0.0284 0.0104  0.0300  13   LEU B CD1 
404 C CD2 . LEU B 11 ? 0.0999 0.1731 0.1379 0.0026  -0.0279 0.0208  13   LEU B CD2 
405 N N   . GLN B 12 ? 0.1089 0.1315 0.1196 -0.0170 -0.0059 0.0037  14   GLN B N   
406 C CA  . GLN B 12 ? 0.1476 0.1408 0.1469 -0.0043 -0.0096 0.0132  14   GLN B CA  
407 C C   . GLN B 12 ? 0.1090 0.1366 0.1486 -0.0165 0.0038  0.0014  14   GLN B C   
408 O O   . GLN B 12 ? 0.1153 0.1064 0.1423 -0.0197 0.0048  0.0039  14   GLN B O   
409 C CB  . GLN B 12 ? 0.1494 0.1706 0.1620 -0.0068 -0.0206 -0.0332 14   GLN B CB  
410 C CG  . GLN B 12 ? 0.1640 0.1882 0.2229 -0.0126 -0.0344 -0.0200 14   GLN B CG  
411 C CD  . GLN B 12 ? 0.2245 0.2603 0.2784 -0.0220 -0.0664 -0.0069 14   GLN B CD  
412 O OE1 . GLN B 12 ? 0.2727 0.3002 0.2796 0.0475  -0.0776 0.0142  14   GLN B OE1 
413 N NE2 . GLN B 12 ? 0.2900 0.3634 0.3432 -0.0365 -0.0486 -0.0131 14   GLN B NE2 
414 N N   . GLY B 13 ? 0.1149 0.1394 0.1339 0.0001  0.0095  0.0185  15   GLY B N   
415 C CA  . GLY B 13 ? 0.1134 0.1255 0.1656 -0.0037 0.0028  0.0454  15   GLY B CA  
416 C C   . GLY B 13 ? 0.1292 0.1451 0.1230 -0.0078 -0.0025 0.0179  15   GLY B C   
417 O O   . GLY B 13 ? 0.1326 0.1215 0.1575 -0.0094 0.0010  0.0290  15   GLY B O   
418 N N   . TYR B 14 ? 0.0834 0.1346 0.1302 -0.0081 0.0102  0.0047  16   TYR B N   
419 C CA  . TYR B 14 ? 0.1028 0.1220 0.1060 -0.0207 0.0058  0.0130  16   TYR B CA  
420 C C   . TYR B 14 ? 0.1082 0.1054 0.1154 -0.0088 0.0131  -0.0046 16   TYR B C   
421 O O   . TYR B 14 ? 0.1330 0.1002 0.1282 -0.0164 -0.0053 0.0045  16   TYR B O   
422 C CB  . TYR B 14 ? 0.1041 0.1037 0.1465 -0.0199 0.0121  0.0130  16   TYR B CB  
423 C CG  . TYR B 14 ? 0.1083 0.0959 0.1347 -0.0150 -0.0167 0.0155  16   TYR B CG  
424 C CD1 . TYR B 14 ? 0.1402 0.1151 0.1191 -0.0145 -0.0215 -0.0121 16   TYR B CD1 
425 C CD2 . TYR B 14 ? 0.1031 0.1142 0.1539 -0.0335 -0.0011 0.0309  16   TYR B CD2 
426 C CE1 . TYR B 14 ? 0.1458 0.1075 0.1186 -0.0006 -0.0161 -0.0063 16   TYR B CE1 
427 C CE2 . TYR B 14 ? 0.1101 0.1173 0.1514 -0.0016 -0.0219 0.0177  16   TYR B CE2 
428 C CZ  . TYR B 14 ? 0.0983 0.1145 0.1338 -0.0106 -0.0094 0.0032  16   TYR B CZ  
429 O OH  . TYR B 14 ? 0.1169 0.1534 0.1577 0.0057  -0.0173 0.0068  16   TYR B OH  
430 N N   . THR B 15 ? 0.1173 0.1241 0.1135 -0.0025 -0.0013 0.0200  17   THR B N   
431 C CA  . THR B 15 ? 0.1204 0.1085 0.1319 -0.0007 0.0089  0.0126  17   THR B CA  
432 C C   . THR B 15 ? 0.1075 0.1128 0.0973 0.0089  0.0042  0.0112  17   THR B C   
433 O O   . THR B 15 ? 0.1245 0.1041 0.1378 -0.0016 0.0167  0.0136  17   THR B O   
434 C CB  . THR B 15 ? 0.1291 0.1218 0.1203 -0.0018 0.0026  0.0107  17   THR B CB  
435 O OG1 . THR B 15 ? 0.1450 0.1298 0.1410 -0.0398 0.0146  0.0196  17   THR B OG1 
436 C CG2 . THR B 15 ? 0.1576 0.1421 0.1322 -0.0154 0.0020  -0.0209 17   THR B CG2 
437 N N   . VAL B 16 ? 0.1223 0.1179 0.1296 -0.0019 0.0024  0.0083  18   VAL B N   
438 C CA  . VAL B 16 ? 0.1134 0.1383 0.1372 -0.0016 -0.0028 0.0227  18   VAL B CA  
439 C C   . VAL B 16 ? 0.1223 0.1325 0.1287 -0.0078 0.0003  0.0080  18   VAL B C   
440 O O   . VAL B 16 ? 0.1304 0.1272 0.1279 0.0086  -0.0045 0.0066  18   VAL B O   
441 C CB  . VAL B 16 ? 0.1053 0.1461 0.1399 -0.0243 0.0110  0.0237  18   VAL B CB  
442 C CG1 . VAL B 16 ? 0.1376 0.1675 0.1857 -0.0413 -0.0086 0.0329  18   VAL B CG1 
443 C CG2 . VAL B 16 ? 0.1747 0.1555 0.1655 -0.0026 0.0076  0.0398  18   VAL B CG2 
444 N N   . GLU B 17 ? 0.1245 0.1228 0.1487 -0.0045 -0.0148 -0.0055 19   GLU B N   
445 C CA  . GLU B 17 ? 0.1186 0.1323 0.1187 -0.0038 0.0030  0.0016  19   GLU B CA  
446 C C   . GLU B 17 ? 0.1170 0.1205 0.1533 -0.0027 0.0070  0.0045  19   GLU B C   
447 O O   . GLU B 17 ? 0.1222 0.1063 0.1547 -0.0233 0.0093  0.0108  19   GLU B O   
448 C CB  . GLU B 17 ? 0.1099 0.1297 0.1159 -0.0097 0.0035  0.0081  19   GLU B CB  
449 C CG  . GLU B 17 ? 0.1241 0.1195 0.1479 -0.0070 0.0095  0.0140  19   GLU B CG  
450 C CD  . GLU B 17 ? 0.1463 0.1563 0.1070 0.0097  -0.0101 0.0167  19   GLU B CD  
451 O OE1 . GLU B 17 ? 0.1457 0.1308 0.1684 -0.0020 0.0265  0.0248  19   GLU B OE1 
452 O OE2 . GLU B 17 ? 0.1168 0.1571 0.1478 -0.0125 0.0087  -0.0243 19   GLU B OE2 
453 N N   . VAL B 18 ? 0.1085 0.1242 0.1287 0.0020  0.0065  0.0072  20   VAL B N   
454 C CA  . VAL B 18 ? 0.1186 0.1195 0.1202 -0.0206 0.0099  0.0201  20   VAL B CA  
455 C C   . VAL B 18 ? 0.1460 0.1347 0.1245 -0.0061 0.0068  0.0173  20   VAL B C   
456 O O   . VAL B 18 ? 0.1267 0.1284 0.1402 0.0017  0.0071  -0.0021 20   VAL B O   
457 C CB  . VAL B 18 ? 0.1059 0.1366 0.1364 -0.0108 0.0256  0.0208  20   VAL B CB  
458 C CG1 . VAL B 18 ? 0.1331 0.1653 0.1328 -0.0294 0.0224  0.0047  20   VAL B CG1 
459 C CG2 . VAL B 18 ? 0.1340 0.1424 0.1546 -0.0345 -0.0202 -0.0030 20   VAL B CG2 
460 N N   . LEU B 19 ? 0.1196 0.1402 0.1234 0.0034  0.0018  0.0011  21   LEU B N   
461 C CA  . LEU B 19 ? 0.1519 0.1347 0.1501 -0.0047 0.0113  0.0086  21   LEU B CA  
462 C C   . LEU B 19 ? 0.1355 0.1531 0.1637 -0.0079 0.0115  0.0041  21   LEU B C   
463 O O   . LEU B 19 ? 0.1540 0.1616 0.1703 -0.0009 0.0348  -0.0265 21   LEU B O   
464 C CB  . LEU B 19 ? 0.1639 0.1679 0.1418 -0.0099 -0.0059 0.0117  21   LEU B CB  
465 C CG  . LEU B 19 ? 0.1974 0.1823 0.1553 0.0070  0.0230  0.0108  21   LEU B CG  
466 C CD1 . LEU B 19 ? 0.2241 0.2135 0.1566 0.0198  -0.0144 0.0102  21   LEU B CD1 
467 C CD2 . LEU B 19 ? 0.2013 0.2214 0.2087 0.0484  0.0211  0.0424  21   LEU B CD2 
468 N N   . ARG B 20 ? 0.1435 0.1279 0.1632 -0.0066 0.0178  0.0025  22   ARG B N   
469 C CA  . ARG B 20 ? 0.1231 0.1419 0.1711 -0.0103 0.0108  0.0030  22   ARG B CA  
470 C C   . ARG B 20 ? 0.1219 0.1343 0.1741 -0.0011 0.0132  -0.0141 22   ARG B C   
471 O O   . ARG B 20 ? 0.1629 0.1204 0.2169 -0.0141 -0.0046 -0.0199 22   ARG B O   
472 C CB  . ARG B 20 ? 0.1087 0.1448 0.1697 -0.0061 0.0166  0.0054  22   ARG B CB  
473 C CG  . ARG B 20 ? 0.1261 0.1757 0.1399 0.0006  -0.0017 -0.0214 22   ARG B CG  
474 C CD  . ARG B 20 ? 0.1251 0.2181 0.1580 0.0198  -0.0042 -0.0188 22   ARG B CD  
475 N NE  . ARG B 20 ? 0.1183 0.2132 0.2093 -0.0030 -0.0307 0.0038  22   ARG B NE  
476 C CZ  . ARG B 20 ? 0.1338 0.2125 0.1775 0.0014  -0.0164 0.0180  22   ARG B CZ  
477 N NH1 . ARG B 20 ? 0.1569 0.2186 0.1475 -0.0351 -0.0018 0.0387  22   ARG B NH1 
478 N NH2 . ARG B 20 ? 0.1362 0.2608 0.2394 -0.0013 -0.0276 0.0024  22   ARG B NH2 
479 N N   . GLN B 21 ? 0.1291 0.1348 0.1614 -0.0195 -0.0091 0.0020  23   GLN B N   
480 C CA  . GLN B 21 ? 0.1393 0.1344 0.1710 -0.0053 0.0052  0.0104  23   GLN B CA  
481 C C   . GLN B 21 ? 0.1490 0.1155 0.1759 -0.0056 0.0002  -0.0110 23   GLN B C   
482 O O   . GLN B 21 ? 0.1473 0.1449 0.2371 0.0116  -0.0002 0.0146  23   GLN B O   
483 C CB  . GLN B 21 ? 0.1494 0.1404 0.1666 -0.0086 -0.0076 0.0140  23   GLN B CB  
484 C CG  . GLN B 21 ? 0.1566 0.1415 0.1754 0.0091  0.0135  0.0202  23   GLN B CG  
485 C CD  . GLN B 21 ? 0.1616 0.1566 0.1591 -0.0051 -0.0002 0.0417  23   GLN B CD  
486 O OE1 . GLN B 21 ? 0.2261 0.1945 0.1762 0.0300  -0.0113 0.0479  23   GLN B OE1 
487 N NE2 . GLN B 21 ? 0.1796 0.1505 0.2072 -0.0072 -0.0042 0.0331  23   GLN B NE2 
488 N N   . GLN B 22 ? 0.1347 0.1175 0.1709 0.0109  0.0153  -0.0002 24   GLN B N   
489 C CA  . GLN B 22 ? 0.1354 0.1525 0.1816 0.0173  -0.0056 -0.0153 24   GLN B CA  
490 C C   . GLN B 22 ? 0.1298 0.1347 0.1648 -0.0058 0.0033  -0.0037 24   GLN B C   
491 O O   . GLN B 22 ? 0.1261 0.1236 0.2154 0.0206  0.0217  -0.0182 24   GLN B O   
492 C CB  . GLN B 22 ? 0.1440 0.1412 0.1835 0.0253  -0.0145 -0.0346 24   GLN B CB  
493 C CG  . GLN B 22 ? 0.1620 0.2033 0.1789 0.0326  -0.0164 -0.0477 24   GLN B CG  
494 C CD  . GLN B 22 ? 0.1865 0.2059 0.2474 0.0186  -0.0083 -0.0183 24   GLN B CD  
495 O OE1 . GLN B 22 ? 0.2243 0.2449 0.3221 0.0181  0.0318  -0.0298 24   GLN B OE1 
496 N NE2 . GLN B 22 ? 0.2273 0.2918 0.2268 0.0429  0.0011  0.0011  24   GLN B NE2 
497 N N   . PRO B 23 ? 0.1375 0.1113 0.1272 0.0131  0.0140  -0.0028 25   PRO B N   
498 C CA  . PRO B 23 ? 0.1377 0.1242 0.1390 0.0042  0.0137  0.0109  25   PRO B CA  
499 C C   . PRO B 23 ? 0.1267 0.1220 0.1420 0.0023  0.0117  0.0092  25   PRO B C   
500 O O   . PRO B 23 ? 0.1405 0.1306 0.1693 -0.0077 0.0105  0.0313  25   PRO B O   
501 C CB  . PRO B 23 ? 0.1434 0.1245 0.1504 0.0216  0.0076  -0.0032 25   PRO B CB  
502 C CG  . PRO B 23 ? 0.1448 0.1360 0.1477 -0.0053 -0.0058 0.0013  25   PRO B CG  
503 C CD  . PRO B 23 ? 0.1303 0.1201 0.1573 0.0324  0.0105  -0.0233 25   PRO B CD  
504 N N   . PRO B 24 ? 0.1209 0.1063 0.1469 0.0095  0.0301  0.0249  26   PRO B N   
505 C CA  . PRO B 24 ? 0.1119 0.1066 0.1528 -0.0049 0.0247  0.0083  26   PRO B CA  
506 C C   . PRO B 24 ? 0.1324 0.1211 0.1518 -0.0134 0.0200  -0.0026 26   PRO B C   
507 O O   . PRO B 24 ? 0.1767 0.1732 0.1499 -0.0446 0.0270  -0.0085 26   PRO B O   
508 C CB  . PRO B 24 ? 0.1006 0.1232 0.1935 0.0133  0.0186  0.0003  26   PRO B CB  
509 C CG  . PRO B 24 ? 0.1557 0.1504 0.2121 0.0127  0.0446  0.0320  26   PRO B CG  
510 C CD  . PRO B 24 ? 0.1273 0.1191 0.1843 0.0190  0.0363  0.0295  26   PRO B CD  
511 N N   . ASP B 25 ? 0.1172 0.1202 0.1440 0.0184  0.0053  -0.0022 27   ASP B N   
512 C CA  . ASP B 25 ? 0.1350 0.1185 0.1277 0.0179  0.0023  -0.0066 27   ASP B CA  
513 C C   . ASP B 25 ? 0.1237 0.1204 0.1291 0.0087  0.0028  -0.0058 27   ASP B C   
514 O O   . ASP B 25 ? 0.1308 0.1044 0.1532 0.0095  0.0152  0.0000  27   ASP B O   
515 C CB  . ASP B 25 ? 0.1503 0.1179 0.1308 0.0217  -0.0266 -0.0297 27   ASP B CB  
516 C CG  . ASP B 25 ? 0.1748 0.1705 0.1886 0.0276  -0.0395 -0.0422 27   ASP B CG  
517 O OD1 . ASP B 25 ? 0.1331 0.1443 0.2040 0.0224  -0.0063 -0.0164 27   ASP B OD1 
518 O OD2 . ASP B 25 ? 0.2201 0.2200 0.2321 0.0568  -0.0756 -0.0401 27   ASP B OD2 
519 N N   . LEU B 26 ? 0.1133 0.1202 0.1124 0.0090  0.0019  0.0027  28   LEU B N   
520 C CA  . LEU B 26 ? 0.1129 0.0958 0.1176 0.0116  -0.0046 0.0025  28   LEU B CA  
521 C C   . LEU B 26 ? 0.0952 0.1163 0.1236 0.0051  0.0027  0.0093  28   LEU B C   
522 O O   . LEU B 26 ? 0.1044 0.1191 0.1207 0.0186  0.0079  0.0094  28   LEU B O   
523 C CB  . LEU B 26 ? 0.1298 0.1204 0.1155 -0.0027 -0.0033 0.0134  28   LEU B CB  
524 C CG  . LEU B 26 ? 0.1528 0.1421 0.1521 -0.0149 -0.0048 0.0148  28   LEU B CG  
525 C CD1 . LEU B 26 ? 0.2322 0.1720 0.1065 0.0015  0.0138  0.0373  28   LEU B CD1 
526 C CD2 . LEU B 26 ? 0.1956 0.2232 0.1551 -0.0507 0.0209  0.0208  28   LEU B CD2 
527 N N   . VAL B 27 ? 0.0929 0.1170 0.1114 -0.0040 -0.0013 -0.0039 29   VAL B N   
528 C CA  . VAL B 27 ? 0.1129 0.1221 0.1124 -0.0096 0.0051  0.0045  29   VAL B CA  
529 C C   . VAL B 27 ? 0.0928 0.1240 0.1077 -0.0061 0.0045  -0.0009 29   VAL B C   
530 O O   . VAL B 27 ? 0.1118 0.1195 0.1158 0.0137  0.0077  -0.0035 29   VAL B O   
531 C CB  . VAL B 27 ? 0.1082 0.1457 0.1114 -0.0213 0.0006  0.0048  29   VAL B CB  
532 C CG1 . VAL B 27 ? 0.1456 0.1567 0.1196 -0.0337 -0.0004 0.0043  29   VAL B CG1 
533 C CG2 . VAL B 27 ? 0.1299 0.1628 0.1374 -0.0093 -0.0050 0.0180  29   VAL B CG2 
534 N N   . GLU B 28 ? 0.1373 0.1193 0.1184 0.0045  -0.0007 0.0251  30   GLU B N   
535 C CA  . GLU B 28 ? 0.1365 0.1254 0.1222 0.0006  -0.0009 0.0199  30   GLU B CA  
536 C C   . GLU B 28 ? 0.1342 0.1104 0.1221 0.0020  0.0018  0.0108  30   GLU B C   
537 O O   . GLU B 28 ? 0.1509 0.1278 0.1184 -0.0091 0.0056  0.0157  30   GLU B O   
538 C CB  . GLU B 28 ? 0.1664 0.1360 0.1391 0.0103  -0.0078 0.0194  30   GLU B CB  
539 C CG  . GLU B 28 ? 0.2586 0.1769 0.2004 0.0100  -0.0146 0.0164  30   GLU B CG  
540 C CD  . GLU B 28 ? 0.2608 0.2759 0.2401 -0.0251 -0.0130 0.0110  30   GLU B CD  
541 O OE1 . GLU B 28 ? 0.2613 0.2235 0.2219 -0.0291 -0.0717 0.0472  30   GLU B OE1 
542 O OE2 . GLU B 28 ? 0.2190 0.2887 0.2145 -0.0655 -0.0042 0.0151  30   GLU B OE2 
543 N N   . PHE B 29 ? 0.1106 0.1081 0.1217 -0.0127 -0.0169 0.0086  31   PHE B N   
544 C CA  . PHE B 29 ? 0.1283 0.0989 0.1329 -0.0118 -0.0025 -0.0022 31   PHE B CA  
545 C C   . PHE B 29 ? 0.1231 0.1128 0.1263 -0.0001 0.0189  0.0043  31   PHE B C   
546 O O   . PHE B 29 ? 0.1382 0.1185 0.1314 -0.0030 0.0270  0.0119  31   PHE B O   
547 C CB  . PHE B 29 ? 0.1302 0.1412 0.1346 -0.0101 -0.0113 0.0053  31   PHE B CB  
548 C CG  . PHE B 29 ? 0.1154 0.1413 0.1126 -0.0197 -0.0120 0.0302  31   PHE B CG  
549 C CD1 . PHE B 29 ? 0.1349 0.1542 0.1140 -0.0079 0.0293  0.0159  31   PHE B CD1 
550 C CD2 . PHE B 29 ? 0.1510 0.1584 0.1429 -0.0065 -0.0106 0.0088  31   PHE B CD2 
551 C CE1 . PHE B 29 ? 0.1383 0.1948 0.1627 -0.0187 0.0080  0.0186  31   PHE B CE1 
552 C CE2 . PHE B 29 ? 0.1421 0.1585 0.1537 -0.0027 0.0101  -0.0163 31   PHE B CE2 
553 C CZ  . PHE B 29 ? 0.1474 0.1913 0.1469 -0.0117 -0.0304 0.0198  31   PHE B CZ  
554 N N   . ALA B 30 ? 0.1093 0.1105 0.1149 -0.0120 0.0133  -0.0008 32   ALA B N   
555 C CA  . ALA B 30 ? 0.1139 0.1082 0.1156 -0.0112 0.0243  -0.0095 32   ALA B CA  
556 C C   . ALA B 30 ? 0.1040 0.1013 0.1380 -0.0024 0.0074  0.0083  32   ALA B C   
557 O O   . ALA B 30 ? 0.1096 0.1097 0.1380 0.0047  0.0240  0.0045  32   ALA B O   
558 C CB  . ALA B 30 ? 0.1093 0.1123 0.1411 -0.0060 -0.0024 0.0144  32   ALA B CB  
559 N N   . VAL B 31 ? 0.1224 0.1024 0.1213 -0.0127 -0.0120 0.0010  33   VAL B N   
560 C CA  . VAL B 31 ? 0.1150 0.1240 0.1240 -0.0118 -0.0108 0.0074  33   VAL B CA  
561 C C   . VAL B 31 ? 0.1293 0.1232 0.1271 -0.0124 0.0014  -0.0118 33   VAL B C   
562 O O   . VAL B 31 ? 0.1206 0.1310 0.1145 -0.0069 0.0094  -0.0024 33   VAL B O   
563 C CB  . VAL B 31 ? 0.1194 0.1211 0.1239 -0.0040 -0.0025 0.0195  33   VAL B CB  
564 C CG1 . VAL B 31 ? 0.1706 0.1491 0.1146 -0.0141 -0.0178 -0.0023 33   VAL B CG1 
565 C CG2 . VAL B 31 ? 0.1160 0.1383 0.1518 -0.0257 0.0119  0.0197  33   VAL B CG2 
566 N N   . GLU B 32 ? 0.1466 0.1222 0.1317 -0.0184 0.0064  0.0011  34   GLU B N   
567 C CA  . GLU B 32 ? 0.1402 0.1325 0.1262 -0.0153 0.0141  -0.0018 34   GLU B CA  
568 C C   . GLU B 32 ? 0.1494 0.1181 0.1165 -0.0307 0.0095  -0.0121 34   GLU B C   
569 O O   . GLU B 32 ? 0.1438 0.1317 0.1218 -0.0195 0.0305  0.0041  34   GLU B O   
570 C CB  . GLU B 32 ? 0.1378 0.1243 0.1365 -0.0281 -0.0058 0.0044  34   GLU B CB  
571 C CG  . GLU B 32 ? 0.1669 0.1661 0.1856 -0.0014 0.0131  0.0057  34   GLU B CG  
572 C CD  . GLU B 32 ? 0.1423 0.1880 0.2256 -0.0023 0.0460  0.0008  34   GLU B CD  
573 O OE1 . GLU B 32 ? 0.2037 0.1571 0.3376 -0.0416 0.0460  -0.0149 34   GLU B OE1 
574 O OE2 . GLU B 32 ? 0.1463 0.1898 0.2866 -0.0023 0.0065  0.0042  34   GLU B OE2 
575 N N   . TYR B 33 ? 0.1385 0.1133 0.1132 -0.0175 0.0006  0.0071  35   TYR B N   
576 C CA  . TYR B 33 ? 0.1294 0.1029 0.1137 -0.0252 -0.0035 0.0018  35   TYR B CA  
577 C C   . TYR B 33 ? 0.1171 0.1049 0.1126 -0.0252 0.0066  0.0151  35   TYR B C   
578 O O   . TYR B 33 ? 0.1182 0.1157 0.1361 -0.0181 0.0199  0.0153  35   TYR B O   
579 C CB  . TYR B 33 ? 0.1218 0.1333 0.1131 -0.0369 -0.0016 0.0012  35   TYR B CB  
580 C CG  . TYR B 33 ? 0.1438 0.1212 0.1330 -0.0040 0.0116  0.0096  35   TYR B CG  
581 C CD1 . TYR B 33 ? 0.1430 0.1178 0.1174 -0.0057 0.0100  0.0138  35   TYR B CD1 
582 C CD2 . TYR B 33 ? 0.1568 0.1116 0.1199 -0.0274 0.0043  0.0048  35   TYR B CD2 
583 C CE1 . TYR B 33 ? 0.1888 0.1358 0.0820 0.0062  -0.0145 0.0152  35   TYR B CE1 
584 C CE2 . TYR B 33 ? 0.1488 0.1488 0.1334 -0.0357 -0.0079 0.0344  35   TYR B CE2 
585 C CZ  . TYR B 33 ? 0.1263 0.1348 0.0827 -0.0093 0.0049  0.0340  35   TYR B CZ  
586 O OH  . TYR B 33 ? 0.1382 0.1714 0.1324 0.0107  -0.0071 0.0194  35   TYR B OH  
587 N N   . PHE B 34 ? 0.1209 0.0995 0.1201 -0.0326 -0.0096 0.0047  36   PHE B N   
588 C CA  . PHE B 34 ? 0.1051 0.1131 0.1103 -0.0291 0.0082  -0.0077 36   PHE B CA  
589 C C   . PHE B 34 ? 0.1080 0.1044 0.1200 -0.0161 0.0145  0.0126  36   PHE B C   
590 O O   . PHE B 34 ? 0.1064 0.1278 0.1382 -0.0047 0.0276  -0.0059 36   PHE B O   
591 C CB  . PHE B 34 ? 0.1057 0.1118 0.1377 -0.0357 0.0162  0.0090  36   PHE B CB  
592 C CG  . PHE B 34 ? 0.1049 0.1051 0.1412 -0.0188 -0.0068 0.0152  36   PHE B CG  
593 C CD1 . PHE B 34 ? 0.1403 0.1046 0.1466 0.0041  0.0157  -0.0122 36   PHE B CD1 
594 C CD2 . PHE B 34 ? 0.1129 0.1354 0.1957 -0.0322 -0.0126 0.0299  36   PHE B CD2 
595 C CE1 . PHE B 34 ? 0.1611 0.1062 0.1361 -0.0160 -0.0038 0.0165  36   PHE B CE1 
596 C CE2 . PHE B 34 ? 0.1160 0.1203 0.2110 0.0050  -0.0380 0.0212  36   PHE B CE2 
597 C CZ  . PHE B 34 ? 0.1788 0.0892 0.1859 -0.0227 -0.0100 0.0128  36   PHE B CZ  
598 N N   . THR B 35 ? 0.1136 0.1167 0.1257 -0.0170 -0.0031 0.0238  37   THR B N   
599 C CA  . THR B 35 ? 0.1292 0.1325 0.1298 -0.0132 0.0033  0.0162  37   THR B CA  
600 C C   . THR B 35 ? 0.1230 0.1209 0.1375 -0.0041 0.0144  0.0006  37   THR B C   
601 O O   . THR B 35 ? 0.1467 0.1538 0.1388 -0.0401 0.0197  -0.0111 37   THR B O   
602 C CB  . THR B 35 ? 0.1428 0.1528 0.1357 -0.0065 -0.0024 0.0372  37   THR B CB  
603 O OG1 . THR B 35 ? 0.1158 0.1765 0.1417 -0.0193 0.0057  0.0282  37   THR B OG1 
604 C CG2 . THR B 35 ? 0.1491 0.2157 0.1204 -0.0230 -0.0028 0.0405  37   THR B CG2 
605 N N   . ARG B 36 ? 0.1237 0.1147 0.1220 -0.0107 0.0157  0.0079  38   ARG B N   
606 C CA  . ARG B 36 ? 0.0901 0.1181 0.1293 0.0016  0.0039  -0.0099 38   ARG B CA  
607 C C   . ARG B 36 ? 0.1037 0.1018 0.1335 0.0064  0.0151  0.0016  38   ARG B C   
608 O O   . ARG B 36 ? 0.1157 0.1318 0.1567 0.0056  0.0431  -0.0068 38   ARG B O   
609 C CB  . ARG B 36 ? 0.1172 0.1194 0.1273 0.0110  -0.0053 -0.0144 38   ARG B CB  
610 C CG  . ARG B 36 ? 0.0916 0.1466 0.1285 0.0187  0.0062  -0.0113 38   ARG B CG  
611 C CD  . ARG B 36 ? 0.0942 0.1442 0.1255 0.0012  -0.0020 -0.0108 38   ARG B CD  
612 N NE  . ARG B 36 ? 0.0883 0.1236 0.1295 0.0059  0.0087  -0.0215 38   ARG B NE  
613 C CZ  . ARG B 36 ? 0.0735 0.1503 0.0963 -0.0116 -0.0065 -0.0209 38   ARG B CZ  
614 N NH1 . ARG B 36 ? 0.1258 0.1879 0.1067 -0.0391 -0.0163 -0.0182 38   ARG B NH1 
615 N NH2 . ARG B 36 ? 0.0913 0.1660 0.1453 0.0161  0.0081  0.0080  38   ARG B NH2 
616 N N   . LEU B 37 ? 0.1170 0.1234 0.1411 -0.0041 0.0240  0.0289  39   LEU B N   
617 C CA  . LEU B 37 ? 0.1513 0.1511 0.1742 0.0064  0.0185  0.0316  39   LEU B CA  
618 C C   . LEU B 37 ? 0.1411 0.1403 0.1713 -0.0071 0.0413  0.0259  39   LEU B C   
619 O O   . LEU B 37 ? 0.1579 0.1635 0.2030 0.0153  0.0405  0.0227  39   LEU B O   
620 C CB  . LEU B 37 ? 0.1460 0.1530 0.2031 0.0198  0.0176  0.0563  39   LEU B CB  
621 C CG  . LEU B 37 ? 0.1940 0.2088 0.2215 0.0037  0.0180  0.0418  39   LEU B CG  
622 C CD1 . LEU B 37 ? 0.2372 0.3108 0.2848 -0.0404 0.0343  0.0573  39   LEU B CD1 
623 C CD2 . LEU B 37 ? 0.2330 0.2760 0.1851 -0.0052 -0.0023 0.0588  39   LEU B CD2 
624 N N   . ARG B 38 ? 0.1805 0.1248 0.1782 -0.0077 0.0270  -0.0045 40   ARG B N   
625 C CA  . ARG B 38 ? 0.1966 0.1720 0.1762 -0.0260 0.0273  -0.0253 40   ARG B CA  
626 C C   . ARG B 38 ? 0.2098 0.1633 0.1649 -0.0080 0.0391  -0.0152 40   ARG B C   
627 O O   . ARG B 38 ? 0.2152 0.1659 0.2029 0.0111  0.0514  -0.0328 40   ARG B O   
628 C CB  . ARG B 38 ? 0.2080 0.1658 0.2216 -0.0247 0.0141  -0.0288 40   ARG B CB  
629 C CG  . ARG B 38 ? 0.2611 0.2182 0.2682 -0.0055 -0.0098 -0.0461 40   ARG B CG  
630 C CD  . ARG B 38 ? 0.3196 0.3295 0.3724 -0.0129 -0.0148 -0.0478 40   ARG B CD  
631 N NE  . ARG B 38 ? 0.3811 0.4032 0.4342 -0.0011 -0.0110 -0.0159 40   ARG B NE  
632 C CZ  . ARG B 38 ? 0.3994 0.4241 0.4347 -0.0126 0.0024  -0.0127 40   ARG B CZ  
633 N NH1 . ARG B 38 ? 0.3958 0.4221 0.4173 -0.0255 0.0219  -0.0272 40   ARG B NH1 
634 N NH2 . ARG B 38 ? 0.4256 0.4359 0.4366 0.0033  0.0054  -0.0078 40   ARG B NH2 
635 N N   . GLU B 39 ? 0.2414 0.1922 0.1776 -0.0090 0.0409  -0.0013 41   GLU B N   
636 C CA  . GLU B 39 ? 0.2569 0.2610 0.2166 -0.0045 0.0424  0.0136  41   GLU B CA  
637 C C   . GLU B 39 ? 0.2549 0.2693 0.2256 -0.0269 0.0637  0.0128  41   GLU B C   
638 O O   . GLU B 39 ? 0.2927 0.3280 0.2539 -0.0376 0.0848  0.0314  41   GLU B O   
639 C CB  . GLU B 39 ? 0.2612 0.2391 0.2356 -0.0029 0.0402  0.0180  41   GLU B CB  
640 C CG  . GLU B 39 ? 0.2553 0.2734 0.2293 0.0182  0.0256  0.0361  41   GLU B CG  
641 C CD  . GLU B 39 ? 0.2721 0.3074 0.2420 0.0077  0.0304  0.0125  41   GLU B CD  
642 O OE1 . GLU B 39 ? 0.3207 0.4627 0.2116 -0.0219 0.0165  -0.0092 41   GLU B OE1 
643 O OE2 . GLU B 39 ? 0.2125 0.4020 0.2457 -0.0095 0.0405  0.0532  41   GLU B OE2 
644 N N   . ALA B 40 ? 0.2457 0.2561 0.2476 -0.0492 0.0632  -0.0026 42   ALA B N   
645 C CA  . ALA B 40 ? 0.2516 0.2705 0.2696 -0.0462 0.0577  -0.0097 42   ALA B CA  
646 C C   . ALA B 40 ? 0.2721 0.2820 0.2962 -0.0353 0.0401  -0.0210 42   ALA B C   
647 O O   . ALA B 40 ? 0.2713 0.2974 0.2798 -0.0229 0.0694  -0.0163 42   ALA B O   
648 C CB  . ALA B 40 ? 0.2591 0.2596 0.2844 -0.0559 0.0396  -0.0277 42   ALA B CB  
649 N N   . ARG B 41 ? 0.2954 0.2841 0.3240 -0.0200 0.0343  -0.0286 43   ARG B N   
650 C CA  . ARG B 41 ? 0.3312 0.3391 0.3603 -0.0027 0.0314  -0.0238 43   ARG B CA  
651 C C   . ARG B 41 ? 0.3196 0.3196 0.3361 -0.0109 0.0314  -0.0245 43   ARG B C   
652 O O   . ARG B 41 ? 0.3180 0.3612 0.3406 0.0098  0.0309  -0.0348 43   ARG B O   
653 C CB  . ARG B 41 ? 0.3174 0.3192 0.3548 -0.0171 0.0241  -0.0277 43   ARG B CB  
654 C CG  . ARG B 41 ? 0.3539 0.3638 0.3867 -0.0018 0.0115  -0.0169 43   ARG B CG  
655 C CD  . ARG B 41 ? 0.3574 0.3680 0.4080 -0.0202 0.0136  -0.0285 43   ARG B CD  
656 N NE  . ARG B 41 ? 0.4241 0.4454 0.5029 -0.0065 0.0179  -0.0227 43   ARG B NE  
657 C CZ  . ARG B 41 ? 0.4515 0.4818 0.5066 -0.0059 0.0179  -0.0072 43   ARG B CZ  
658 N NH1 . ARG B 41 ? 0.4668 0.4693 0.4602 0.0083  0.0219  -0.0401 43   ARG B NH1 
659 N NH2 . ARG B 41 ? 0.4319 0.4754 0.4905 -0.0135 0.0314  -0.0030 43   ARG B NH2 
660 N N   . GLN C 1  ? 0.3297 0.2895 0.3079 0.0047  -0.0137 0.0272  4    GLN C N   
661 C CA  . GLN C 1  ? 0.2952 0.2348 0.2825 -0.0013 -0.0087 0.0440  4    GLN C CA  
662 C C   . GLN C 1  ? 0.2793 0.2001 0.2495 -0.0166 -0.0170 0.0327  4    GLN C C   
663 O O   . GLN C 1  ? 0.2755 0.1893 0.2465 -0.0173 -0.0548 0.0493  4    GLN C O   
664 C CB  . GLN C 1  ? 0.3243 0.2696 0.3241 -0.0090 0.0119  0.0342  4    GLN C CB  
665 N N   . ILE C 2  ? 0.2269 0.1745 0.2303 0.0077  -0.0174 0.0241  5    ILE C N   
666 C CA  . ILE C 2  ? 0.1882 0.1527 0.1933 0.0389  -0.0107 0.0053  5    ILE C CA  
667 C C   . ILE C 2  ? 0.1424 0.1365 0.1404 0.0107  -0.0095 -0.0002 5    ILE C C   
668 O O   . ILE C 2  ? 0.1103 0.1283 0.1633 0.0088  0.0039  0.0034  5    ILE C O   
669 C CB  . ILE C 2  ? 0.1832 0.1417 0.2071 0.0603  -0.0211 -0.0277 5    ILE C CB  
670 C CG1 . ILE C 2  ? 0.2178 0.2054 0.2169 0.0737  -0.0203 -0.0422 5    ILE C CG1 
671 C CG2 . ILE C 2  ? 0.2116 0.1911 0.2068 0.0299  0.0150  -0.0065 5    ILE C CG2 
672 C CD1 . ILE C 2  ? 0.2018 0.1992 0.2151 0.0651  -0.0232 -0.0186 5    ILE C CD1 
673 N N   . GLU C 3  ? 0.1320 0.1446 0.1479 0.0067  -0.0038 -0.0014 6    GLU C N   
674 C CA  . GLU C 3  ? 0.1190 0.1707 0.1489 -0.0086 -0.0132 -0.0109 6    GLU C CA  
675 C C   . GLU C 3  ? 0.1271 0.1674 0.1234 -0.0171 -0.0098 0.0034  6    GLU C C   
676 O O   . GLU C 3  ? 0.1149 0.1474 0.1471 -0.0057 0.0086  0.0092  6    GLU C O   
677 C CB  . GLU C 3  ? 0.1302 0.2101 0.1472 -0.0114 0.0011  -0.0087 6    GLU C CB  
678 C CG  . GLU C 3  ? 0.1459 0.2315 0.1770 -0.0283 -0.0116 -0.0214 6    GLU C CG  
679 C CD  . GLU C 3  ? 0.2277 0.2918 0.2979 -0.0402 -0.0214 -0.0223 6    GLU C CD  
680 O OE1 . GLU C 3  ? 0.1903 0.3196 0.3419 -0.0676 -0.0281 -0.0313 6    GLU C OE1 
681 O OE2 . GLU C 3  ? 0.2643 0.3720 0.3307 -0.0342 -0.0563 -0.0425 6    GLU C OE2 
682 N N   . TYR C 4  ? 0.1216 0.1371 0.1038 -0.0082 -0.0163 0.0170  7    TYR C N   
683 C CA  . TYR C 4  ? 0.1245 0.1546 0.1289 -0.0089 -0.0065 0.0216  7    TYR C CA  
684 C C   . TYR C 4  ? 0.1298 0.1237 0.1323 -0.0031 0.0047  0.0174  7    TYR C C   
685 O O   . TYR C 4  ? 0.1404 0.1272 0.1378 -0.0286 0.0100  0.0020  7    TYR C O   
686 C CB  . TYR C 4  ? 0.1291 0.1384 0.1188 0.0024  -0.0108 0.0298  7    TYR C CB  
687 C CG  . TYR C 4  ? 0.1405 0.1524 0.0985 0.0066  0.0179  0.0112  7    TYR C CG  
688 C CD1 . TYR C 4  ? 0.1244 0.1282 0.1046 0.0227  0.0191  0.0272  7    TYR C CD1 
689 C CD2 . TYR C 4  ? 0.1246 0.1417 0.0976 0.0004  0.0363  0.0105  7    TYR C CD2 
690 C CE1 . TYR C 4  ? 0.1395 0.0977 0.1043 0.0283  -0.0010 0.0253  7    TYR C CE1 
691 C CE2 . TYR C 4  ? 0.1102 0.1066 0.1187 0.0074  0.0477  -0.0066 7    TYR C CE2 
692 C CZ  . TYR C 4  ? 0.1326 0.0971 0.1201 0.0122  0.0205  0.0180  7    TYR C CZ  
693 O OH  . TYR C 4  ? 0.1370 0.1137 0.1258 0.0541  0.0087  -0.0097 7    TYR C OH  
694 N N   . LEU C 5  ? 0.1258 0.1153 0.1409 0.0064  0.0141  0.0140  8    LEU C N   
695 C CA  . LEU C 5  ? 0.1334 0.1247 0.1363 0.0099  0.0212  0.0226  8    LEU C CA  
696 C C   . LEU C 5  ? 0.1305 0.1141 0.1489 -0.0015 0.0019  0.0134  8    LEU C C   
697 O O   . LEU C 5  ? 0.1016 0.1165 0.1319 -0.0077 0.0033  0.0186  8    LEU C O   
698 C CB  . LEU C 5  ? 0.1405 0.1349 0.1534 0.0176  0.0225  0.0099  8    LEU C CB  
699 C CG  . LEU C 5  ? 0.1495 0.1573 0.1413 0.0128  0.0018  0.0014  8    LEU C CG  
700 C CD1 . LEU C 5  ? 0.1520 0.2212 0.1927 0.0162  -0.0101 -0.0074 8    LEU C CD1 
701 C CD2 . LEU C 5  ? 0.1324 0.1452 0.1667 0.0577  0.0226  0.0163  8    LEU C CD2 
702 N N   . ALA C 6  ? 0.0921 0.1281 0.1375 0.0115  0.0066  0.0172  9    ALA C N   
703 C CA  . ALA C 6  ? 0.1076 0.1141 0.1316 -0.0055 0.0006  0.0078  9    ALA C CA  
704 C C   . ALA C 6  ? 0.0974 0.1220 0.1403 -0.0007 0.0146  -0.0037 9    ALA C C   
705 O O   . ALA C 6  ? 0.0934 0.1191 0.1429 -0.0117 -0.0136 0.0019  9    ALA C O   
706 C CB  . ALA C 6  ? 0.0913 0.1200 0.1409 -0.0058 -0.0043 0.0094  9    ALA C CB  
707 N N   . LYS C 7  ? 0.1052 0.1378 0.1285 0.0035  0.0112  0.0006  10   LYS C N   
708 C CA  . LYS C 7  ? 0.1120 0.1539 0.1317 -0.0025 0.0156  -0.0079 10   LYS C CA  
709 C C   . LYS C 7  ? 0.1168 0.1380 0.1506 -0.0094 0.0121  0.0048  10   LYS C C   
710 O O   . LYS C 7  ? 0.1226 0.1254 0.1340 -0.0057 0.0018  -0.0085 10   LYS C O   
711 C CB  . LYS C 7  ? 0.1399 0.1675 0.1280 -0.0091 0.0206  -0.0091 10   LYS C CB  
712 C CG  . LYS C 7  ? 0.1659 0.2124 0.1666 -0.0051 0.0188  -0.0254 10   LYS C CG  
713 C CD  . LYS C 7  ? 0.2151 0.2252 0.1585 0.0125  0.0364  -0.0273 10   LYS C CD  
714 C CE  . LYS C 7  ? 0.3020 0.2919 0.1949 0.0207  0.0043  -0.0379 10   LYS C CE  
715 N NZ  . LYS C 7  ? 0.3450 0.2898 0.2895 0.0110  0.0296  0.0122  10   LYS C NZ  
716 N N   . GLN C 8  ? 0.1058 0.1498 0.1127 0.0110  -0.0143 0.0110  11   GLN C N   
717 C CA  . GLN C 8  ? 0.0983 0.1583 0.1190 0.0011  0.0040  0.0102  11   GLN C CA  
718 C C   . GLN C 8  ? 0.1207 0.1429 0.1028 -0.0014 0.0022  0.0215  11   GLN C C   
719 O O   . GLN C 8  ? 0.1197 0.1413 0.1329 -0.0007 -0.0084 0.0030  11   GLN C O   
720 C CB  . GLN C 8  ? 0.1106 0.1630 0.1218 -0.0081 0.0077  0.0290  11   GLN C CB  
721 C CG  . GLN C 8  ? 0.1645 0.2199 0.1555 -0.0402 0.0076  0.0458  11   GLN C CG  
722 C CD  . GLN C 8  ? 0.2477 0.2299 0.2207 -0.0558 -0.0058 0.0261  11   GLN C CD  
723 O OE1 . GLN C 8  ? 0.3028 0.3221 0.2771 -0.0277 -0.0908 0.0068  11   GLN C OE1 
724 N NE2 . GLN C 8  ? 0.3491 0.2723 0.2030 -0.0473 -0.0066 0.0090  11   GLN C NE2 
725 N N   . ILE C 9  ? 0.0979 0.1219 0.0969 0.0151  0.0041  0.0100  12   ILE C N   
726 C CA  . ILE C 9  ? 0.1090 0.1039 0.1018 0.0068  0.0090  0.0148  12   ILE C CA  
727 C C   . ILE C 9  ? 0.1217 0.1063 0.1197 0.0017  0.0024  -0.0038 12   ILE C C   
728 O O   . ILE C 9  ? 0.0995 0.1002 0.1362 -0.0184 -0.0041 0.0051  12   ILE C O   
729 C CB  . ILE C 9  ? 0.1189 0.1247 0.1139 0.0091  -0.0010 0.0027  12   ILE C CB  
730 C CG1 . ILE C 9  ? 0.1011 0.1272 0.1364 0.0169  -0.0169 -0.0017 12   ILE C CG1 
731 C CG2 . ILE C 9  ? 0.1001 0.1423 0.1215 -0.0025 0.0019  0.0092  12   ILE C CG2 
732 C CD1 . ILE C 9  ? 0.1390 0.1403 0.1148 0.0074  -0.0302 -0.0037 12   ILE C CD1 
733 N N   . VAL C 10 ? 0.1003 0.0990 0.1314 0.0056  0.0055  -0.0061 13   VAL C N   
734 C CA  . VAL C 10 ? 0.1056 0.1193 0.1348 0.0034  -0.0016 -0.0129 13   VAL C CA  
735 C C   . VAL C 10 ? 0.1085 0.1280 0.1360 -0.0075 0.0038  -0.0098 13   VAL C C   
736 O O   . VAL C 10 ? 0.1283 0.1068 0.1408 -0.0022 -0.0001 -0.0028 13   VAL C O   
737 C CB  . VAL C 10 ? 0.1204 0.1114 0.1611 0.0225  -0.0003 -0.0137 13   VAL C CB  
738 C CG1 . VAL C 10 ? 0.1151 0.1291 0.1582 0.0323  0.0105  -0.0155 13   VAL C CG1 
739 C CG2 . VAL C 10 ? 0.1065 0.1132 0.1365 0.0040  -0.0010 0.0002  13   VAL C CG2 
740 N N   . ASP C 11 ? 0.1515 0.1237 0.1028 0.0018  0.0046  -0.0029 14   ASP C N   
741 C CA  . ASP C 11 ? 0.1581 0.1609 0.1390 -0.0151 0.0030  -0.0026 14   ASP C CA  
742 C C   . ASP C 11 ? 0.1594 0.1487 0.1284 -0.0045 0.0082  0.0120  14   ASP C C   
743 O O   . ASP C 11 ? 0.1402 0.1276 0.1337 -0.0221 -0.0130 0.0095  14   ASP C O   
744 C CB  . ASP C 11 ? 0.1590 0.2007 0.1140 -0.0099 0.0129  -0.0132 14   ASP C CB  
745 C CG  . ASP C 11 ? 0.1901 0.2370 0.1352 -0.0237 -0.0130 -0.0067 14   ASP C CG  
746 O OD1 . ASP C 11 ? 0.2243 0.2876 0.1985 0.0216  -0.0296 -0.0439 14   ASP C OD1 
747 O OD2 . ASP C 11 ? 0.2213 0.3156 0.2331 -0.0548 0.0234  0.0038  14   ASP C OD2 
748 N N   . ASN C 12 ? 0.1298 0.1546 0.1204 0.0008  0.0130  0.0083  15   ASN C N   
749 C CA  . ASN C 12 ? 0.1393 0.1319 0.1285 -0.0054 -0.0037 0.0109  15   ASN C CA  
750 C C   . ASN C 12 ? 0.1458 0.1337 0.1481 -0.0108 -0.0032 0.0215  15   ASN C C   
751 O O   . ASN C 12 ? 0.1404 0.1411 0.1708 -0.0242 -0.0178 0.0175  15   ASN C O   
752 C CB  . ASN C 12 ? 0.1240 0.1520 0.1357 0.0059  -0.0122 0.0066  15   ASN C CB  
753 C CG  . ASN C 12 ? 0.1548 0.1621 0.1260 0.0143  0.0025  -0.0210 15   ASN C CG  
754 O OD1 . ASN C 12 ? 0.1812 0.1929 0.1566 0.0104  -0.0288 -0.0204 15   ASN C OD1 
755 N ND2 . ASN C 12 ? 0.1465 0.2026 0.1210 -0.0155 0.0220  -0.0130 15   ASN C ND2 
756 N N   . ALA C 13 ? 0.1338 0.1413 0.1315 -0.0020 0.0009  0.0235  16   ALA C N   
757 C CA  . ALA C 13 ? 0.1413 0.1344 0.1296 -0.0122 0.0032  0.0202  16   ALA C CA  
758 C C   . ALA C 13 ? 0.1378 0.1492 0.1482 -0.0160 0.0052  -0.0028 16   ALA C C   
759 O O   . ALA C 13 ? 0.1410 0.1208 0.1576 -0.0187 0.0135  0.0227  16   ALA C O   
760 C CB  . ALA C 13 ? 0.1302 0.1730 0.1230 -0.0122 -0.0084 0.0170  16   ALA C CB  
761 N N   . ILE C 14 ? 0.1286 0.1317 0.1426 0.0014  0.0068  0.0095  17   ILE C N   
762 C CA  . ILE C 14 ? 0.1350 0.1363 0.1528 -0.0109 0.0140  0.0099  17   ILE C CA  
763 C C   . ILE C 14 ? 0.1634 0.1478 0.1656 -0.0165 0.0060  0.0124  17   ILE C C   
764 O O   . ILE C 14 ? 0.1617 0.1484 0.1809 -0.0247 0.0009  0.0026  17   ILE C O   
765 C CB  . ILE C 14 ? 0.1393 0.1451 0.1536 -0.0145 0.0206  0.0230  17   ILE C CB  
766 C CG1 . ILE C 14 ? 0.1284 0.1794 0.1234 -0.0152 0.0250  0.0297  17   ILE C CG1 
767 C CG2 . ILE C 14 ? 0.1610 0.1377 0.1779 -0.0255 0.0084  0.0235  17   ILE C CG2 
768 C CD1 . ILE C 14 ? 0.1524 0.1386 0.1678 -0.0010 0.0324  0.0110  17   ILE C CD1 
769 N N   . GLN C 15 ? 0.1666 0.1661 0.1744 -0.0170 -0.0127 0.0090  18   GLN C N   
770 C CA  . GLN C 15 ? 0.1706 0.1702 0.2070 -0.0151 -0.0174 0.0088  18   GLN C CA  
771 C C   . GLN C 15 ? 0.1703 0.1811 0.2130 -0.0174 -0.0171 0.0037  18   GLN C C   
772 O O   . GLN C 15 ? 0.1975 0.2016 0.2533 -0.0257 -0.0159 -0.0171 18   GLN C O   
773 C CB  . GLN C 15 ? 0.1784 0.1822 0.1946 -0.0139 -0.0308 0.0103  18   GLN C CB  
774 C CG  . GLN C 15 ? 0.2423 0.2629 0.2561 -0.0224 -0.0057 0.0075  18   GLN C CG  
775 C CD  . GLN C 15 ? 0.3086 0.3463 0.3449 0.0088  -0.0048 -0.0095 18   GLN C CD  
776 O OE1 . GLN C 15 ? 0.3248 0.3675 0.3532 -0.0095 -0.0169 -0.0196 18   GLN C OE1 
777 N NE2 . GLN C 15 ? 0.3154 0.3799 0.3761 0.0018  0.0030  -0.0152 18   GLN C NE2 
778 N N   . GLN C 16 ? 0.1526 0.1811 0.2067 -0.0213 -0.0273 0.0190  19   GLN C N   
779 C CA  . GLN C 16 ? 0.1709 0.2033 0.2439 -0.0106 -0.0033 0.0264  19   GLN C CA  
780 C C   . GLN C 16 ? 0.1686 0.1938 0.2404 -0.0253 -0.0091 0.0235  19   GLN C C   
781 O O   . GLN C 16 ? 0.1854 0.2040 0.2862 -0.0538 -0.0225 0.0291  19   GLN C O   
782 C CB  . GLN C 16 ? 0.1554 0.2076 0.2453 -0.0054 -0.0023 0.0282  19   GLN C CB  
783 C CG  . GLN C 16 ? 0.2346 0.1981 0.3064 -0.0040 0.0161  0.0435  19   GLN C CG  
784 C CD  . GLN C 16 ? 0.2719 0.2518 0.3220 0.0037  0.0177  0.0138  19   GLN C CD  
785 O OE1 . GLN C 16 ? 0.3490 0.3530 0.4393 -0.0325 0.0338  0.0775  19   GLN C OE1 
786 N NE2 . GLN C 16 ? 0.3814 0.3604 0.3890 0.0182  0.0084  0.0270  19   GLN C NE2 
787 N N   . ALA C 17 ? 0.1758 0.1873 0.2236 -0.0162 -0.0133 0.0196  20   ALA C N   
788 C CA  . ALA C 17 ? 0.2123 0.2044 0.2138 -0.0169 -0.0088 0.0078  20   ALA C CA  
789 C C   . ALA C 17 ? 0.2429 0.2156 0.2470 -0.0268 0.0103  -0.0010 20   ALA C C   
790 O O   . ALA C 17 ? 0.2705 0.2130 0.2738 -0.0548 0.0011  -0.0029 20   ALA C O   
791 C CB  . ALA C 17 ? 0.1701 0.2040 0.2334 -0.0074 -0.0053 0.0128  20   ALA C CB  
792 N N   . LYS C 18 ? 0.2957 0.2407 0.2473 -0.0212 -0.0076 -0.0191 21   LYS C N   
793 C CA  . LYS C 18 ? 0.3325 0.2900 0.3000 -0.0086 0.0001  -0.0225 21   LYS C CA  
794 C C   . LYS C 18 ? 0.3480 0.3069 0.3212 -0.0055 -0.0085 -0.0169 21   LYS C C   
795 O O   . LYS C 18 ? 0.3810 0.3432 0.3454 0.0045  -0.0254 -0.0165 21   LYS C O   
796 C CB  . LYS C 18 ? 0.3465 0.3091 0.3019 -0.0039 0.0001  -0.0233 21   LYS C CB  
797 C CG  . LYS C 18 ? 0.3526 0.3653 0.3409 -0.0050 -0.0073 -0.0152 21   LYS C CG  
798 C CD  . LYS C 18 ? 0.4227 0.4146 0.3886 -0.0012 0.0087  -0.0076 21   LYS C CD  
799 C CE  . LYS C 18 ? 0.4465 0.4402 0.4071 -0.0166 0.0108  -0.0013 21   LYS C CE  
800 N NZ  . LYS C 18 ? 0.4928 0.4931 0.4498 -0.0143 0.0161  -0.0165 21   LYS C NZ  
801 S S1  . DTD D .  ? 0.2670 0.2064 0.2424 -0.0169 -0.0025 -0.0207 1044 DTD A S1  
802 C C1  . DTD D .  ? 0.1663 0.1149 0.2695 -0.0252 0.0527  0.0039  1044 DTD A C1  
803 C C2  . DTD D .  ? 0.1517 0.1591 0.2510 -0.0174 0.0161  -0.0232 1044 DTD A C2  
804 O O2  . DTD D .  ? 0.1705 0.1845 0.2749 -0.0083 0.0173  0.0060  1044 DTD A O2  
805 C C3  . DTD D .  ? 0.1761 0.1684 0.1912 -0.0114 0.0198  -0.0028 1044 DTD A C3  
806 O O3  . DTD D .  ? 0.2301 0.2041 0.1737 0.0027  -0.0067 -0.0245 1044 DTD A O3  
807 C C4  . DTD D .  ? 0.2424 0.1605 0.2089 -0.0079 0.0016  0.0001  1044 DTD A C4  
808 S S4  . DTD D .  ? 0.2486 0.1877 0.2276 -0.0430 0.0063  -0.0031 1044 DTD A S4  
809 S S1  . DTD E .  ? 0.3469 0.3137 0.2789 -0.0443 0.0354  0.0453  1045 DTD A S1  
810 C C1  . DTD E .  ? 0.3379 0.2686 0.3079 -0.0043 0.0339  0.0251  1045 DTD A C1  
811 C C2  . DTD E .  ? 0.2371 0.1902 0.2355 -0.0131 0.0269  -0.0161 1045 DTD A C2  
812 O O2  . DTD E .  ? 0.2557 0.2284 0.2686 0.0193  0.0096  -0.0181 1045 DTD A O2  
813 C C3  . DTD E .  ? 0.2088 0.1739 0.2060 -0.0072 0.0042  0.0023  1045 DTD A C3  
814 O O3  . DTD E .  ? 0.2081 0.1892 0.2085 -0.0169 0.0231  -0.0140 1045 DTD A O3  
815 C C4  . DTD E .  ? 0.2171 0.1798 0.1962 -0.0087 -0.0160 -0.0041 1045 DTD A C4  
816 S S4  . DTD E .  ? 0.1735 0.2240 0.2445 -0.0148 -0.0161 -0.0145 1045 DTD A S4  
817 O O   . HOH F .  ? 0.5480 0.5191 0.4624 -0.0162 -0.0025 -0.0619 2001 HOH A O   
818 O O   . HOH F .  ? 0.4602 0.3471 0.4359 0.0018  -0.0294 -0.0585 2002 HOH A O   
819 O O   . HOH F .  ? 0.3067 0.2689 0.1823 -0.0306 0.0252  -0.0548 2003 HOH A O   
820 O O   . HOH F .  ? 0.3120 0.4009 0.3033 0.0142  0.0352  -0.1146 2004 HOH A O   
821 O O   . HOH F .  ? 0.3353 0.4384 0.2366 -0.0611 0.0675  -0.0790 2005 HOH A O   
822 O O   . HOH F .  ? 0.2253 0.1879 0.1959 -0.0244 -0.0566 0.0476  2006 HOH A O   
823 O O   . HOH F .  ? 0.3089 0.4261 0.4111 -0.0231 0.0153  -0.0129 2007 HOH A O   
824 O O   . HOH F .  ? 0.2275 0.3489 0.3906 -0.0386 -0.0074 0.0918  2008 HOH A O   
825 O O   . HOH F .  ? 0.3650 0.1941 0.3559 0.0373  -0.0150 0.0284  2009 HOH A O   
826 O O   . HOH F .  ? 0.3352 0.3262 0.4727 0.0045  0.0124  0.0995  2010 HOH A O   
827 O O   . HOH F .  ? 0.3060 0.2496 0.3696 0.0306  0.0344  -0.0413 2011 HOH A O   
828 O O   . HOH F .  ? 0.3404 0.2984 0.3586 0.0007  -0.0053 -0.0041 2012 HOH A O   
829 O O   . HOH F .  ? 0.2977 0.3855 0.2363 -0.0213 -0.0082 -0.1150 2013 HOH A O   
830 O O   . HOH F .  ? 0.4429 0.4122 0.2452 0.0715  0.0043  -0.0539 2014 HOH A O   
831 O O   . HOH F .  ? 0.3267 0.3827 0.4784 -0.0209 0.0477  -0.0318 2015 HOH A O   
832 O O   . HOH F .  ? 0.5370 0.4784 0.5024 0.0343  0.0005  -0.0365 2016 HOH A O   
833 O O   . HOH F .  ? 0.4004 0.4720 0.4726 0.0246  0.0333  -0.0286 2017 HOH A O   
834 O O   . HOH F .  ? 0.3710 0.4200 0.4040 0.0471  -0.0149 0.0002  2018 HOH A O   
835 O O   . HOH F .  ? 0.6332 0.6445 0.5645 0.0120  0.0132  -0.0157 2019 HOH A O   
836 O O   . HOH F .  ? 0.3013 0.3208 0.2549 -0.0521 -0.0031 0.0479  2020 HOH A O   
837 O O   . HOH F .  ? 0.3596 0.3667 0.4146 -0.0574 0.0690  -0.0835 2021 HOH A O   
838 O O   . HOH F .  ? 0.2084 0.3488 0.2634 0.0306  0.0483  -0.0009 2022 HOH A O   
839 O O   . HOH F .  ? 0.3590 0.3959 0.4396 -0.0416 0.0506  -0.0171 2023 HOH A O   
840 O O   . HOH F .  ? 0.3638 0.3910 0.2979 -0.0555 -0.0240 0.0618  2024 HOH A O   
841 O O   . HOH F .  ? 0.4357 0.4235 0.3785 -0.0602 -0.0030 -0.0368 2025 HOH A O   
842 O O   . HOH F .  ? 0.1126 0.1239 0.1602 -0.0011 -0.0095 -0.0361 2026 HOH A O   
843 O O   . HOH F .  ? 0.3072 0.1729 0.2251 0.0143  -0.0258 0.0199  2027 HOH A O   
844 O O   . HOH F .  ? 0.2142 0.3627 0.2363 -0.0744 0.0258  0.1337  2028 HOH A O   
845 O O   . HOH F .  ? 0.2371 0.2539 0.3230 0.0171  0.0806  -0.1272 2029 HOH A O   
846 O O   . HOH F .  ? 0.4991 0.5118 0.5264 -0.0003 -0.0410 0.0087  2030 HOH A O   
847 O O   . HOH F .  ? 0.4491 0.4693 0.5500 -0.0344 -0.0082 0.0089  2031 HOH A O   
848 O O   . HOH F .  ? 0.4831 0.4562 0.4895 0.0286  0.0138  0.0118  2032 HOH A O   
849 O O   . HOH F .  ? 0.3009 0.4056 0.5125 -0.0552 -0.0024 0.0462  2033 HOH A O   
850 O O   . HOH F .  ? 0.2146 0.3157 0.5123 0.0562  0.0618  0.0039  2034 HOH A O   
851 O O   . HOH F .  ? 0.4896 0.5557 0.5430 -0.0054 0.0019  -0.0150 2035 HOH A O   
852 O O   . HOH F .  ? 0.3159 0.3319 0.4001 0.0128  0.0268  -0.0581 2036 HOH A O   
853 O O   . HOH F .  ? 0.3549 0.3938 0.4046 -0.0155 -0.0497 -0.0739 2037 HOH A O   
854 O O   . HOH F .  ? 0.2260 0.2421 0.2593 0.0144  -0.0166 -0.0208 2038 HOH A O   
855 O O   . HOH F .  ? 0.2548 0.2299 0.2082 -0.0145 0.0244  -0.0406 2039 HOH A O   
856 O O   . HOH G .  ? 0.6009 0.4756 0.5065 0.0201  0.0048  -0.0088 2001 HOH B O   
857 O O   . HOH G .  ? 0.7165 0.6561 0.7142 0.0291  -0.0299 0.0225  2002 HOH B O   
858 O O   . HOH G .  ? 0.3204 0.2042 0.2755 0.0289  -0.0573 -0.0297 2003 HOH B O   
859 O O   . HOH G .  ? 0.3997 0.3200 0.4503 0.0338  -0.0679 0.0644  2004 HOH B O   
860 O O   . HOH G .  ? 0.5461 0.5061 0.4782 0.0471  -0.0177 -0.0108 2005 HOH B O   
861 O O   . HOH G .  ? 0.2918 0.2628 0.4154 0.0572  0.0320  -0.0030 2006 HOH B O   
862 O O   . HOH G .  ? 0.3200 0.2583 0.3382 0.0166  0.1182  0.0502  2007 HOH B O   
863 O O   . HOH G .  ? 0.3548 0.4297 0.4872 0.0093  0.0221  0.0480  2008 HOH B O   
864 O O   . HOH G .  ? 0.3519 0.4185 0.3294 0.0947  -0.0040 0.0401  2009 HOH B O   
865 O O   . HOH G .  ? 0.3065 0.2517 0.2751 0.0018  -0.0242 0.0235  2010 HOH B O   
866 O O   . HOH G .  ? 0.1550 0.1819 0.1599 -0.0121 -0.0127 0.0317  2011 HOH B O   
867 O O   . HOH G .  ? 0.3901 0.3377 0.3470 -0.0242 0.0270  0.0200  2012 HOH B O   
868 O O   . HOH G .  ? 0.3019 0.3923 0.4997 -0.0278 0.0424  -0.0309 2013 HOH B O   
869 O O   . HOH G .  ? 0.4012 0.2832 0.3688 0.0082  0.0394  0.0709  2014 HOH B O   
870 O O   . HOH G .  ? 0.4163 0.4455 0.3694 -0.0501 0.0789  0.0068  2015 HOH B O   
871 O O   . HOH G .  ? 0.3150 0.2948 0.3352 0.0043  0.0010  -0.0316 2016 HOH B O   
872 O O   . HOH G .  ? 0.1649 0.1590 0.1830 -0.0030 0.0244  0.0291  2017 HOH B O   
873 O O   . HOH G .  ? 0.1385 0.1561 0.1630 -0.0213 0.0236  0.0303  2018 HOH B O   
874 O O   . HOH G .  ? 0.3725 0.3133 0.4102 -0.0440 0.0322  0.0070  2019 HOH B O   
875 O O   . HOH G .  ? 0.3006 0.2006 0.2773 0.0036  0.0643  -0.0147 2020 HOH B O   
876 O O   . HOH G .  ? 0.3818 0.4525 0.3443 0.0203  0.0385  -0.0176 2021 HOH B O   
877 O O   . HOH G .  ? 0.6701 0.6609 0.6484 -0.0104 -0.0126 -0.0202 2022 HOH B O   
878 O O   . HOH G .  ? 0.5082 0.4592 0.5416 -0.0129 0.0122  -0.0088 2023 HOH B O   
879 O O   . HOH G .  ? 0.5933 0.5691 0.5612 -0.0114 -0.0044 -0.0275 2024 HOH B O   
880 O O   . HOH G .  ? 0.4525 0.2773 0.4068 0.0428  -0.0705 0.0407  2025 HOH B O   
881 O O   . HOH G .  ? 0.2946 0.2406 0.1872 0.0960  -0.0073 0.0145  2026 HOH B O   
882 O O   . HOH G .  ? 0.2652 0.3884 0.3304 0.0360  0.1026  -0.0312 2027 HOH B O   
883 O O   . HOH G .  ? 0.4027 0.3531 0.2748 0.0620  -0.0032 0.0069  2028 HOH B O   
884 O O   . HOH G .  ? 0.3773 0.3587 0.3295 0.0058  0.0499  0.0307  2029 HOH B O   
885 O O   . HOH G .  ? 0.2515 0.4408 0.2533 -0.0624 -0.0050 0.0863  2030 HOH B O   
886 O O   . HOH G .  ? 0.4208 0.4201 0.4346 0.0044  0.0188  -0.0329 2031 HOH B O   
887 O O   . HOH G .  ? 0.1519 0.2224 0.2189 0.0069  0.0535  0.0083  2032 HOH B O   
888 O O   . HOH G .  ? 0.3603 0.4240 0.4710 -0.0452 -0.0283 -0.0031 2033 HOH B O   
889 O O   . HOH G .  ? 0.2556 0.1830 0.4119 -0.0073 0.0768  0.0054  2034 HOH B O   
890 O O   . HOH G .  ? 0.3168 0.1588 0.1771 0.0289  0.0868  0.0379  2035 HOH B O   
891 O O   . HOH G .  ? 0.5770 0.6171 0.5715 -0.0191 0.0194  0.0160  2036 HOH B O   
892 O O   . HOH G .  ? 0.2387 0.4234 0.1929 -0.0950 -0.0204 0.1127  2037 HOH B O   
893 O O   . HOH G .  ? 0.2551 0.1976 0.3042 -0.0735 0.0060  0.0102  2038 HOH B O   
894 O O   . HOH G .  ? 0.2931 0.2212 0.2651 -0.0148 -0.0909 -0.0322 2039 HOH B O   
895 O O   . HOH G .  ? 0.4593 0.4443 0.4926 0.0681  0.0075  0.0335  2040 HOH B O   
896 O O   . HOH G .  ? 0.2200 0.1424 0.1566 -0.0252 0.0676  0.0075  2041 HOH B O   
897 O O   . HOH G .  ? 0.4238 0.3329 0.3399 -0.0421 0.0193  -0.0117 2042 HOH B O   
898 O O   . HOH G .  ? 0.2652 0.1987 0.2720 -0.0250 0.0502  0.0004  2043 HOH B O   
899 O O   . HOH G .  ? 0.5475 0.5154 0.5812 -0.0327 -0.0036 -0.0123 2044 HOH B O   
900 O O   . HOH G .  ? 0.4399 0.4017 0.2787 -0.0645 0.0371  -0.0044 2045 HOH B O   
901 O O   . HOH G .  ? 0.5096 0.4167 0.4950 0.0320  -0.0091 -0.0179 2046 HOH B O   
902 O O   . HOH H .  ? 0.4502 0.4165 0.4673 -0.0507 -0.0232 0.0146  2001 HOH C O   
903 O O   . HOH H .  ? 0.3665 0.3238 0.3919 -0.0244 0.0220  -0.0273 2002 HOH C O   
904 O O   . HOH H .  ? 0.4812 0.3755 0.2230 -0.0805 0.0133  0.0396  2003 HOH C O   
905 O O   . HOH H .  ? 0.4912 0.4865 0.4875 -0.0675 -0.0285 0.0465  2004 HOH C O   
906 O O   . HOH H .  ? 0.1428 0.1985 0.1232 0.0165  0.0004  0.0273  2005 HOH C O   
907 O O   . HOH H .  ? 0.6660 0.6216 0.6062 0.0127  -0.0077 0.0332  2006 HOH C O   
908 O O   . HOH H .  ? 0.3102 0.4195 0.4929 -0.0162 0.0215  0.0473  2007 HOH C O   
909 O O   . HOH H .  ? 0.3540 0.3466 0.2425 -0.0855 -0.0240 0.0187  2008 HOH C O   
910 O O   . HOH H .  ? 0.4742 0.3906 0.3058 -0.0077 -0.0432 -0.0296 2009 HOH C O   
911 O O   . HOH H .  ? 0.4043 0.4470 0.4398 -0.0498 0.0747  0.0424  2010 HOH C O   
912 O O   . HOH H .  ? 0.4575 0.4938 0.3826 -0.0070 0.0225  0.0264  2011 HOH C O   
913 O O   . HOH H .  ? 0.4037 0.3986 0.2968 0.0147  -0.0322 -0.0109 2012 HOH C O   
914 O O   . HOH H .  ? 0.4085 0.4308 0.3351 -0.0136 -0.0159 0.0350  2013 HOH C O   
915 O O   . HOH H .  ? 0.2524 0.3447 0.2910 -0.0216 0.0216  -0.0496 2014 HOH C O   
# 
